data_2ENK
#
_entry.id   2ENK
#
_cell.length_a   1.000
_cell.length_b   1.000
_cell.length_c   1.000
_cell.angle_alpha   90.00
_cell.angle_beta   90.00
_cell.angle_gamma   90.00
#
_symmetry.space_group_name_H-M   'P 1'
#
_entity_poly.entity_id   1
_entity_poly.type   'polypeptide(L)'
_entity_poly.pdbx_seq_one_letter_code
;GSSGSSGKYTQNNFITGVRAINEFCLKSSDLEQLRKIRRRSPHEDTESFTVYLRSDVEAKSLEVWGSPEALAREKKLRKE
AEIEYRERLFRNQKILREYRD
;
_entity_poly.pdbx_strand_id   A
#
# COMPACT_ATOMS: atom_id res chain seq x y z
N GLY A 1 -13.02 -23.22 10.38
CA GLY A 1 -12.75 -22.98 8.97
C GLY A 1 -11.57 -22.06 8.74
N SER A 2 -11.31 -21.74 7.48
CA SER A 2 -10.20 -20.86 7.13
C SER A 2 -10.62 -19.83 6.09
N SER A 3 -9.69 -18.98 5.70
CA SER A 3 -9.96 -17.93 4.72
C SER A 3 -8.68 -17.19 4.34
N GLY A 4 -8.37 -17.18 3.05
CA GLY A 4 -7.17 -16.50 2.58
C GLY A 4 -7.34 -15.00 2.53
N SER A 5 -6.77 -14.38 1.51
CA SER A 5 -6.85 -12.92 1.36
C SER A 5 -7.07 -12.54 -0.10
N SER A 6 -7.21 -11.24 -0.36
CA SER A 6 -7.43 -10.75 -1.72
C SER A 6 -6.18 -10.06 -2.25
N GLY A 7 -6.14 -9.85 -3.56
CA GLY A 7 -5.00 -9.19 -4.18
C GLY A 7 -5.32 -7.77 -4.61
N LYS A 8 -4.72 -7.35 -5.71
CA LYS A 8 -4.93 -6.01 -6.24
C LYS A 8 -4.55 -4.95 -5.21
N TYR A 9 -4.78 -3.69 -5.54
CA TYR A 9 -4.46 -2.59 -4.64
C TYR A 9 -5.69 -1.72 -4.39
N THR A 10 -5.79 -1.17 -3.19
CA THR A 10 -6.91 -0.32 -2.82
C THR A 10 -6.60 0.50 -1.58
N GLN A 11 -7.11 1.72 -1.54
CA GLN A 11 -6.88 2.61 -0.40
C GLN A 11 -8.16 2.84 0.39
N ASN A 12 -8.07 2.78 1.71
CA ASN A 12 -9.22 2.98 2.57
C ASN A 12 -8.83 3.68 3.87
N ASN A 13 -9.81 3.91 4.74
CA ASN A 13 -9.56 4.58 6.00
C ASN A 13 -8.50 3.83 6.81
N PHE A 14 -8.40 2.53 6.58
CA PHE A 14 -7.42 1.70 7.28
C PHE A 14 -6.45 1.06 6.30
N ILE A 15 -5.20 0.88 6.74
CA ILE A 15 -4.18 0.28 5.89
C ILE A 15 -3.56 -0.94 6.58
N THR A 16 -3.37 -2.01 5.81
CA THR A 16 -2.80 -3.24 6.34
C THR A 16 -1.39 -2.99 6.87
N GLY A 17 -0.91 -3.91 7.70
CA GLY A 17 0.42 -3.78 8.27
C GLY A 17 1.51 -3.93 7.23
N VAL A 18 1.63 -5.13 6.67
CA VAL A 18 2.64 -5.40 5.66
C VAL A 18 2.56 -4.39 4.51
N ARG A 19 1.36 -3.86 4.28
CA ARG A 19 1.14 -2.89 3.22
C ARG A 19 1.82 -1.57 3.54
N ALA A 20 1.88 -1.24 4.83
CA ALA A 20 2.51 0.00 5.26
C ALA A 20 4.02 -0.18 5.43
N ILE A 21 4.43 -1.38 5.80
CA ILE A 21 5.85 -1.68 5.98
C ILE A 21 6.58 -1.69 4.65
N ASN A 22 5.85 -1.98 3.58
CA ASN A 22 6.44 -2.03 2.24
C ASN A 22 6.33 -0.68 1.55
N GLU A 23 5.27 0.06 1.89
CA GLU A 23 5.05 1.38 1.30
C GLU A 23 5.85 2.45 2.02
N PHE A 24 5.61 2.59 3.32
CA PHE A 24 6.31 3.58 4.13
C PHE A 24 7.74 3.13 4.40
N CYS A 25 8.02 1.85 4.17
CA CYS A 25 9.36 1.31 4.40
C CYS A 25 9.79 1.50 5.85
N LEU A 26 9.06 0.85 6.76
CA LEU A 26 9.37 0.95 8.19
C LEU A 26 9.78 -0.42 8.74
N LYS A 27 9.91 -0.49 10.07
CA LYS A 27 10.29 -1.73 10.73
C LYS A 27 9.08 -2.41 11.35
N SER A 28 9.15 -3.72 11.51
CA SER A 28 8.06 -4.49 12.10
C SER A 28 7.82 -4.08 13.54
N SER A 29 8.88 -3.60 14.19
CA SER A 29 8.79 -3.17 15.59
C SER A 29 8.07 -1.82 15.71
N ASP A 30 8.19 -1.01 14.66
CA ASP A 30 7.56 0.30 14.64
C ASP A 30 6.04 0.18 14.50
N LEU A 31 5.60 -0.57 13.50
CA LEU A 31 4.18 -0.76 13.26
C LEU A 31 3.48 -1.30 14.50
N GLU A 32 4.02 -2.38 15.05
CA GLU A 32 3.46 -2.99 16.25
C GLU A 32 3.38 -1.97 17.39
N GLN A 33 4.27 -0.99 17.36
CA GLN A 33 4.31 0.04 18.40
C GLN A 33 3.05 0.91 18.34
N LEU A 34 2.49 1.07 17.15
CA LEU A 34 1.29 1.87 16.96
C LEU A 34 0.07 1.16 17.55
N ARG A 35 -1.04 1.88 17.64
CA ARG A 35 -2.27 1.33 18.18
C ARG A 35 -2.77 0.16 17.34
N LYS A 36 -3.11 -0.94 17.99
CA LYS A 36 -3.60 -2.13 17.30
C LYS A 36 -5.13 -2.17 17.31
N ILE A 37 -5.72 -1.94 16.14
CA ILE A 37 -7.18 -1.95 16.01
C ILE A 37 -7.64 -3.19 15.26
N ARG A 38 -8.70 -3.81 15.77
CA ARG A 38 -9.25 -5.01 15.15
C ARG A 38 -10.69 -4.78 14.69
N ARG A 39 -10.99 -3.54 14.34
CA ARG A 39 -12.32 -3.17 13.87
C ARG A 39 -13.38 -3.61 14.88
N ARG A 40 -13.00 -3.68 16.16
CA ARG A 40 -13.92 -4.09 17.21
C ARG A 40 -14.46 -5.49 16.96
N SER A 41 -13.62 -6.34 16.38
CA SER A 41 -14.02 -7.71 16.08
C SER A 41 -15.31 -7.73 15.24
N PRO A 42 -15.18 -7.32 13.97
CA PRO A 42 -16.33 -7.27 13.05
C PRO A 42 -16.80 -8.68 12.65
N HIS A 43 -15.92 -9.66 12.84
CA HIS A 43 -16.25 -11.05 12.49
C HIS A 43 -15.47 -12.01 13.37
N GLU A 44 -16.18 -12.84 14.13
CA GLU A 44 -15.55 -13.82 15.00
C GLU A 44 -15.50 -15.18 14.35
N ASP A 45 -14.84 -16.13 15.01
CA ASP A 45 -14.72 -17.48 14.49
C ASP A 45 -14.04 -17.48 13.12
N THR A 46 -13.20 -16.48 12.89
CA THR A 46 -12.49 -16.36 11.62
C THR A 46 -11.15 -15.63 11.81
N GLU A 47 -10.12 -16.12 11.12
CA GLU A 47 -8.80 -15.52 11.21
C GLU A 47 -8.85 -14.03 10.89
N SER A 48 -8.59 -13.20 11.90
CA SER A 48 -8.62 -11.76 11.73
C SER A 48 -7.20 -11.19 11.62
N PHE A 49 -7.10 -9.87 11.53
CA PHE A 49 -5.80 -9.21 11.43
C PHE A 49 -5.83 -7.85 12.12
N THR A 50 -4.66 -7.24 12.24
CA THR A 50 -4.53 -5.93 12.88
C THR A 50 -4.37 -4.83 11.84
N VAL A 51 -5.13 -3.75 12.01
CA VAL A 51 -5.07 -2.62 11.09
C VAL A 51 -4.56 -1.36 11.80
N TYR A 52 -3.86 -0.51 11.06
CA TYR A 52 -3.33 0.72 11.62
C TYR A 52 -3.99 1.94 10.99
N LEU A 53 -3.86 3.08 11.64
CA LEU A 53 -4.45 4.33 11.14
C LEU A 53 -3.50 5.03 10.18
N ARG A 54 -4.03 5.41 9.02
CA ARG A 54 -3.23 6.09 8.01
C ARG A 54 -2.53 7.31 8.60
N SER A 55 -3.24 8.03 9.47
CA SER A 55 -2.70 9.22 10.11
C SER A 55 -1.56 8.86 11.06
N ASP A 56 -1.67 7.69 11.67
CA ASP A 56 -0.66 7.22 12.62
C ASP A 56 0.59 6.76 11.89
N VAL A 57 0.41 5.89 10.90
CA VAL A 57 1.52 5.37 10.12
C VAL A 57 2.28 6.50 9.43
N GLU A 58 1.56 7.54 9.02
CA GLU A 58 2.17 8.69 8.35
C GLU A 58 3.24 9.32 9.23
N ALA A 59 2.86 9.68 10.45
CA ALA A 59 3.79 10.29 11.40
C ALA A 59 4.96 9.36 11.70
N LYS A 60 4.68 8.06 11.77
CA LYS A 60 5.71 7.07 12.06
C LYS A 60 6.82 7.12 11.01
N SER A 61 6.48 7.58 9.81
CA SER A 61 7.44 7.67 8.72
C SER A 61 8.25 8.96 8.83
N LEU A 62 7.67 9.97 9.46
CA LEU A 62 8.34 11.25 9.64
C LEU A 62 9.26 11.23 10.86
N GLU A 63 8.84 10.48 11.87
CA GLU A 63 9.63 10.38 13.10
C GLU A 63 10.86 9.51 12.89
N VAL A 64 10.78 8.60 11.91
CA VAL A 64 11.89 7.71 11.60
C VAL A 64 12.80 8.31 10.54
N TRP A 65 12.32 8.33 9.29
CA TRP A 65 13.10 8.89 8.19
C TRP A 65 13.43 10.36 8.43
N GLY A 66 12.59 11.02 9.23
CA GLY A 66 12.80 12.42 9.52
C GLY A 66 11.81 13.33 8.80
N SER A 67 11.53 13.02 7.55
CA SER A 67 10.60 13.82 6.76
C SER A 67 9.92 12.95 5.69
N PRO A 68 8.78 13.43 5.18
CA PRO A 68 8.01 12.73 4.15
C PRO A 68 8.73 12.72 2.80
N GLU A 69 9.68 13.63 2.63
CA GLU A 69 10.44 13.72 1.39
C GLU A 69 11.42 12.57 1.27
N ALA A 70 12.03 12.19 2.39
CA ALA A 70 12.99 11.10 2.41
C ALA A 70 12.37 9.80 1.90
N LEU A 71 11.12 9.56 2.27
CA LEU A 71 10.41 8.37 1.85
C LEU A 71 9.92 8.50 0.42
N ALA A 72 9.45 9.70 0.06
CA ALA A 72 8.95 9.96 -1.28
C ALA A 72 9.99 9.60 -2.34
N ARG A 73 11.26 9.69 -1.95
CA ARG A 73 12.36 9.37 -2.87
C ARG A 73 12.25 7.93 -3.35
N GLU A 74 11.81 7.04 -2.47
CA GLU A 74 11.68 5.63 -2.80
C GLU A 74 10.32 5.35 -3.43
N LYS A 75 9.30 6.10 -3.01
CA LYS A 75 7.96 5.94 -3.54
C LYS A 75 7.90 6.27 -5.02
N LYS A 76 8.64 7.30 -5.41
CA LYS A 76 8.68 7.73 -6.81
C LYS A 76 9.08 6.56 -7.72
N LEU A 77 10.19 5.91 -7.39
CA LEU A 77 10.67 4.78 -8.17
C LEU A 77 9.59 3.72 -8.33
N ARG A 78 9.11 3.21 -7.19
CA ARG A 78 8.07 2.18 -7.20
C ARG A 78 6.87 2.63 -8.01
N LYS A 79 6.61 3.94 -8.00
CA LYS A 79 5.48 4.51 -8.73
C LYS A 79 5.73 4.45 -10.24
N GLU A 80 6.82 5.07 -10.67
CA GLU A 80 7.17 5.08 -12.09
C GLU A 80 7.30 3.66 -12.63
N ALA A 81 7.68 2.73 -11.76
CA ALA A 81 7.85 1.34 -12.16
C ALA A 81 6.59 0.81 -12.84
N GLU A 82 5.46 0.88 -12.14
CA GLU A 82 4.19 0.40 -12.68
C GLU A 82 3.84 1.15 -13.96
N ILE A 83 4.08 2.46 -13.96
CA ILE A 83 3.78 3.28 -15.13
C ILE A 83 4.55 2.81 -16.35
N GLU A 84 5.83 2.50 -16.15
CA GLU A 84 6.69 2.04 -17.24
C GLU A 84 6.15 0.72 -17.81
N TYR A 85 5.45 -0.05 -16.99
CA TYR A 85 4.90 -1.32 -17.41
C TYR A 85 3.64 -1.12 -18.24
N ARG A 86 2.61 -0.54 -17.62
CA ARG A 86 1.35 -0.29 -18.29
C ARG A 86 1.56 0.58 -19.53
N GLU A 87 2.62 1.38 -19.51
CA GLU A 87 2.93 2.26 -20.64
C GLU A 87 3.06 1.46 -21.93
N ARG A 88 4.09 0.60 -22.00
CA ARG A 88 4.33 -0.21 -23.18
C ARG A 88 3.09 -1.05 -23.52
N LEU A 89 2.30 -1.35 -22.50
CA LEU A 89 1.09 -2.14 -22.70
C LEU A 89 0.00 -1.33 -23.41
N PHE A 90 -0.06 -0.05 -23.09
CA PHE A 90 -1.05 0.84 -23.70
C PHE A 90 -0.95 0.81 -25.21
N ARG A 91 0.26 1.07 -25.73
CA ARG A 91 0.49 1.06 -27.17
C ARG A 91 0.25 -0.32 -27.76
N ASN A 92 0.49 -1.36 -26.94
CA ASN A 92 0.31 -2.73 -27.39
C ASN A 92 -1.18 -3.06 -27.55
N GLN A 93 -2.01 -2.35 -26.80
CA GLN A 93 -3.45 -2.56 -26.87
C GLN A 93 -4.08 -1.77 -28.02
N LYS A 94 -3.57 -0.56 -28.23
CA LYS A 94 -4.08 0.30 -29.30
C LYS A 94 -5.53 0.65 -29.07
N ILE A 95 -6.01 1.66 -29.80
CA ILE A 95 -7.41 2.09 -29.68
C ILE A 95 -8.34 1.18 -30.45
N LEU A 96 -7.82 0.58 -31.53
CA LEU A 96 -8.61 -0.32 -32.36
C LEU A 96 -7.75 -0.93 -33.46
N ARG A 97 -8.39 -1.69 -34.35
CA ARG A 97 -7.69 -2.33 -35.45
C ARG A 97 -7.83 -1.50 -36.73
N GLU A 98 -6.68 -1.14 -37.31
CA GLU A 98 -6.68 -0.35 -38.54
C GLU A 98 -5.64 -0.88 -39.53
N TYR A 99 -6.08 -1.15 -40.75
CA TYR A 99 -5.20 -1.66 -41.79
C TYR A 99 -4.55 -2.97 -41.34
N ARG A 100 -3.69 -3.51 -42.20
CA ARG A 100 -3.01 -4.78 -41.90
C ARG A 100 -2.14 -4.64 -40.66
N ASP A 101 -1.80 -5.77 -40.06
CA ASP A 101 -0.97 -5.78 -38.87
C ASP A 101 -0.24 -7.12 -38.72
N GLY A 1 0.46 -19.62 1.81
CA GLY A 1 0.02 -18.36 2.40
C GLY A 1 1.17 -17.40 2.63
N SER A 2 2.06 -17.30 1.64
CA SER A 2 3.21 -16.41 1.76
C SER A 2 2.81 -14.97 1.47
N SER A 3 2.25 -14.74 0.28
CA SER A 3 1.84 -13.40 -0.12
C SER A 3 0.49 -13.04 0.50
N GLY A 4 -0.44 -14.00 0.46
CA GLY A 4 -1.76 -13.77 1.02
C GLY A 4 -2.82 -13.61 -0.04
N SER A 5 -4.03 -13.26 0.37
CA SER A 5 -5.14 -13.07 -0.55
C SER A 5 -5.21 -11.63 -1.04
N SER A 6 -5.14 -11.45 -2.36
CA SER A 6 -5.19 -10.13 -2.95
C SER A 6 -6.56 -9.48 -2.73
N GLY A 7 -6.54 -8.20 -2.37
CA GLY A 7 -7.79 -7.47 -2.13
C GLY A 7 -7.55 -6.10 -1.55
N LYS A 8 -8.39 -5.15 -1.95
CA LYS A 8 -8.27 -3.78 -1.46
C LYS A 8 -9.44 -3.42 -0.54
N TYR A 9 -9.20 -2.52 0.41
CA TYR A 9 -10.23 -2.11 1.35
C TYR A 9 -10.92 -0.84 0.86
N THR A 10 -12.22 -0.95 0.61
CA THR A 10 -13.00 0.19 0.14
C THR A 10 -14.20 0.45 1.06
N GLN A 11 -14.07 0.05 2.31
CA GLN A 11 -15.13 0.24 3.29
C GLN A 11 -14.71 1.24 4.36
N ASN A 12 -13.47 1.13 4.81
CA ASN A 12 -12.95 2.01 5.85
C ASN A 12 -11.57 2.54 5.45
N ASN A 13 -11.13 3.59 6.13
CA ASN A 13 -9.82 4.19 5.86
C ASN A 13 -8.73 3.54 6.70
N PHE A 14 -8.61 2.22 6.58
CA PHE A 14 -7.61 1.47 7.34
C PHE A 14 -6.64 0.77 6.40
N ILE A 15 -5.36 0.81 6.75
CA ILE A 15 -4.33 0.16 5.94
C ILE A 15 -3.73 -1.04 6.66
N THR A 16 -3.42 -2.08 5.89
CA THR A 16 -2.84 -3.30 6.46
C THR A 16 -1.42 -3.03 6.98
N GLY A 17 -1.04 -3.77 8.02
CA GLY A 17 0.28 -3.61 8.60
C GLY A 17 1.38 -3.80 7.58
N VAL A 18 1.51 -5.02 7.07
CA VAL A 18 2.54 -5.32 6.08
C VAL A 18 2.49 -4.35 4.91
N ARG A 19 1.28 -4.02 4.47
CA ARG A 19 1.08 -3.09 3.36
C ARG A 19 1.77 -1.76 3.64
N ALA A 20 1.86 -1.40 4.91
CA ALA A 20 2.49 -0.15 5.31
C ALA A 20 3.99 -0.32 5.46
N ILE A 21 4.42 -1.54 5.79
CA ILE A 21 5.84 -1.83 5.96
C ILE A 21 6.56 -1.85 4.61
N ASN A 22 5.82 -2.13 3.55
CA ASN A 22 6.38 -2.18 2.21
C ASN A 22 6.27 -0.82 1.52
N GLU A 23 5.28 -0.03 1.93
CA GLU A 23 5.06 1.29 1.35
C GLU A 23 5.86 2.34 2.10
N PHE A 24 5.60 2.47 3.39
CA PHE A 24 6.30 3.45 4.22
C PHE A 24 7.73 2.99 4.51
N CYS A 25 8.00 1.72 4.27
CA CYS A 25 9.33 1.16 4.50
C CYS A 25 9.74 1.34 5.96
N LEU A 26 8.98 0.73 6.86
CA LEU A 26 9.27 0.83 8.30
C LEU A 26 9.70 -0.52 8.85
N LYS A 27 9.81 -0.61 10.17
CA LYS A 27 10.21 -1.85 10.83
C LYS A 27 9.02 -2.49 11.54
N SER A 28 9.13 -3.78 11.83
CA SER A 28 8.07 -4.51 12.51
C SER A 28 7.82 -3.94 13.90
N SER A 29 8.90 -3.49 14.55
CA SER A 29 8.80 -2.93 15.89
C SER A 29 8.11 -1.57 15.86
N ASP A 30 8.21 -0.89 14.71
CA ASP A 30 7.59 0.43 14.55
C ASP A 30 6.08 0.31 14.43
N LEU A 31 5.63 -0.52 13.49
CA LEU A 31 4.20 -0.72 13.27
C LEU A 31 3.50 -1.11 14.57
N GLU A 32 4.01 -2.15 15.23
CA GLU A 32 3.44 -2.62 16.48
C GLU A 32 3.36 -1.49 17.50
N GLN A 33 4.27 -0.53 17.39
CA GLN A 33 4.30 0.61 18.30
C GLN A 33 3.04 1.45 18.17
N LEU A 34 2.43 1.41 16.98
CA LEU A 34 1.21 2.17 16.72
C LEU A 34 0.01 1.53 17.40
N ARG A 35 -1.17 2.09 17.15
CA ARG A 35 -2.41 1.56 17.74
C ARG A 35 -2.74 0.19 17.15
N LYS A 36 -2.66 -0.84 17.98
CA LYS A 36 -2.96 -2.20 17.56
C LYS A 36 -4.43 -2.52 17.75
N ILE A 37 -5.26 -2.08 16.78
CA ILE A 37 -6.69 -2.32 16.85
C ILE A 37 -7.00 -3.81 16.77
N ARG A 38 -6.12 -4.56 16.14
CA ARG A 38 -6.30 -6.01 15.99
C ARG A 38 -7.64 -6.32 15.35
N ARG A 39 -7.67 -6.36 14.03
CA ARG A 39 -8.90 -6.65 13.30
C ARG A 39 -9.15 -8.16 13.24
N ARG A 40 -10.21 -8.60 13.89
CA ARG A 40 -10.56 -10.01 13.92
C ARG A 40 -10.73 -10.56 12.50
N SER A 41 -10.39 -11.83 12.31
CA SER A 41 -10.51 -12.46 11.00
C SER A 41 -11.16 -13.84 11.13
N PRO A 42 -12.47 -13.85 11.41
CA PRO A 42 -13.24 -15.09 11.56
C PRO A 42 -13.43 -15.82 10.23
N HIS A 43 -14.11 -16.96 10.27
CA HIS A 43 -14.36 -17.74 9.08
C HIS A 43 -13.05 -18.11 8.38
N GLU A 44 -12.39 -19.13 8.90
CA GLU A 44 -11.12 -19.59 8.33
C GLU A 44 -10.06 -18.49 8.44
N ASP A 45 -8.86 -18.80 7.96
CA ASP A 45 -7.75 -17.85 8.00
C ASP A 45 -7.48 -17.40 9.43
N THR A 46 -7.53 -18.34 10.36
CA THR A 46 -7.29 -18.05 11.77
C THR A 46 -5.82 -17.74 12.02
N GLU A 47 -5.51 -16.44 12.09
CA GLU A 47 -4.13 -16.01 12.33
C GLU A 47 -4.11 -14.65 13.04
N SER A 48 -2.93 -14.27 13.52
CA SER A 48 -2.77 -13.00 14.22
C SER A 48 -2.64 -11.84 13.24
N PHE A 49 -3.72 -11.09 13.08
CA PHE A 49 -3.72 -9.96 12.16
C PHE A 49 -3.71 -8.64 12.93
N THR A 50 -3.28 -7.57 12.26
CA THR A 50 -3.21 -6.25 12.88
C THR A 50 -3.29 -5.14 11.82
N VAL A 51 -4.15 -4.16 12.07
CA VAL A 51 -4.31 -3.04 11.15
C VAL A 51 -3.95 -1.72 11.81
N TYR A 52 -3.67 -0.72 11.00
CA TYR A 52 -3.30 0.60 11.51
C TYR A 52 -4.00 1.71 10.72
N LEU A 53 -3.85 2.94 11.18
CA LEU A 53 -4.46 4.09 10.51
C LEU A 53 -3.45 4.80 9.62
N ARG A 54 -3.86 5.11 8.39
CA ARG A 54 -2.99 5.79 7.44
C ARG A 54 -2.44 7.07 8.04
N SER A 55 -3.26 7.78 8.80
CA SER A 55 -2.85 9.03 9.44
C SER A 55 -1.78 8.77 10.49
N ASP A 56 -1.91 7.66 11.20
CA ASP A 56 -0.95 7.29 12.23
C ASP A 56 0.37 6.84 11.63
N VAL A 57 0.29 5.89 10.70
CA VAL A 57 1.48 5.36 10.04
C VAL A 57 2.26 6.48 9.34
N GLU A 58 1.54 7.46 8.82
CA GLU A 58 2.17 8.59 8.14
C GLU A 58 3.20 9.26 9.03
N ALA A 59 2.79 9.63 10.23
CA ALA A 59 3.67 10.29 11.18
C ALA A 59 4.84 9.38 11.56
N LYS A 60 4.56 8.08 11.69
CA LYS A 60 5.58 7.10 12.05
C LYS A 60 6.74 7.15 11.05
N SER A 61 6.44 7.57 9.82
CA SER A 61 7.45 7.66 8.78
C SER A 61 8.26 8.94 8.89
N LEU A 62 7.63 9.97 9.47
CA LEU A 62 8.28 11.27 9.64
C LEU A 62 9.14 11.28 10.89
N GLU A 63 8.70 10.55 11.92
CA GLU A 63 9.44 10.48 13.18
C GLU A 63 10.69 9.61 13.03
N VAL A 64 10.65 8.69 12.07
CA VAL A 64 11.78 7.80 11.82
C VAL A 64 12.73 8.39 10.78
N TRP A 65 12.30 8.38 9.52
CA TRP A 65 13.11 8.92 8.43
C TRP A 65 13.42 10.39 8.66
N GLY A 66 12.54 11.07 9.41
CA GLY A 66 12.74 12.49 9.68
C GLY A 66 11.77 13.36 8.90
N SER A 67 11.46 12.95 7.68
CA SER A 67 10.55 13.71 6.82
C SER A 67 9.93 12.81 5.76
N PRO A 68 8.81 13.27 5.18
CA PRO A 68 8.09 12.53 4.14
C PRO A 68 8.87 12.49 2.83
N GLU A 69 9.79 13.43 2.65
CA GLU A 69 10.59 13.50 1.44
C GLU A 69 11.58 12.34 1.37
N ALA A 70 12.22 12.05 2.49
CA ALA A 70 13.19 10.96 2.56
C ALA A 70 12.57 9.65 2.08
N LEU A 71 11.30 9.43 2.43
CA LEU A 71 10.60 8.22 2.03
C LEU A 71 10.14 8.30 0.58
N ALA A 72 9.67 9.48 0.18
CA ALA A 72 9.22 9.69 -1.19
C ALA A 72 10.31 9.35 -2.19
N ARG A 73 11.57 9.52 -1.78
CA ARG A 73 12.70 9.24 -2.64
C ARG A 73 12.63 7.82 -3.20
N GLU A 74 12.10 6.90 -2.38
CA GLU A 74 11.98 5.51 -2.78
C GLU A 74 10.61 5.25 -3.41
N LYS A 75 9.60 5.97 -2.95
CA LYS A 75 8.25 5.82 -3.45
C LYS A 75 8.15 6.27 -4.90
N LYS A 76 8.91 7.30 -5.25
CA LYS A 76 8.92 7.83 -6.61
C LYS A 76 9.41 6.78 -7.59
N LEU A 77 10.35 5.96 -7.15
CA LEU A 77 10.91 4.91 -8.00
C LEU A 77 9.83 3.92 -8.42
N ARG A 78 9.26 3.22 -7.45
CA ARG A 78 8.21 2.24 -7.72
C ARG A 78 7.05 2.89 -8.49
N LYS A 79 6.80 4.16 -8.20
CA LYS A 79 5.72 4.89 -8.86
C LYS A 79 5.91 4.90 -10.37
N GLU A 80 7.12 5.26 -10.81
CA GLU A 80 7.44 5.31 -12.23
C GLU A 80 7.41 3.91 -12.84
N ALA A 81 7.73 2.91 -12.02
CA ALA A 81 7.76 1.52 -12.48
C ALA A 81 6.37 1.08 -12.96
N GLU A 82 5.37 1.31 -12.12
CA GLU A 82 3.99 0.93 -12.46
C GLU A 82 3.56 1.60 -13.77
N ILE A 83 3.82 2.89 -13.88
CA ILE A 83 3.45 3.64 -15.07
C ILE A 83 4.05 3.01 -16.32
N GLU A 84 5.30 2.58 -16.21
CA GLU A 84 5.99 1.96 -17.34
C GLU A 84 5.32 0.63 -17.73
N TYR A 85 4.67 0.01 -16.75
CA TYR A 85 3.99 -1.26 -16.99
C TYR A 85 2.66 -1.05 -17.69
N ARG A 86 1.77 -0.31 -17.04
CA ARG A 86 0.45 -0.03 -17.61
C ARG A 86 0.57 0.68 -18.96
N GLU A 87 1.68 1.39 -19.15
CA GLU A 87 1.91 2.10 -20.40
C GLU A 87 1.84 1.16 -21.59
N ARG A 88 2.82 0.26 -21.68
CA ARG A 88 2.87 -0.70 -22.78
C ARG A 88 1.55 -1.45 -22.91
N LEU A 89 0.87 -1.64 -21.78
CA LEU A 89 -0.42 -2.34 -21.77
C LEU A 89 -1.48 -1.52 -22.49
N PHE A 90 -1.45 -0.21 -22.31
CA PHE A 90 -2.41 0.68 -22.94
C PHE A 90 -2.43 0.48 -24.45
N ARG A 91 -1.24 0.33 -25.03
CA ARG A 91 -1.11 0.14 -26.47
C ARG A 91 -1.89 -1.09 -26.93
N ASN A 92 -1.83 -2.15 -26.12
CA ASN A 92 -2.52 -3.39 -26.44
C ASN A 92 -4.02 -3.13 -26.66
N GLN A 93 -4.58 -2.23 -25.87
CA GLN A 93 -5.99 -1.90 -25.97
C GLN A 93 -6.27 -1.13 -27.26
N LYS A 94 -5.32 -0.33 -27.69
CA LYS A 94 -5.46 0.45 -28.91
C LYS A 94 -4.10 0.79 -29.50
N ILE A 95 -3.85 0.29 -30.71
CA ILE A 95 -2.58 0.56 -31.39
C ILE A 95 -2.41 2.04 -31.71
N LEU A 96 -3.53 2.71 -31.93
CA LEU A 96 -3.53 4.14 -32.24
C LEU A 96 -2.71 4.41 -33.50
N ARG A 97 -3.37 4.40 -34.65
CA ARG A 97 -2.71 4.64 -35.93
C ARG A 97 -3.59 5.51 -36.83
N GLU A 98 -2.96 6.13 -37.82
CA GLU A 98 -3.68 6.99 -38.76
C GLU A 98 -3.34 6.62 -40.20
N TYR A 99 -3.87 7.39 -41.14
CA TYR A 99 -3.63 7.15 -42.56
C TYR A 99 -3.00 8.37 -43.22
N ARG A 100 -2.09 9.02 -42.50
CA ARG A 100 -1.41 10.21 -43.02
C ARG A 100 -2.40 11.33 -43.31
N ASP A 101 -1.88 12.51 -43.61
CA ASP A 101 -2.73 13.66 -43.91
C ASP A 101 -3.59 14.03 -42.71
N GLY A 1 -27.35 -10.43 0.19
CA GLY A 1 -28.81 -10.47 0.23
C GLY A 1 -29.43 -9.39 -0.63
N SER A 2 -28.85 -8.20 -0.60
CA SER A 2 -29.35 -7.07 -1.38
C SER A 2 -28.20 -6.25 -1.95
N SER A 3 -28.24 -6.03 -3.26
CA SER A 3 -27.21 -5.26 -3.94
C SER A 3 -27.78 -4.50 -5.13
N GLY A 4 -28.04 -3.21 -4.94
CA GLY A 4 -28.58 -2.39 -6.00
C GLY A 4 -27.52 -1.90 -6.97
N SER A 5 -27.48 -0.60 -7.19
CA SER A 5 -26.51 -0.01 -8.11
C SER A 5 -25.28 0.50 -7.34
N SER A 6 -24.31 -0.39 -7.16
CA SER A 6 -23.09 -0.03 -6.44
C SER A 6 -22.04 -1.12 -6.59
N GLY A 7 -20.78 -0.77 -6.31
CA GLY A 7 -19.70 -1.74 -6.42
C GLY A 7 -19.32 -2.33 -5.08
N LYS A 8 -18.02 -2.29 -4.77
CA LYS A 8 -17.52 -2.84 -3.51
C LYS A 8 -16.78 -1.76 -2.72
N TYR A 9 -17.22 -0.51 -2.87
CA TYR A 9 -16.59 0.60 -2.17
C TYR A 9 -17.44 1.05 -0.98
N THR A 10 -16.80 1.63 0.02
CA THR A 10 -17.49 2.12 1.21
C THR A 10 -16.71 3.22 1.89
N GLN A 11 -15.99 4.01 1.11
CA GLN A 11 -15.18 5.10 1.65
C GLN A 11 -14.26 4.61 2.75
N ASN A 12 -13.42 3.63 2.43
CA ASN A 12 -12.49 3.07 3.39
C ASN A 12 -11.20 3.88 3.43
N ASN A 13 -10.67 4.08 4.63
CA ASN A 13 -9.43 4.84 4.81
C ASN A 13 -8.48 4.11 5.75
N PHE A 14 -8.27 2.83 5.49
CA PHE A 14 -7.38 2.01 6.31
C PHE A 14 -6.28 1.38 5.46
N ILE A 15 -5.17 1.02 6.10
CA ILE A 15 -4.05 0.41 5.40
C ILE A 15 -3.56 -0.84 6.13
N THR A 16 -3.18 -1.85 5.36
CA THR A 16 -2.70 -3.10 5.93
C THR A 16 -1.34 -2.91 6.59
N GLY A 17 -0.99 -3.81 7.51
CA GLY A 17 0.27 -3.73 8.20
C GLY A 17 1.46 -3.87 7.26
N VAL A 18 1.61 -5.06 6.68
CA VAL A 18 2.71 -5.31 5.76
C VAL A 18 2.75 -4.26 4.66
N ARG A 19 1.59 -3.74 4.29
CA ARG A 19 1.51 -2.72 3.24
C ARG A 19 2.24 -1.45 3.66
N ALA A 20 2.02 -1.04 4.90
CA ALA A 20 2.66 0.17 5.42
C ALA A 20 4.15 -0.06 5.65
N ILE A 21 4.50 -1.25 6.12
CA ILE A 21 5.90 -1.59 6.38
C ILE A 21 6.73 -1.50 5.11
N ASN A 22 6.09 -1.75 3.97
CA ASN A 22 6.77 -1.70 2.68
C ASN A 22 6.63 -0.32 2.05
N GLU A 23 5.39 0.16 1.94
CA GLU A 23 5.12 1.46 1.36
C GLU A 23 5.95 2.55 2.06
N PHE A 24 5.76 2.66 3.37
CA PHE A 24 6.48 3.67 4.15
C PHE A 24 7.90 3.20 4.45
N CYS A 25 8.15 1.92 4.26
CA CYS A 25 9.47 1.35 4.52
C CYS A 25 9.86 1.49 5.98
N LEU A 26 8.98 1.03 6.87
CA LEU A 26 9.23 1.10 8.30
C LEU A 26 9.64 -0.26 8.86
N LYS A 27 9.70 -0.36 10.17
CA LYS A 27 10.07 -1.61 10.84
C LYS A 27 8.86 -2.24 11.52
N SER A 28 8.82 -3.57 11.55
CA SER A 28 7.72 -4.29 12.17
C SER A 28 7.58 -3.92 13.64
N SER A 29 8.73 -3.73 14.30
CA SER A 29 8.74 -3.38 15.72
C SER A 29 8.07 -2.03 15.95
N ASP A 30 8.10 -1.18 14.92
CA ASP A 30 7.49 0.14 15.02
C ASP A 30 5.98 0.05 14.84
N LEU A 31 5.55 -0.67 13.81
CA LEU A 31 4.13 -0.84 13.53
C LEU A 31 3.39 -1.40 14.74
N GLU A 32 3.96 -2.45 15.34
CA GLU A 32 3.36 -3.09 16.51
C GLU A 32 3.22 -2.09 17.65
N GLN A 33 4.10 -1.09 17.66
CA GLN A 33 4.07 -0.07 18.70
C GLN A 33 2.85 0.81 18.58
N LEU A 34 2.33 0.94 17.36
CA LEU A 34 1.15 1.76 17.10
C LEU A 34 -0.12 1.06 17.60
N ARG A 35 -1.27 1.67 17.33
CA ARG A 35 -2.54 1.11 17.75
C ARG A 35 -2.93 -0.09 16.89
N LYS A 36 -3.15 -1.23 17.54
CA LYS A 36 -3.52 -2.45 16.83
C LYS A 36 -5.03 -2.50 16.60
N ILE A 37 -5.44 -2.17 15.38
CA ILE A 37 -6.86 -2.18 15.03
C ILE A 37 -7.27 -3.54 14.46
N ARG A 38 -8.18 -4.22 15.14
CA ARG A 38 -8.66 -5.53 14.70
C ARG A 38 -10.13 -5.46 14.34
N ARG A 39 -10.43 -5.57 13.05
CA ARG A 39 -11.81 -5.52 12.58
C ARG A 39 -12.30 -6.93 12.23
N ARG A 40 -11.43 -7.72 11.61
CA ARG A 40 -11.79 -9.09 11.22
C ARG A 40 -11.49 -10.07 12.35
N SER A 41 -12.54 -10.53 13.02
CA SER A 41 -12.40 -11.46 14.13
C SER A 41 -11.43 -10.93 15.17
N PRO A 42 -11.84 -9.87 15.87
CA PRO A 42 -11.03 -9.24 16.92
C PRO A 42 -10.87 -10.12 18.15
N HIS A 43 -9.86 -10.98 18.13
CA HIS A 43 -9.61 -11.88 19.25
C HIS A 43 -8.24 -12.55 19.12
N GLU A 44 -8.04 -13.25 18.01
CA GLU A 44 -6.78 -13.93 17.76
C GLU A 44 -5.64 -12.93 17.57
N ASP A 45 -4.41 -13.43 17.55
CA ASP A 45 -3.25 -12.57 17.38
C ASP A 45 -1.97 -13.41 17.28
N THR A 46 -2.05 -14.50 16.53
CA THR A 46 -0.91 -15.39 16.36
C THR A 46 -0.46 -15.44 14.90
N GLU A 47 -1.41 -15.25 13.99
CA GLU A 47 -1.12 -15.27 12.56
C GLU A 47 -2.17 -14.50 11.78
N SER A 48 -2.59 -13.37 12.33
CA SER A 48 -3.60 -12.53 11.68
C SER A 48 -3.04 -11.15 11.38
N PHE A 49 -3.54 -10.54 10.30
CA PHE A 49 -3.09 -9.20 9.90
C PHE A 49 -3.73 -8.13 10.77
N THR A 50 -2.97 -7.09 11.08
CA THR A 50 -3.46 -5.99 11.90
C THR A 50 -3.36 -4.67 11.17
N VAL A 51 -4.50 -4.18 10.68
CA VAL A 51 -4.55 -2.92 9.95
C VAL A 51 -4.22 -1.74 10.87
N TYR A 52 -3.64 -0.70 10.30
CA TYR A 52 -3.29 0.49 11.07
C TYR A 52 -3.91 1.74 10.46
N LEU A 53 -3.75 2.87 11.15
CA LEU A 53 -4.31 4.13 10.68
C LEU A 53 -3.31 4.86 9.78
N ARG A 54 -3.79 5.29 8.62
CA ARG A 54 -2.94 6.00 7.67
C ARG A 54 -2.36 7.26 8.29
N SER A 55 -3.10 7.84 9.24
CA SER A 55 -2.65 9.05 9.91
C SER A 55 -1.51 8.76 10.88
N ASP A 56 -1.53 7.56 11.45
CA ASP A 56 -0.48 7.14 12.40
C ASP A 56 0.79 6.75 11.67
N VAL A 57 0.64 5.90 10.66
CA VAL A 57 1.79 5.43 9.87
C VAL A 57 2.51 6.61 9.22
N GLU A 58 1.77 7.65 8.89
CA GLU A 58 2.34 8.83 8.26
C GLU A 58 3.43 9.43 9.13
N ALA A 59 3.06 9.85 10.34
CA ALA A 59 4.01 10.44 11.27
C ALA A 59 5.13 9.47 11.61
N LYS A 60 4.79 8.18 11.71
CA LYS A 60 5.77 7.15 12.03
C LYS A 60 6.90 7.15 11.01
N SER A 61 6.61 7.60 9.80
CA SER A 61 7.60 7.65 8.74
C SER A 61 8.45 8.90 8.84
N LEU A 62 7.88 9.96 9.43
CA LEU A 62 8.59 11.22 9.61
C LEU A 62 9.55 11.15 10.79
N GLU A 63 9.15 10.42 11.83
CA GLU A 63 9.98 10.27 13.01
C GLU A 63 11.16 9.35 12.75
N VAL A 64 11.00 8.46 11.77
CA VAL A 64 12.05 7.51 11.42
C VAL A 64 12.97 8.09 10.35
N TRP A 65 12.47 8.18 9.13
CA TRP A 65 13.25 8.71 8.02
C TRP A 65 13.65 10.16 8.28
N GLY A 66 12.86 10.85 9.10
CA GLY A 66 13.14 12.24 9.41
C GLY A 66 12.16 13.19 8.77
N SER A 67 11.77 12.88 7.54
CA SER A 67 10.82 13.74 6.82
C SER A 67 10.12 12.94 5.72
N PRO A 68 8.97 13.46 5.26
CA PRO A 68 8.16 12.81 4.22
C PRO A 68 8.84 12.86 2.86
N GLU A 69 9.82 13.75 2.71
CA GLU A 69 10.55 13.88 1.46
C GLU A 69 11.51 12.71 1.26
N ALA A 70 12.07 12.22 2.36
CA ALA A 70 13.01 11.11 2.31
C ALA A 70 12.32 9.84 1.80
N LEU A 71 11.11 9.59 2.30
CA LEU A 71 10.34 8.41 1.90
C LEU A 71 9.82 8.56 0.48
N ALA A 72 9.39 9.77 0.13
CA ALA A 72 8.87 10.04 -1.19
C ALA A 72 9.88 9.67 -2.27
N ARG A 73 11.15 9.68 -1.92
CA ARG A 73 12.22 9.34 -2.86
C ARG A 73 12.06 7.90 -3.35
N GLU A 74 11.53 7.04 -2.49
CA GLU A 74 11.33 5.64 -2.83
C GLU A 74 9.93 5.40 -3.39
N LYS A 75 8.98 6.20 -2.92
CA LYS A 75 7.60 6.09 -3.37
C LYS A 75 7.48 6.43 -4.85
N LYS A 76 8.25 7.41 -5.28
CA LYS A 76 8.24 7.84 -6.68
C LYS A 76 8.63 6.69 -7.60
N LEU A 77 9.76 6.05 -7.29
CA LEU A 77 10.25 4.94 -8.09
C LEU A 77 9.25 3.79 -8.10
N ARG A 78 8.84 3.36 -6.92
CA ARG A 78 7.88 2.26 -6.79
C ARG A 78 6.62 2.56 -7.60
N LYS A 79 6.21 3.82 -7.63
CA LYS A 79 5.02 4.23 -8.37
C LYS A 79 5.27 4.18 -9.87
N GLU A 80 6.32 4.88 -10.31
CA GLU A 80 6.66 4.92 -11.72
C GLU A 80 6.89 3.51 -12.27
N ALA A 81 7.37 2.62 -11.41
CA ALA A 81 7.62 1.24 -11.80
C ALA A 81 6.41 0.62 -12.47
N GLU A 82 5.22 0.92 -11.92
CA GLU A 82 3.98 0.39 -12.47
C GLU A 82 3.59 1.13 -13.75
N ILE A 83 3.98 2.39 -13.83
CA ILE A 83 3.66 3.21 -15.00
C ILE A 83 4.48 2.78 -16.21
N GLU A 84 5.75 2.46 -15.98
CA GLU A 84 6.64 2.04 -17.05
C GLU A 84 6.19 0.69 -17.62
N TYR A 85 5.55 -0.12 -16.79
CA TYR A 85 5.07 -1.43 -17.21
C TYR A 85 3.81 -1.29 -18.06
N ARG A 86 2.78 -0.69 -17.50
CA ARG A 86 1.52 -0.50 -18.19
C ARG A 86 1.71 0.38 -19.43
N GLU A 87 2.71 1.25 -19.37
CA GLU A 87 3.01 2.15 -20.48
C GLU A 87 3.13 1.38 -21.79
N ARG A 88 4.14 0.52 -21.88
CA ARG A 88 4.36 -0.28 -23.08
C ARG A 88 3.14 -1.11 -23.42
N LEU A 89 2.41 -1.54 -22.40
CA LEU A 89 1.21 -2.35 -22.59
C LEU A 89 0.13 -1.54 -23.29
N PHE A 90 0.12 -0.23 -23.06
CA PHE A 90 -0.87 0.65 -23.67
C PHE A 90 -0.60 0.80 -25.16
N ARG A 91 0.68 0.83 -25.53
CA ARG A 91 1.06 0.98 -26.94
C ARG A 91 0.41 -0.10 -27.80
N ASN A 92 0.40 -1.33 -27.29
CA ASN A 92 -0.19 -2.44 -28.00
C ASN A 92 -1.63 -2.15 -28.39
N GLN A 93 -2.36 -1.50 -27.49
CA GLN A 93 -3.76 -1.14 -27.74
C GLN A 93 -3.86 0.15 -28.53
N LYS A 94 -5.09 0.55 -28.86
CA LYS A 94 -5.32 1.77 -29.61
C LYS A 94 -5.74 2.91 -28.69
N ILE A 95 -5.10 4.07 -28.85
CA ILE A 95 -5.41 5.23 -28.03
C ILE A 95 -6.25 6.24 -28.80
N LEU A 96 -6.07 6.27 -30.12
CA LEU A 96 -6.81 7.19 -30.98
C LEU A 96 -6.48 6.95 -32.44
N ARG A 97 -7.36 6.21 -33.12
CA ARG A 97 -7.17 5.91 -34.53
C ARG A 97 -8.43 5.28 -35.12
N GLU A 98 -8.99 5.91 -36.15
CA GLU A 98 -10.18 5.40 -36.79
C GLU A 98 -9.97 5.27 -38.30
N TYR A 99 -10.94 4.66 -38.97
CA TYR A 99 -10.86 4.45 -40.42
C TYR A 99 -11.25 5.72 -41.17
N ARG A 100 -10.74 5.87 -42.39
CA ARG A 100 -11.04 7.03 -43.21
C ARG A 100 -12.28 6.80 -44.07
N ASP A 101 -12.80 7.88 -44.64
CA ASP A 101 -13.99 7.79 -45.49
C ASP A 101 -13.71 8.36 -46.88
N GLY A 1 -5.32 -19.62 13.94
CA GLY A 1 -5.95 -20.19 12.75
C GLY A 1 -4.96 -20.40 11.62
N SER A 2 -5.44 -21.01 10.54
CA SER A 2 -4.59 -21.28 9.38
C SER A 2 -4.98 -20.39 8.21
N SER A 3 -3.98 -19.94 7.46
CA SER A 3 -4.21 -19.07 6.31
C SER A 3 -4.05 -19.85 5.01
N GLY A 4 -5.04 -19.73 4.13
CA GLY A 4 -4.99 -20.42 2.86
C GLY A 4 -4.47 -19.55 1.75
N SER A 5 -5.36 -19.06 0.90
CA SER A 5 -4.98 -18.21 -0.22
C SER A 5 -5.30 -16.74 0.07
N SER A 6 -5.01 -15.87 -0.89
CA SER A 6 -5.27 -14.45 -0.74
C SER A 6 -6.55 -14.04 -1.44
N GLY A 7 -7.15 -12.94 -0.98
CA GLY A 7 -8.39 -12.47 -1.57
C GLY A 7 -9.22 -11.65 -0.61
N LYS A 8 -9.05 -10.33 -0.63
CA LYS A 8 -9.79 -9.44 0.25
C LYS A 8 -10.99 -8.84 -0.48
N TYR A 9 -10.72 -8.18 -1.60
CA TYR A 9 -11.77 -7.55 -2.39
C TYR A 9 -12.57 -6.57 -1.54
N THR A 10 -11.88 -5.86 -0.66
CA THR A 10 -12.52 -4.89 0.22
C THR A 10 -11.50 -3.89 0.77
N GLN A 11 -11.91 -2.63 0.89
CA GLN A 11 -11.04 -1.58 1.41
C GLN A 11 -11.82 -0.32 1.70
N ASN A 12 -11.65 0.22 2.91
CA ASN A 12 -12.35 1.44 3.31
C ASN A 12 -11.37 2.59 3.48
N ASN A 13 -10.57 2.52 4.54
CA ASN A 13 -9.59 3.57 4.83
C ASN A 13 -8.60 3.10 5.89
N PHE A 14 -8.30 1.80 5.89
CA PHE A 14 -7.37 1.23 6.86
C PHE A 14 -6.24 0.49 6.15
N ILE A 15 -5.10 0.39 6.82
CA ILE A 15 -3.94 -0.29 6.25
C ILE A 15 -3.21 -1.12 7.30
N THR A 16 -3.06 -2.41 7.04
CA THR A 16 -2.38 -3.31 7.97
C THR A 16 -0.90 -2.95 8.10
N GLY A 17 -0.28 -3.40 9.19
CA GLY A 17 1.13 -3.13 9.40
C GLY A 17 1.99 -3.60 8.25
N VAL A 18 1.83 -4.86 7.86
CA VAL A 18 2.60 -5.44 6.77
C VAL A 18 2.53 -4.55 5.53
N ARG A 19 1.39 -3.89 5.34
CA ARG A 19 1.19 -3.02 4.19
C ARG A 19 1.98 -1.72 4.36
N ALA A 20 2.07 -1.24 5.59
CA ALA A 20 2.79 0.00 5.87
C ALA A 20 4.30 -0.24 5.89
N ILE A 21 4.70 -1.44 6.30
CA ILE A 21 6.12 -1.80 6.35
C ILE A 21 6.68 -2.00 4.96
N ASN A 22 5.82 -2.33 4.01
CA ASN A 22 6.24 -2.55 2.63
C ASN A 22 6.12 -1.26 1.81
N GLU A 23 5.22 -0.39 2.24
CA GLU A 23 5.00 0.89 1.54
C GLU A 23 5.90 1.97 2.12
N PHE A 24 5.75 2.25 3.41
CA PHE A 24 6.54 3.27 4.07
C PHE A 24 7.97 2.78 4.31
N CYS A 25 8.17 1.48 4.20
CA CYS A 25 9.48 0.88 4.40
C CYS A 25 9.97 1.10 5.83
N LEU A 26 9.15 0.68 6.79
CA LEU A 26 9.50 0.84 8.20
C LEU A 26 9.84 -0.51 8.82
N LYS A 27 9.97 -0.53 10.14
CA LYS A 27 10.30 -1.75 10.87
C LYS A 27 9.04 -2.39 11.45
N SER A 28 9.07 -3.71 11.59
CA SER A 28 7.94 -4.46 12.13
C SER A 28 7.70 -4.09 13.60
N SER A 29 8.78 -3.73 14.29
CA SER A 29 8.69 -3.37 15.70
C SER A 29 8.11 -1.96 15.87
N ASP A 30 8.28 -1.13 14.85
CA ASP A 30 7.76 0.23 14.87
C ASP A 30 6.23 0.24 14.84
N LEU A 31 5.67 -0.51 13.89
CA LEU A 31 4.22 -0.59 13.76
C LEU A 31 3.57 -1.00 15.07
N GLU A 32 4.25 -1.87 15.81
CA GLU A 32 3.72 -2.34 17.09
C GLU A 32 3.46 -1.17 18.03
N GLN A 33 4.18 -0.08 17.83
CA GLN A 33 4.01 1.11 18.66
C GLN A 33 2.67 1.78 18.40
N LEU A 34 2.17 1.63 17.18
CA LEU A 34 0.89 2.23 16.80
C LEU A 34 -0.27 1.49 17.48
N ARG A 35 -1.47 2.01 17.31
CA ARG A 35 -2.66 1.41 17.90
C ARG A 35 -3.26 0.36 16.96
N LYS A 36 -3.27 -0.89 17.40
CA LYS A 36 -3.81 -1.98 16.60
C LYS A 36 -5.33 -1.85 16.48
N ILE A 37 -5.78 -1.34 15.33
CA ILE A 37 -7.21 -1.17 15.09
C ILE A 37 -7.89 -2.52 14.82
N ARG A 38 -8.95 -2.79 15.57
CA ARG A 38 -9.68 -4.04 15.41
C ARG A 38 -10.97 -3.82 14.62
N ARG A 39 -10.97 -2.79 13.78
CA ARG A 39 -12.13 -2.47 12.96
C ARG A 39 -13.35 -2.20 13.84
N ARG A 40 -14.46 -1.83 13.20
CA ARG A 40 -15.69 -1.54 13.93
C ARG A 40 -16.66 -2.71 13.83
N SER A 41 -16.97 -3.31 14.98
CA SER A 41 -17.89 -4.45 15.03
C SER A 41 -17.40 -5.57 14.13
N PRO A 42 -16.30 -6.22 14.53
CA PRO A 42 -15.71 -7.33 13.76
C PRO A 42 -16.58 -8.58 13.80
N HIS A 43 -16.05 -9.68 13.28
CA HIS A 43 -16.78 -10.94 13.25
C HIS A 43 -18.05 -10.83 12.41
N GLU A 44 -18.65 -11.96 12.11
CA GLU A 44 -19.88 -11.99 11.31
C GLU A 44 -19.67 -11.26 9.98
N ASP A 45 -18.65 -11.69 9.23
CA ASP A 45 -18.34 -11.08 7.95
C ASP A 45 -17.54 -12.05 7.07
N THR A 46 -16.29 -12.26 7.44
CA THR A 46 -15.41 -13.16 6.69
C THR A 46 -14.21 -13.58 7.53
N GLU A 47 -13.30 -12.64 7.76
CA GLU A 47 -12.10 -12.92 8.54
C GLU A 47 -11.81 -11.77 9.51
N SER A 48 -11.76 -10.55 8.98
CA SER A 48 -11.48 -9.38 9.79
C SER A 48 -10.09 -9.46 10.41
N PHE A 49 -9.15 -8.72 9.84
CA PHE A 49 -7.78 -8.71 10.33
C PHE A 49 -7.42 -7.34 10.90
N THR A 50 -6.56 -7.34 11.93
CA THR A 50 -6.14 -6.10 12.56
C THR A 50 -5.44 -5.18 11.57
N VAL A 51 -5.82 -3.90 11.59
CA VAL A 51 -5.23 -2.92 10.70
C VAL A 51 -4.78 -1.68 11.47
N TYR A 52 -4.08 -0.78 10.77
CA TYR A 52 -3.58 0.43 11.38
C TYR A 52 -4.18 1.66 10.71
N LEU A 53 -4.08 2.81 11.39
CA LEU A 53 -4.61 4.06 10.86
C LEU A 53 -3.61 4.71 9.90
N ARG A 54 -4.07 4.99 8.69
CA ARG A 54 -3.22 5.61 7.67
C ARG A 54 -2.61 6.90 8.20
N SER A 55 -3.42 7.71 8.88
CA SER A 55 -2.96 8.97 9.44
C SER A 55 -1.82 8.75 10.43
N ASP A 56 -2.03 7.82 11.37
CA ASP A 56 -1.03 7.51 12.38
C ASP A 56 0.26 7.02 11.73
N VAL A 57 0.12 6.26 10.65
CA VAL A 57 1.27 5.73 9.94
C VAL A 57 1.98 6.82 9.15
N GLU A 58 1.21 7.80 8.69
CA GLU A 58 1.78 8.91 7.92
C GLU A 58 2.90 9.60 8.69
N ALA A 59 2.76 9.65 10.00
CA ALA A 59 3.76 10.29 10.85
C ALA A 59 4.82 9.28 11.27
N LYS A 60 4.45 8.01 11.35
CA LYS A 60 5.38 6.95 11.74
C LYS A 60 6.57 6.90 10.79
N SER A 61 6.36 7.36 9.56
CA SER A 61 7.42 7.37 8.55
C SER A 61 8.31 8.61 8.71
N LEU A 62 7.74 9.66 9.25
CA LEU A 62 8.47 10.92 9.46
C LEU A 62 9.43 10.80 10.64
N GLU A 63 8.99 10.08 11.67
CA GLU A 63 9.81 9.90 12.87
C GLU A 63 10.95 8.92 12.59
N VAL A 64 10.74 8.04 11.61
CA VAL A 64 11.76 7.04 11.25
C VAL A 64 12.72 7.59 10.22
N TRP A 65 12.24 7.74 8.98
CA TRP A 65 13.07 8.25 7.90
C TRP A 65 13.53 9.67 8.19
N GLY A 66 12.75 10.38 9.01
CA GLY A 66 13.11 11.75 9.36
C GLY A 66 12.19 12.76 8.72
N SER A 67 11.78 12.49 7.48
CA SER A 67 10.90 13.39 6.76
C SER A 67 10.15 12.65 5.65
N PRO A 68 9.04 13.24 5.19
CA PRO A 68 8.21 12.66 4.13
C PRO A 68 8.91 12.68 2.77
N GLU A 69 9.91 13.55 2.63
CA GLU A 69 10.65 13.67 1.38
C GLU A 69 11.60 12.49 1.21
N ALA A 70 12.16 12.02 2.32
CA ALA A 70 13.09 10.90 2.29
C ALA A 70 12.42 9.65 1.72
N LEU A 71 11.23 9.34 2.22
CA LEU A 71 10.48 8.17 1.77
C LEU A 71 10.03 8.35 0.32
N ALA A 72 9.56 9.56 0.00
CA ALA A 72 9.10 9.85 -1.35
C ALA A 72 10.16 9.52 -2.39
N ARG A 73 11.42 9.71 -2.01
CA ARG A 73 12.53 9.43 -2.92
C ARG A 73 12.48 7.98 -3.41
N GLU A 74 12.05 7.08 -2.55
CA GLU A 74 11.95 5.66 -2.91
C GLU A 74 10.61 5.37 -3.56
N LYS A 75 9.57 6.08 -3.13
CA LYS A 75 8.23 5.89 -3.68
C LYS A 75 8.19 6.24 -5.16
N LYS A 76 8.93 7.28 -5.53
CA LYS A 76 8.99 7.72 -6.92
C LYS A 76 9.40 6.58 -7.84
N LEU A 77 10.32 5.75 -7.36
CA LEU A 77 10.81 4.61 -8.15
C LEU A 77 9.68 3.63 -8.45
N ARG A 78 9.11 3.05 -7.40
CA ARG A 78 8.02 2.09 -7.55
C ARG A 78 6.83 2.73 -8.25
N LYS A 79 6.70 4.05 -8.10
CA LYS A 79 5.61 4.79 -8.73
C LYS A 79 5.79 4.85 -10.24
N GLU A 80 6.92 5.37 -10.68
CA GLU A 80 7.20 5.49 -12.11
C GLU A 80 7.22 4.11 -12.77
N ALA A 81 7.54 3.09 -11.98
CA ALA A 81 7.59 1.72 -12.49
C ALA A 81 6.27 1.33 -13.16
N GLU A 82 5.18 1.44 -12.41
CA GLU A 82 3.86 1.11 -12.93
C GLU A 82 3.57 1.90 -14.21
N ILE A 83 3.93 3.17 -14.21
CA ILE A 83 3.71 4.03 -15.36
C ILE A 83 4.43 3.50 -16.59
N GLU A 84 5.68 3.06 -16.39
CA GLU A 84 6.48 2.54 -17.49
C GLU A 84 5.89 1.23 -18.01
N TYR A 85 5.18 0.52 -17.14
CA TYR A 85 4.57 -0.75 -17.52
C TYR A 85 3.30 -0.52 -18.32
N ARG A 86 2.35 0.19 -17.73
CA ARG A 86 1.09 0.49 -18.39
C ARG A 86 1.31 1.29 -19.67
N GLU A 87 2.40 2.06 -19.69
CA GLU A 87 2.72 2.88 -20.85
C GLU A 87 2.83 2.03 -22.11
N ARG A 88 3.83 1.17 -22.15
CA ARG A 88 4.05 0.29 -23.29
C ARG A 88 2.78 -0.48 -23.64
N LEU A 89 1.96 -0.75 -22.62
CA LEU A 89 0.72 -1.47 -22.82
C LEU A 89 -0.30 -0.61 -23.57
N PHE A 90 -0.40 0.65 -23.18
CA PHE A 90 -1.34 1.57 -23.81
C PHE A 90 -1.05 1.69 -25.30
N ARG A 91 0.22 1.80 -25.65
CA ARG A 91 0.63 1.92 -27.05
C ARG A 91 0.06 0.78 -27.88
N ASN A 92 -0.15 -0.37 -27.24
CA ASN A 92 -0.69 -1.54 -27.92
C ASN A 92 -2.20 -1.58 -27.82
N GLN A 93 -2.73 -1.18 -26.67
CA GLN A 93 -4.17 -1.17 -26.45
C GLN A 93 -4.88 -0.33 -27.51
N LYS A 94 -4.32 0.85 -27.80
CA LYS A 94 -4.90 1.74 -28.79
C LYS A 94 -3.84 2.19 -29.80
N ILE A 95 -4.29 2.54 -31.00
CA ILE A 95 -3.39 2.99 -32.05
C ILE A 95 -3.57 4.48 -32.33
N LEU A 96 -4.78 4.99 -32.10
CA LEU A 96 -5.07 6.40 -32.33
C LEU A 96 -4.73 6.80 -33.75
N ARG A 97 -4.85 8.09 -34.04
CA ARG A 97 -4.54 8.61 -35.37
C ARG A 97 -5.40 7.93 -36.43
N GLU A 98 -5.12 8.23 -37.70
CA GLU A 98 -5.87 7.64 -38.80
C GLU A 98 -4.93 7.09 -39.86
N TYR A 99 -4.22 6.02 -39.53
CA TYR A 99 -3.29 5.39 -40.45
C TYR A 99 -2.16 6.35 -40.82
N ARG A 100 -1.21 5.87 -41.61
CA ARG A 100 -0.07 6.68 -42.02
C ARG A 100 -0.03 6.80 -43.54
N ASP A 101 0.95 7.54 -44.04
CA ASP A 101 1.11 7.73 -45.48
C ASP A 101 2.32 6.95 -46.01
N GLY A 1 -24.48 1.32 -9.84
CA GLY A 1 -25.44 0.27 -10.10
C GLY A 1 -26.19 -0.15 -8.85
N SER A 2 -26.69 0.82 -8.11
CA SER A 2 -27.43 0.54 -6.88
C SER A 2 -26.56 -0.23 -5.89
N SER A 3 -27.11 -0.52 -4.72
CA SER A 3 -26.40 -1.25 -3.68
C SER A 3 -27.12 -2.54 -3.34
N GLY A 4 -26.44 -3.41 -2.58
CA GLY A 4 -27.03 -4.67 -2.19
C GLY A 4 -26.05 -5.83 -2.29
N SER A 5 -25.78 -6.46 -1.15
CA SER A 5 -24.86 -7.59 -1.11
C SER A 5 -23.50 -7.20 -1.68
N SER A 6 -23.17 -5.90 -1.59
CA SER A 6 -21.91 -5.39 -2.11
C SER A 6 -21.06 -4.83 -0.97
N GLY A 7 -19.91 -4.25 -1.33
CA GLY A 7 -19.02 -3.68 -0.34
C GLY A 7 -19.20 -2.19 -0.20
N LYS A 8 -19.58 -1.74 1.00
CA LYS A 8 -19.80 -0.33 1.27
C LYS A 8 -18.86 0.16 2.36
N TYR A 9 -18.97 -0.43 3.54
CA TYR A 9 -18.14 -0.05 4.68
C TYR A 9 -17.14 -1.16 5.02
N THR A 10 -16.07 -1.24 4.25
CA THR A 10 -15.04 -2.25 4.47
C THR A 10 -13.65 -1.64 4.45
N GLN A 11 -13.04 -1.53 5.63
CA GLN A 11 -11.70 -0.96 5.74
C GLN A 11 -11.66 0.46 5.18
N ASN A 12 -12.50 1.33 5.73
CA ASN A 12 -12.56 2.72 5.29
C ASN A 12 -11.50 3.56 5.99
N ASN A 13 -10.68 4.25 5.19
CA ASN A 13 -9.62 5.09 5.73
C ASN A 13 -8.62 4.26 6.53
N PHE A 14 -8.44 3.01 6.12
CA PHE A 14 -7.52 2.12 6.80
C PHE A 14 -6.54 1.49 5.81
N ILE A 15 -5.29 1.33 6.23
CA ILE A 15 -4.26 0.75 5.38
C ILE A 15 -3.70 -0.53 6.00
N THR A 16 -3.44 -1.52 5.15
CA THR A 16 -2.89 -2.80 5.61
C THR A 16 -1.48 -2.62 6.16
N GLY A 17 -1.01 -3.65 6.87
CA GLY A 17 0.33 -3.59 7.44
C GLY A 17 1.41 -3.54 6.38
N VAL A 18 1.53 -4.62 5.60
CA VAL A 18 2.53 -4.69 4.55
C VAL A 18 2.39 -3.53 3.57
N ARG A 19 1.15 -3.09 3.36
CA ARG A 19 0.87 -1.99 2.44
C ARG A 19 1.58 -0.72 2.90
N ALA A 20 1.74 -0.57 4.21
CA ALA A 20 2.42 0.60 4.77
C ALA A 20 3.92 0.37 4.90
N ILE A 21 4.29 -0.87 5.19
CA ILE A 21 5.70 -1.22 5.33
C ILE A 21 6.41 -1.23 3.99
N ASN A 22 5.65 -1.44 2.93
CA ASN A 22 6.21 -1.47 1.57
C ASN A 22 6.15 -0.08 0.94
N GLU A 23 5.19 0.73 1.39
CA GLU A 23 5.02 2.07 0.86
C GLU A 23 5.88 3.07 1.63
N PHE A 24 5.63 3.17 2.93
CA PHE A 24 6.37 4.09 3.78
C PHE A 24 7.79 3.57 4.03
N CYS A 25 8.00 2.29 3.75
CA CYS A 25 9.31 1.68 3.94
C CYS A 25 9.76 1.81 5.40
N LEU A 26 9.05 1.15 6.29
CA LEU A 26 9.37 1.19 7.72
C LEU A 26 9.84 -0.17 8.21
N LYS A 27 10.03 -0.29 9.52
CA LYS A 27 10.48 -1.55 10.11
C LYS A 27 9.29 -2.48 10.38
N SER A 28 9.59 -3.74 10.64
CA SER A 28 8.55 -4.73 10.91
C SER A 28 7.98 -4.56 12.32
N SER A 29 8.83 -4.10 13.23
CA SER A 29 8.42 -3.89 14.62
C SER A 29 7.74 -2.54 14.79
N ASP A 30 8.11 -1.59 13.93
CA ASP A 30 7.54 -0.25 13.99
C ASP A 30 6.02 -0.31 13.93
N LEU A 31 5.48 -0.90 12.87
CA LEU A 31 4.04 -1.02 12.69
C LEU A 31 3.39 -1.63 13.93
N GLU A 32 3.98 -2.71 14.43
CA GLU A 32 3.46 -3.40 15.60
C GLU A 32 3.32 -2.42 16.78
N GLN A 33 4.22 -1.44 16.83
CA GLN A 33 4.20 -0.45 17.90
C GLN A 33 2.93 0.38 17.84
N LEU A 34 2.40 0.57 16.64
CA LEU A 34 1.17 1.34 16.45
C LEU A 34 -0.05 0.56 16.91
N ARG A 35 -1.18 1.24 16.99
CA ARG A 35 -2.43 0.61 17.41
C ARG A 35 -2.79 -0.55 16.49
N LYS A 36 -2.90 -1.75 17.06
CA LYS A 36 -3.24 -2.94 16.29
C LYS A 36 -4.74 -3.24 16.38
N ILE A 37 -5.46 -2.96 15.31
CA ILE A 37 -6.90 -3.20 15.27
C ILE A 37 -7.20 -4.58 14.69
N ARG A 38 -7.86 -5.41 15.50
CA ARG A 38 -8.21 -6.76 15.08
C ARG A 38 -9.45 -6.75 14.19
N ARG A 39 -9.29 -7.18 12.94
CA ARG A 39 -10.40 -7.21 12.00
C ARG A 39 -11.00 -8.61 11.91
N ARG A 40 -10.17 -9.58 11.54
CA ARG A 40 -10.63 -10.96 11.41
C ARG A 40 -9.55 -11.93 11.90
N SER A 41 -9.87 -13.22 11.87
CA SER A 41 -8.93 -14.24 12.31
C SER A 41 -9.21 -15.57 11.61
N PRO A 42 -8.89 -15.62 10.31
CA PRO A 42 -9.09 -16.82 9.49
C PRO A 42 -8.13 -17.95 9.87
N HIS A 43 -8.69 -19.10 10.26
CA HIS A 43 -7.88 -20.25 10.63
C HIS A 43 -6.92 -19.88 11.76
N GLU A 44 -6.03 -20.81 12.10
CA GLU A 44 -5.06 -20.59 13.16
C GLU A 44 -3.64 -20.64 12.62
N ASP A 45 -3.44 -21.44 11.57
CA ASP A 45 -2.12 -21.59 10.95
C ASP A 45 -1.78 -20.35 10.12
N THR A 46 -2.80 -19.70 9.58
CA THR A 46 -2.61 -18.51 8.77
C THR A 46 -2.43 -17.27 9.63
N GLU A 47 -1.18 -16.85 9.81
CA GLU A 47 -0.88 -15.67 10.62
C GLU A 47 -1.66 -14.46 10.13
N SER A 48 -2.40 -13.83 11.04
CA SER A 48 -3.20 -12.66 10.70
C SER A 48 -2.33 -11.58 10.07
N PHE A 49 -2.97 -10.51 9.60
CA PHE A 49 -2.25 -9.40 8.98
C PHE A 49 -2.47 -8.10 9.75
N THR A 50 -3.69 -7.93 10.27
CA THR A 50 -4.02 -6.73 11.03
C THR A 50 -3.96 -5.48 10.14
N VAL A 51 -4.63 -4.43 10.58
CA VAL A 51 -4.64 -3.17 9.84
C VAL A 51 -4.23 -2.00 10.72
N TYR A 52 -3.84 -0.90 10.10
CA TYR A 52 -3.41 0.29 10.83
C TYR A 52 -4.07 1.54 10.25
N LEU A 53 -3.79 2.68 10.86
CA LEU A 53 -4.34 3.96 10.40
C LEU A 53 -3.33 4.72 9.56
N ARG A 54 -3.79 5.24 8.42
CA ARG A 54 -2.92 5.99 7.52
C ARG A 54 -2.33 7.20 8.24
N SER A 55 -3.08 7.76 9.19
CA SER A 55 -2.63 8.91 9.93
C SER A 55 -1.48 8.55 10.87
N ASP A 56 -1.54 7.34 11.42
CA ASP A 56 -0.50 6.87 12.34
C ASP A 56 0.79 6.58 11.59
N VAL A 57 0.70 5.76 10.55
CA VAL A 57 1.87 5.40 9.75
C VAL A 57 2.55 6.64 9.19
N GLU A 58 1.75 7.66 8.85
CA GLU A 58 2.29 8.90 8.31
C GLU A 58 3.38 9.47 9.21
N ALA A 59 3.01 9.76 10.45
CA ALA A 59 3.97 10.32 11.41
C ALA A 59 5.10 9.33 11.69
N LYS A 60 4.77 8.04 11.71
CA LYS A 60 5.76 7.00 11.96
C LYS A 60 6.89 7.07 10.95
N SER A 61 6.60 7.61 9.76
CA SER A 61 7.58 7.74 8.70
C SER A 61 8.43 9.00 8.90
N LEU A 62 7.85 9.99 9.56
CA LEU A 62 8.55 11.24 9.82
C LEU A 62 9.48 11.11 11.03
N GLU A 63 9.07 10.32 12.00
CA GLU A 63 9.87 10.10 13.20
C GLU A 63 11.08 9.21 12.90
N VAL A 64 10.95 8.38 11.87
CA VAL A 64 12.02 7.47 11.48
C VAL A 64 12.95 8.13 10.47
N TRP A 65 12.47 8.27 9.24
CA TRP A 65 13.25 8.88 8.17
C TRP A 65 13.63 10.32 8.52
N GLY A 66 12.81 10.94 9.37
CA GLY A 66 13.07 12.31 9.77
C GLY A 66 12.09 13.29 9.17
N SER A 67 11.75 13.07 7.90
CA SER A 67 10.80 13.95 7.21
C SER A 67 10.13 13.21 6.05
N PRO A 68 8.98 13.75 5.61
CA PRO A 68 8.21 13.17 4.51
C PRO A 68 8.92 13.29 3.16
N GLU A 69 9.88 14.21 3.09
CA GLU A 69 10.64 14.43 1.87
C GLU A 69 11.64 13.30 1.63
N ALA A 70 12.18 12.76 2.70
CA ALA A 70 13.14 11.67 2.61
C ALA A 70 12.50 10.42 2.05
N LEU A 71 11.28 10.12 2.50
CA LEU A 71 10.56 8.94 2.05
C LEU A 71 10.07 9.12 0.62
N ALA A 72 9.60 10.33 0.31
CA ALA A 72 9.11 10.63 -1.03
C ALA A 72 10.15 10.30 -2.09
N ARG A 73 11.42 10.44 -1.73
CA ARG A 73 12.52 10.15 -2.65
C ARG A 73 12.44 8.71 -3.15
N GLU A 74 11.97 7.82 -2.27
CA GLU A 74 11.86 6.40 -2.62
C GLU A 74 10.49 6.10 -3.23
N LYS A 75 9.49 6.88 -2.83
CA LYS A 75 8.14 6.71 -3.33
C LYS A 75 8.06 6.99 -4.83
N LYS A 76 8.79 8.01 -5.27
CA LYS A 76 8.81 8.37 -6.67
C LYS A 76 9.24 7.19 -7.54
N LEU A 77 10.38 6.60 -7.21
CA LEU A 77 10.89 5.45 -7.95
C LEU A 77 9.90 4.29 -7.92
N ARG A 78 9.48 3.92 -6.71
CA ARG A 78 8.53 2.82 -6.54
C ARG A 78 7.27 3.06 -7.37
N LYS A 79 6.82 4.31 -7.41
CA LYS A 79 5.63 4.67 -8.16
C LYS A 79 5.78 4.30 -9.63
N GLU A 80 6.80 4.84 -10.28
CA GLU A 80 7.05 4.56 -11.69
C GLU A 80 7.12 3.05 -11.94
N ALA A 81 7.62 2.33 -10.95
CA ALA A 81 7.74 0.88 -11.06
C ALA A 81 6.38 0.21 -11.17
N GLU A 82 5.47 0.59 -10.28
CA GLU A 82 4.12 0.03 -10.28
C GLU A 82 3.43 0.26 -11.63
N ILE A 83 3.63 1.45 -12.19
CA ILE A 83 3.03 1.80 -13.47
C ILE A 83 3.55 0.89 -14.58
N GLU A 84 4.85 0.59 -14.55
CA GLU A 84 5.47 -0.27 -15.54
C GLU A 84 4.88 -1.67 -15.49
N TYR A 85 4.40 -2.06 -14.31
CA TYR A 85 3.82 -3.38 -14.12
C TYR A 85 2.34 -3.39 -14.50
N ARG A 86 1.56 -2.55 -13.82
CA ARG A 86 0.13 -2.46 -14.09
C ARG A 86 -0.14 -2.09 -15.55
N GLU A 87 0.86 -1.49 -16.19
CA GLU A 87 0.73 -1.09 -17.58
C GLU A 87 0.28 -2.26 -18.44
N ARG A 88 0.72 -3.46 -18.08
CA ARG A 88 0.36 -4.67 -18.82
C ARG A 88 -0.96 -5.25 -18.30
N LEU A 89 -1.29 -4.93 -17.05
CA LEU A 89 -2.52 -5.43 -16.44
C LEU A 89 -3.74 -4.85 -17.15
N PHE A 90 -3.59 -3.66 -17.72
CA PHE A 90 -4.68 -3.00 -18.43
C PHE A 90 -5.27 -3.91 -19.50
N ARG A 91 -4.43 -4.79 -20.03
CA ARG A 91 -4.87 -5.73 -21.06
C ARG A 91 -5.99 -6.63 -20.55
N ASN A 92 -5.95 -6.92 -19.25
CA ASN A 92 -6.95 -7.78 -18.64
C ASN A 92 -7.98 -6.95 -17.86
N GLN A 93 -7.48 -6.12 -16.95
CA GLN A 93 -8.35 -5.27 -16.14
C GLN A 93 -9.31 -6.11 -15.31
N LYS A 94 -8.93 -6.40 -14.08
CA LYS A 94 -9.76 -7.19 -13.18
C LYS A 94 -9.96 -8.60 -13.72
N ILE A 95 -9.25 -9.56 -13.15
CA ILE A 95 -9.35 -10.95 -13.58
C ILE A 95 -10.79 -11.43 -13.56
N LEU A 96 -11.57 -10.88 -12.63
CA LEU A 96 -12.98 -11.24 -12.51
C LEU A 96 -13.13 -12.73 -12.15
N ARG A 97 -12.55 -13.10 -11.02
CA ARG A 97 -12.61 -14.49 -10.56
C ARG A 97 -13.67 -14.65 -9.47
N GLU A 98 -14.01 -15.90 -9.17
CA GLU A 98 -15.02 -16.20 -8.15
C GLU A 98 -14.51 -15.83 -6.76
N TYR A 99 -15.32 -16.10 -5.76
CA TYR A 99 -14.95 -15.81 -4.37
C TYR A 99 -14.81 -17.08 -3.56
N ARG A 100 -13.81 -17.12 -2.68
CA ARG A 100 -13.56 -18.28 -1.84
C ARG A 100 -14.14 -18.08 -0.44
N ASP A 101 -14.17 -16.82 0.00
CA ASP A 101 -14.71 -16.49 1.31
C ASP A 101 -16.14 -16.01 1.21
N GLY A 1 -7.15 -17.17 -1.13
CA GLY A 1 -7.54 -17.31 0.26
C GLY A 1 -7.85 -15.99 0.93
N SER A 2 -7.26 -15.76 2.10
CA SER A 2 -7.49 -14.53 2.84
C SER A 2 -6.22 -14.12 3.58
N SER A 3 -5.70 -12.94 3.23
CA SER A 3 -4.48 -12.43 3.87
C SER A 3 -4.80 -11.21 4.73
N GLY A 4 -5.72 -10.38 4.26
CA GLY A 4 -6.11 -9.20 5.00
C GLY A 4 -7.44 -8.64 4.55
N SER A 5 -7.41 -7.47 3.92
CA SER A 5 -8.62 -6.82 3.44
C SER A 5 -8.41 -6.22 2.05
N SER A 6 -9.38 -6.44 1.17
CA SER A 6 -9.29 -5.92 -0.20
C SER A 6 -10.60 -6.16 -0.95
N GLY A 7 -10.60 -5.86 -2.25
CA GLY A 7 -11.78 -6.06 -3.06
C GLY A 7 -12.51 -4.76 -3.33
N LYS A 8 -13.45 -4.42 -2.45
CA LYS A 8 -14.22 -3.19 -2.61
C LYS A 8 -13.92 -2.21 -1.47
N TYR A 9 -14.23 -0.93 -1.70
CA TYR A 9 -13.99 0.10 -0.70
C TYR A 9 -15.11 1.13 -0.70
N THR A 10 -15.93 1.11 0.35
CA THR A 10 -17.05 2.03 0.47
C THR A 10 -16.69 3.19 1.39
N GLN A 11 -16.60 2.91 2.68
CA GLN A 11 -16.28 3.92 3.68
C GLN A 11 -15.29 3.38 4.71
N ASN A 12 -14.29 2.65 4.24
CA ASN A 12 -13.28 2.08 5.12
C ASN A 12 -11.96 2.81 4.99
N ASN A 13 -11.43 3.29 6.12
CA ASN A 13 -10.16 4.01 6.13
C ASN A 13 -9.14 3.31 7.02
N PHE A 14 -8.69 2.14 6.60
CA PHE A 14 -7.71 1.38 7.35
C PHE A 14 -6.72 0.68 6.42
N ILE A 15 -5.44 0.71 6.80
CA ILE A 15 -4.39 0.09 6.01
C ILE A 15 -3.75 -1.08 6.76
N THR A 16 -3.47 -2.16 6.03
CA THR A 16 -2.85 -3.34 6.63
C THR A 16 -1.45 -3.02 7.15
N GLY A 17 -0.98 -3.85 8.08
CA GLY A 17 0.34 -3.64 8.65
C GLY A 17 1.45 -3.93 7.66
N VAL A 18 1.51 -5.16 7.18
CA VAL A 18 2.53 -5.56 6.23
C VAL A 18 2.57 -4.61 5.03
N ARG A 19 1.42 -4.07 4.67
CA ARG A 19 1.32 -3.15 3.55
C ARG A 19 2.04 -1.85 3.86
N ALA A 20 1.80 -1.31 5.05
CA ALA A 20 2.43 -0.05 5.46
C ALA A 20 3.93 -0.23 5.64
N ILE A 21 4.34 -1.42 6.08
CA ILE A 21 5.75 -1.71 6.29
C ILE A 21 6.49 -1.83 4.95
N ASN A 22 5.75 -2.17 3.91
CA ASN A 22 6.33 -2.33 2.58
C ASN A 22 6.23 -1.02 1.80
N GLU A 23 5.21 -0.23 2.10
CA GLU A 23 5.00 1.05 1.42
C GLU A 23 5.82 2.15 2.09
N PHE A 24 5.54 2.39 3.38
CA PHE A 24 6.24 3.43 4.13
C PHE A 24 7.66 2.99 4.45
N CYS A 25 7.93 1.70 4.32
CA CYS A 25 9.25 1.15 4.60
C CYS A 25 9.66 1.43 6.05
N LEU A 26 9.03 0.71 6.98
CA LEU A 26 9.34 0.88 8.39
C LEU A 26 9.79 -0.44 9.02
N LYS A 27 9.93 -0.45 10.33
CA LYS A 27 10.36 -1.64 11.05
C LYS A 27 9.16 -2.44 11.56
N SER A 28 9.39 -3.70 11.92
CA SER A 28 8.33 -4.56 12.41
C SER A 28 7.84 -4.08 13.78
N SER A 29 8.79 -3.74 14.65
CA SER A 29 8.46 -3.27 16.00
C SER A 29 7.82 -1.90 15.94
N ASP A 30 8.18 -1.11 14.94
CA ASP A 30 7.64 0.23 14.78
C ASP A 30 6.12 0.20 14.72
N LEU A 31 5.59 -0.56 13.76
CA LEU A 31 4.14 -0.67 13.60
C LEU A 31 3.47 -1.13 14.90
N GLU A 32 4.08 -2.10 15.56
CA GLU A 32 3.55 -2.62 16.81
C GLU A 32 3.34 -1.49 17.82
N GLN A 33 4.17 -0.47 17.74
CA GLN A 33 4.07 0.67 18.64
C GLN A 33 2.74 1.40 18.46
N LEU A 34 2.30 1.52 17.21
CA LEU A 34 1.04 2.18 16.91
C LEU A 34 -0.14 1.42 17.50
N ARG A 35 -1.24 2.13 17.74
CA ARG A 35 -2.43 1.52 18.31
C ARG A 35 -2.84 0.29 17.50
N LYS A 36 -3.10 -0.81 18.22
CA LYS A 36 -3.51 -2.05 17.57
C LYS A 36 -5.03 -2.12 17.42
N ILE A 37 -5.57 -1.27 16.55
CA ILE A 37 -7.00 -1.24 16.32
C ILE A 37 -7.53 -2.61 15.91
N ARG A 38 -8.55 -3.09 16.61
CA ARG A 38 -9.14 -4.39 16.31
C ARG A 38 -10.47 -4.23 15.58
N ARG A 39 -10.48 -4.55 14.30
CA ARG A 39 -11.68 -4.44 13.48
C ARG A 39 -12.48 -5.74 13.51
N ARG A 40 -13.80 -5.62 13.48
CA ARG A 40 -14.68 -6.78 13.52
C ARG A 40 -15.24 -7.07 12.12
N SER A 41 -15.87 -8.23 11.98
CA SER A 41 -16.45 -8.63 10.70
C SER A 41 -17.70 -9.47 10.91
N PRO A 42 -18.53 -9.56 9.87
CA PRO A 42 -19.78 -10.33 9.91
C PRO A 42 -19.53 -11.84 9.96
N HIS A 43 -18.63 -12.32 9.11
CA HIS A 43 -18.30 -13.73 9.06
C HIS A 43 -17.09 -13.97 8.17
N GLU A 44 -16.15 -13.03 8.18
CA GLU A 44 -14.94 -13.15 7.37
C GLU A 44 -13.69 -13.04 8.23
N ASP A 45 -12.56 -13.47 7.69
CA ASP A 45 -11.30 -13.42 8.41
C ASP A 45 -11.34 -14.30 9.66
N THR A 46 -10.89 -15.54 9.51
CA THR A 46 -10.89 -16.48 10.63
C THR A 46 -10.01 -15.98 11.78
N GLU A 47 -8.99 -15.19 11.43
CA GLU A 47 -8.08 -14.65 12.43
C GLU A 47 -8.41 -13.19 12.72
N SER A 48 -8.27 -12.80 13.99
CA SER A 48 -8.56 -11.43 14.40
C SER A 48 -7.73 -10.43 13.60
N PHE A 49 -6.43 -10.69 13.50
CA PHE A 49 -5.52 -9.81 12.78
C PHE A 49 -5.53 -8.41 13.37
N THR A 50 -4.63 -7.57 12.87
CA THR A 50 -4.53 -6.19 13.35
C THR A 50 -4.37 -5.21 12.20
N VAL A 51 -4.75 -3.96 12.44
CA VAL A 51 -4.66 -2.93 11.41
C VAL A 51 -4.29 -1.58 12.02
N TYR A 52 -3.89 -0.64 11.17
CA TYR A 52 -3.51 0.69 11.63
C TYR A 52 -4.18 1.77 10.80
N LEU A 53 -3.93 3.03 11.15
CA LEU A 53 -4.53 4.15 10.44
C LEU A 53 -3.51 4.78 9.48
N ARG A 54 -3.98 5.06 8.26
CA ARG A 54 -3.12 5.66 7.24
C ARG A 54 -2.49 6.94 7.76
N SER A 55 -3.23 7.70 8.55
CA SER A 55 -2.75 8.95 9.11
C SER A 55 -1.75 8.70 10.22
N ASP A 56 -1.90 7.57 10.91
CA ASP A 56 -1.00 7.21 12.00
C ASP A 56 0.35 6.74 11.47
N VAL A 57 0.31 5.96 10.39
CA VAL A 57 1.53 5.44 9.78
C VAL A 57 2.39 6.58 9.21
N GLU A 58 1.73 7.64 8.77
CA GLU A 58 2.43 8.79 8.20
C GLU A 58 3.47 9.32 9.18
N ALA A 59 3.01 9.73 10.36
CA ALA A 59 3.90 10.27 11.39
C ALA A 59 5.05 9.31 11.67
N LYS A 60 4.73 8.02 11.79
CA LYS A 60 5.73 7.00 12.06
C LYS A 60 6.84 7.03 11.02
N SER A 61 6.51 7.51 9.82
CA SER A 61 7.47 7.60 8.74
C SER A 61 8.33 8.85 8.87
N LEU A 62 7.77 9.88 9.52
CA LEU A 62 8.48 11.14 9.71
C LEU A 62 9.38 11.07 10.94
N GLU A 63 8.94 10.33 11.95
CA GLU A 63 9.70 10.18 13.18
C GLU A 63 10.91 9.28 12.97
N VAL A 64 10.82 8.40 11.98
CA VAL A 64 11.90 7.47 11.67
C VAL A 64 12.84 8.07 10.62
N TRP A 65 12.38 8.11 9.38
CA TRP A 65 13.18 8.65 8.29
C TRP A 65 13.54 10.11 8.54
N GLY A 66 12.66 10.82 9.24
CA GLY A 66 12.91 12.22 9.55
C GLY A 66 11.94 13.14 8.84
N SER A 67 11.64 12.82 7.58
CA SER A 67 10.73 13.64 6.79
C SER A 67 10.06 12.81 5.70
N PRO A 68 8.93 13.30 5.17
CA PRO A 68 8.18 12.62 4.12
C PRO A 68 8.91 12.61 2.78
N GLU A 69 9.88 13.51 2.65
CA GLU A 69 10.65 13.61 1.42
C GLU A 69 11.61 12.44 1.28
N ALA A 70 12.20 12.03 2.41
CA ALA A 70 13.13 10.91 2.42
C ALA A 70 12.51 9.65 1.83
N LEU A 71 11.27 9.37 2.22
CA LEU A 71 10.55 8.20 1.72
C LEU A 71 10.06 8.43 0.29
N ALA A 72 9.60 9.64 0.01
CA ALA A 72 9.12 9.98 -1.32
C ALA A 72 10.17 9.67 -2.38
N ARG A 73 11.43 9.75 -2.00
CA ARG A 73 12.53 9.47 -2.92
C ARG A 73 12.39 8.10 -3.54
N GLU A 74 12.09 7.10 -2.71
CA GLU A 74 11.94 5.73 -3.18
C GLU A 74 10.56 5.53 -3.81
N LYS A 75 9.54 6.12 -3.20
CA LYS A 75 8.18 6.01 -3.70
C LYS A 75 8.09 6.43 -5.16
N LYS A 76 8.79 7.51 -5.49
CA LYS A 76 8.80 8.02 -6.86
C LYS A 76 9.18 6.93 -7.84
N LEU A 77 10.16 6.12 -7.47
CA LEU A 77 10.63 5.03 -8.33
C LEU A 77 9.52 3.99 -8.52
N ARG A 78 9.02 3.46 -7.40
CA ARG A 78 7.97 2.46 -7.45
C ARG A 78 6.76 2.97 -8.23
N LYS A 79 6.58 4.28 -8.24
CA LYS A 79 5.47 4.90 -8.94
C LYS A 79 5.67 4.84 -10.45
N GLU A 80 6.81 5.36 -10.91
CA GLU A 80 7.13 5.37 -12.33
C GLU A 80 7.24 3.94 -12.87
N ALA A 81 7.72 3.04 -12.02
CA ALA A 81 7.88 1.64 -12.41
C ALA A 81 6.56 1.03 -12.86
N GLU A 82 5.47 1.42 -12.18
CA GLU A 82 4.15 0.93 -12.50
C GLU A 82 3.63 1.55 -13.79
N ILE A 83 3.90 2.84 -13.96
CA ILE A 83 3.47 3.56 -15.16
C ILE A 83 4.15 3.02 -16.41
N GLU A 84 5.45 2.75 -16.29
CA GLU A 84 6.23 2.24 -17.42
C GLU A 84 5.76 0.82 -17.78
N TYR A 85 5.32 0.07 -16.78
CA TYR A 85 4.85 -1.29 -17.00
C TYR A 85 3.49 -1.30 -17.69
N ARG A 86 2.52 -0.63 -17.09
CA ARG A 86 1.17 -0.58 -17.65
C ARG A 86 1.19 0.15 -18.99
N GLU A 87 2.16 1.03 -19.19
CA GLU A 87 2.28 1.78 -20.42
C GLU A 87 2.34 0.85 -21.62
N ARG A 88 3.43 0.07 -21.70
CA ARG A 88 3.62 -0.87 -22.79
C ARG A 88 2.47 -1.87 -22.87
N LEU A 89 1.89 -2.18 -21.71
CA LEU A 89 0.79 -3.12 -21.64
C LEU A 89 -0.35 -2.70 -22.56
N PHE A 90 -0.85 -1.49 -22.37
CA PHE A 90 -1.93 -0.96 -23.19
C PHE A 90 -1.54 -0.93 -24.67
N ARG A 91 -0.33 -0.44 -24.93
CA ARG A 91 0.16 -0.35 -26.30
C ARG A 91 0.07 -1.70 -27.00
N ASN A 92 0.29 -2.78 -26.24
CA ASN A 92 0.23 -4.12 -26.79
C ASN A 92 -1.15 -4.41 -27.38
N GLN A 93 -2.19 -3.88 -26.72
CA GLN A 93 -3.55 -4.08 -27.17
C GLN A 93 -3.80 -3.38 -28.51
N LYS A 94 -3.05 -2.32 -28.76
CA LYS A 94 -3.19 -1.57 -30.01
C LYS A 94 -4.61 -1.02 -30.17
N ILE A 95 -4.80 0.24 -29.80
CA ILE A 95 -6.10 0.89 -29.91
C ILE A 95 -6.63 0.81 -31.34
N LEU A 96 -5.72 0.76 -32.30
CA LEU A 96 -6.09 0.68 -33.70
C LEU A 96 -6.90 1.91 -34.12
N ARG A 97 -6.21 2.91 -34.66
CA ARG A 97 -6.85 4.14 -35.10
C ARG A 97 -6.17 4.70 -36.35
N GLU A 98 -6.97 5.02 -37.36
CA GLU A 98 -6.44 5.57 -38.60
C GLU A 98 -5.75 6.91 -38.37
N TYR A 99 -4.80 7.24 -39.24
CA TYR A 99 -4.07 8.49 -39.11
C TYR A 99 -5.01 9.68 -39.03
N ARG A 100 -4.75 10.58 -38.10
CA ARG A 100 -5.58 11.76 -37.91
C ARG A 100 -5.40 12.74 -39.06
N ASP A 101 -6.39 13.60 -39.25
CA ASP A 101 -6.34 14.59 -40.33
C ASP A 101 -6.08 13.92 -41.67
N GLY A 1 4.19 -6.20 -6.67
CA GLY A 1 2.95 -5.44 -6.64
C GLY A 1 2.15 -5.59 -7.92
N SER A 2 0.83 -5.72 -7.78
CA SER A 2 -0.04 -5.88 -8.94
C SER A 2 -1.41 -5.25 -8.67
N SER A 3 -1.76 -4.24 -9.46
CA SER A 3 -3.03 -3.56 -9.31
C SER A 3 -3.33 -2.69 -10.53
N GLY A 4 -2.59 -1.59 -10.67
CA GLY A 4 -2.78 -0.70 -11.79
C GLY A 4 -2.83 0.76 -11.36
N SER A 5 -3.39 1.01 -10.18
CA SER A 5 -3.50 2.37 -9.66
C SER A 5 -2.69 2.53 -8.37
N SER A 6 -3.17 1.92 -7.30
CA SER A 6 -2.49 1.99 -6.01
C SER A 6 -3.17 1.10 -4.98
N GLY A 7 -4.48 1.26 -4.84
CA GLY A 7 -5.23 0.46 -3.89
C GLY A 7 -5.44 1.17 -2.57
N LYS A 8 -6.61 1.79 -2.41
CA LYS A 8 -6.94 2.51 -1.20
C LYS A 8 -8.27 2.04 -0.63
N TYR A 9 -8.51 0.73 -0.68
CA TYR A 9 -9.74 0.15 -0.17
C TYR A 9 -9.45 -0.94 0.85
N THR A 10 -10.23 -0.96 1.92
CA THR A 10 -10.05 -1.95 2.98
C THR A 10 -11.34 -2.14 3.78
N GLN A 11 -11.73 -1.12 4.52
CA GLN A 11 -12.95 -1.18 5.33
C GLN A 11 -13.56 0.21 5.49
N ASN A 12 -12.92 1.04 6.31
CA ASN A 12 -13.42 2.39 6.55
C ASN A 12 -12.29 3.41 6.36
N ASN A 13 -11.17 3.19 7.04
CA ASN A 13 -10.03 4.10 6.95
C ASN A 13 -8.82 3.52 7.67
N PHE A 14 -8.72 2.20 7.67
CA PHE A 14 -7.61 1.51 8.34
C PHE A 14 -6.69 0.86 7.31
N ILE A 15 -5.39 0.83 7.63
CA ILE A 15 -4.41 0.23 6.73
C ILE A 15 -3.76 -0.99 7.37
N THR A 16 -3.59 -2.05 6.58
CA THR A 16 -2.99 -3.29 7.06
C THR A 16 -1.56 -3.05 7.53
N GLY A 17 -1.09 -3.88 8.46
CA GLY A 17 0.26 -3.74 8.98
C GLY A 17 1.30 -3.84 7.88
N VAL A 18 1.41 -5.01 7.27
CA VAL A 18 2.39 -5.23 6.21
C VAL A 18 2.25 -4.17 5.12
N ARG A 19 1.02 -3.83 4.76
CA ARG A 19 0.77 -2.83 3.74
C ARG A 19 1.46 -1.52 4.08
N ALA A 20 1.65 -1.28 5.37
CA ALA A 20 2.30 -0.05 5.82
C ALA A 20 3.81 -0.25 5.94
N ILE A 21 4.21 -1.37 6.54
CA ILE A 21 5.63 -1.67 6.71
C ILE A 21 6.35 -1.77 5.37
N ASN A 22 5.58 -2.08 4.32
CA ASN A 22 6.15 -2.20 2.99
C ASN A 22 6.11 -0.86 2.26
N GLU A 23 4.95 -0.23 2.26
CA GLU A 23 4.78 1.07 1.60
C GLU A 23 5.66 2.13 2.26
N PHE A 24 5.41 2.36 3.55
CA PHE A 24 6.18 3.35 4.31
C PHE A 24 7.61 2.88 4.53
N CYS A 25 7.84 1.60 4.33
CA CYS A 25 9.18 1.03 4.50
C CYS A 25 9.69 1.27 5.92
N LEU A 26 8.99 0.70 6.90
CA LEU A 26 9.38 0.86 8.29
C LEU A 26 9.78 -0.48 8.90
N LYS A 27 9.98 -0.49 10.22
CA LYS A 27 10.36 -1.71 10.92
C LYS A 27 9.13 -2.47 11.41
N SER A 28 9.24 -3.81 11.44
CA SER A 28 8.14 -4.65 11.88
C SER A 28 7.78 -4.36 13.34
N SER A 29 8.77 -3.91 14.11
CA SER A 29 8.57 -3.60 15.52
C SER A 29 7.98 -2.21 15.69
N ASP A 30 8.31 -1.32 14.77
CA ASP A 30 7.82 0.06 14.81
C ASP A 30 6.30 0.09 14.85
N LEU A 31 5.67 -0.66 13.94
CA LEU A 31 4.21 -0.72 13.87
C LEU A 31 3.62 -1.15 15.21
N GLU A 32 4.22 -2.17 15.81
CA GLU A 32 3.75 -2.67 17.10
C GLU A 32 3.68 -1.56 18.13
N GLN A 33 4.55 -0.56 17.98
CA GLN A 33 4.59 0.57 18.90
C GLN A 33 3.32 1.40 18.80
N LEU A 34 2.78 1.51 17.59
CA LEU A 34 1.55 2.28 17.35
C LEU A 34 0.37 1.64 18.07
N ARG A 35 -0.80 2.24 17.92
CA ARG A 35 -2.01 1.73 18.54
C ARG A 35 -2.54 0.50 17.80
N LYS A 36 -2.66 -0.61 18.51
CA LYS A 36 -3.16 -1.84 17.90
C LYS A 36 -4.67 -1.78 17.70
N ILE A 37 -5.08 -1.47 16.48
CA ILE A 37 -6.50 -1.38 16.14
C ILE A 37 -7.13 -2.77 16.03
N ARG A 38 -7.77 -3.20 17.10
CA ARG A 38 -8.42 -4.51 17.13
C ARG A 38 -9.87 -4.41 16.65
N ARG A 39 -10.30 -5.40 15.88
CA ARG A 39 -11.65 -5.44 15.35
C ARG A 39 -12.19 -6.86 15.31
N ARG A 40 -11.54 -7.71 14.53
CA ARG A 40 -11.96 -9.10 14.40
C ARG A 40 -12.10 -9.75 15.77
N SER A 41 -13.30 -10.24 16.07
CA SER A 41 -13.57 -10.88 17.35
C SER A 41 -13.04 -12.31 17.37
N PRO A 42 -12.85 -12.85 18.57
CA PRO A 42 -12.34 -14.22 18.76
C PRO A 42 -13.36 -15.27 18.32
N HIS A 43 -13.12 -15.86 17.15
CA HIS A 43 -14.01 -16.89 16.62
C HIS A 43 -13.21 -18.06 16.04
N GLU A 44 -12.42 -17.78 15.01
CA GLU A 44 -11.61 -18.81 14.37
C GLU A 44 -10.32 -19.04 15.14
N ASP A 45 -9.81 -17.97 15.75
CA ASP A 45 -8.57 -18.04 16.52
C ASP A 45 -7.45 -18.68 15.70
N THR A 46 -7.11 -18.03 14.59
CA THR A 46 -6.05 -18.51 13.71
C THR A 46 -5.75 -17.51 12.60
N GLU A 47 -6.80 -16.88 12.07
CA GLU A 47 -6.64 -15.90 11.01
C GLU A 47 -7.16 -14.53 11.45
N SER A 48 -6.24 -13.65 11.84
CA SER A 48 -6.59 -12.31 12.30
C SER A 48 -5.36 -11.43 12.41
N PHE A 49 -5.41 -10.26 11.78
CA PHE A 49 -4.31 -9.32 11.81
C PHE A 49 -4.74 -7.99 12.43
N THR A 50 -3.76 -7.23 12.92
CA THR A 50 -4.03 -5.94 13.54
C THR A 50 -3.75 -4.80 12.56
N VAL A 51 -4.80 -4.06 12.21
CA VAL A 51 -4.68 -2.94 11.28
C VAL A 51 -4.17 -1.69 12.00
N TYR A 52 -4.02 -0.60 11.26
CA TYR A 52 -3.54 0.65 11.82
C TYR A 52 -4.24 1.84 11.17
N LEU A 53 -3.91 3.03 11.64
CA LEU A 53 -4.51 4.25 11.10
C LEU A 53 -3.55 4.96 10.15
N ARG A 54 -4.00 5.16 8.91
CA ARG A 54 -3.18 5.82 7.90
C ARG A 54 -2.68 7.17 8.40
N SER A 55 -3.45 7.78 9.29
CA SER A 55 -3.09 9.08 9.85
C SER A 55 -1.93 8.95 10.84
N ASP A 56 -1.88 7.82 11.52
CA ASP A 56 -0.82 7.57 12.50
C ASP A 56 0.46 7.12 11.80
N VAL A 57 0.34 6.14 10.91
CA VAL A 57 1.48 5.62 10.18
C VAL A 57 2.19 6.73 9.40
N GLU A 58 1.44 7.77 9.06
CA GLU A 58 1.99 8.89 8.31
C GLU A 58 3.15 9.53 9.07
N ALA A 59 2.94 9.79 10.35
CA ALA A 59 3.98 10.40 11.19
C ALA A 59 5.10 9.41 11.46
N LYS A 60 4.75 8.14 11.59
CA LYS A 60 5.74 7.09 11.85
C LYS A 60 6.82 7.09 10.78
N SER A 61 6.47 7.55 9.59
CA SER A 61 7.42 7.61 8.48
C SER A 61 8.30 8.85 8.57
N LEU A 62 7.78 9.89 9.21
CA LEU A 62 8.52 11.14 9.36
C LEU A 62 9.47 11.06 10.56
N GLU A 63 9.06 10.33 11.59
CA GLU A 63 9.87 10.18 12.80
C GLU A 63 11.04 9.24 12.54
N VAL A 64 10.89 8.35 11.56
CA VAL A 64 11.94 7.40 11.22
C VAL A 64 12.85 7.96 10.13
N TRP A 65 12.34 8.02 8.91
CA TRP A 65 13.11 8.53 7.78
C TRP A 65 13.52 9.98 8.02
N GLY A 66 12.74 10.68 8.83
CA GLY A 66 13.04 12.07 9.12
C GLY A 66 12.07 13.03 8.47
N SER A 67 11.70 12.74 7.23
CA SER A 67 10.77 13.58 6.48
C SER A 67 10.04 12.77 5.41
N PRO A 68 8.91 13.30 4.93
CA PRO A 68 8.10 12.64 3.91
C PRO A 68 8.78 12.66 2.54
N GLU A 69 9.74 13.56 2.37
CA GLU A 69 10.47 13.67 1.11
C GLU A 69 11.44 12.51 0.94
N ALA A 70 11.93 11.99 2.06
CA ALA A 70 12.86 10.87 2.03
C ALA A 70 12.18 9.60 1.56
N LEU A 71 11.01 9.31 2.12
CA LEU A 71 10.25 8.12 1.76
C LEU A 71 9.72 8.22 0.33
N ALA A 72 9.29 9.43 -0.05
CA ALA A 72 8.76 9.66 -1.38
C ALA A 72 9.76 9.25 -2.45
N ARG A 73 11.04 9.27 -2.10
CA ARG A 73 12.10 8.91 -3.03
C ARG A 73 11.91 7.48 -3.53
N GLU A 74 11.42 6.60 -2.65
CA GLU A 74 11.19 5.21 -3.00
C GLU A 74 9.79 5.01 -3.57
N LYS A 75 8.86 5.86 -3.14
CA LYS A 75 7.48 5.78 -3.60
C LYS A 75 7.38 6.15 -5.07
N LYS A 76 8.18 7.13 -5.48
CA LYS A 76 8.18 7.58 -6.87
C LYS A 76 8.82 6.53 -7.78
N LEU A 77 9.82 5.84 -7.27
CA LEU A 77 10.51 4.81 -8.03
C LEU A 77 9.54 3.69 -8.45
N ARG A 78 8.91 3.08 -7.46
CA ARG A 78 7.96 2.00 -7.72
C ARG A 78 6.80 2.50 -8.58
N LYS A 79 6.47 3.78 -8.44
CA LYS A 79 5.38 4.38 -9.21
C LYS A 79 5.76 4.52 -10.67
N GLU A 80 6.79 5.32 -10.95
CA GLU A 80 7.24 5.54 -12.31
C GLU A 80 7.57 4.21 -12.99
N ALA A 81 8.05 3.25 -12.21
CA ALA A 81 8.40 1.94 -12.73
C ALA A 81 7.23 1.31 -13.48
N GLU A 82 6.05 1.35 -12.86
CA GLU A 82 4.85 0.78 -13.46
C GLU A 82 4.44 1.59 -14.70
N ILE A 83 4.70 2.88 -14.67
CA ILE A 83 4.36 3.76 -15.78
C ILE A 83 5.21 3.45 -17.01
N GLU A 84 6.51 3.27 -16.80
CA GLU A 84 7.42 2.96 -17.89
C GLU A 84 7.08 1.61 -18.53
N TYR A 85 6.55 0.70 -17.72
CA TYR A 85 6.18 -0.63 -18.21
C TYR A 85 4.89 -0.57 -19.01
N ARG A 86 3.82 -0.12 -18.37
CA ARG A 86 2.52 -0.01 -19.04
C ARG A 86 2.61 0.90 -20.26
N GLU A 87 3.56 1.83 -20.23
CA GLU A 87 3.75 2.77 -21.33
C GLU A 87 4.01 2.03 -22.64
N ARG A 88 5.14 1.35 -22.71
CA ARG A 88 5.51 0.61 -23.91
C ARG A 88 4.47 -0.45 -24.24
N LEU A 89 3.75 -0.91 -23.21
CA LEU A 89 2.72 -1.91 -23.38
C LEU A 89 1.72 -1.50 -24.46
N PHE A 90 1.47 -0.20 -24.54
CA PHE A 90 0.53 0.34 -25.52
C PHE A 90 1.10 0.21 -26.93
N ARG A 91 2.40 0.41 -27.06
CA ARG A 91 3.06 0.32 -28.36
C ARG A 91 3.11 -1.12 -28.84
N ASN A 92 3.28 -2.05 -27.90
CA ASN A 92 3.34 -3.47 -28.24
C ASN A 92 1.99 -3.98 -28.70
N GLN A 93 0.92 -3.33 -28.24
CA GLN A 93 -0.43 -3.72 -28.60
C GLN A 93 -0.73 -3.34 -30.06
N LYS A 94 -0.23 -2.19 -30.48
CA LYS A 94 -0.43 -1.72 -31.85
C LYS A 94 0.33 -0.42 -32.10
N ILE A 95 1.04 -0.38 -33.22
CA ILE A 95 1.83 0.80 -33.58
C ILE A 95 0.96 2.04 -33.60
N LEU A 96 -0.33 1.86 -33.86
CA LEU A 96 -1.27 2.97 -33.90
C LEU A 96 -0.88 3.98 -34.97
N ARG A 97 -0.48 3.47 -36.14
CA ARG A 97 -0.08 4.32 -37.25
C ARG A 97 -0.38 3.66 -38.59
N GLU A 98 -0.97 4.41 -39.51
CA GLU A 98 -1.32 3.89 -40.83
C GLU A 98 -1.16 4.98 -41.89
N TYR A 99 -0.23 4.77 -42.80
CA TYR A 99 0.03 5.73 -43.87
C TYR A 99 0.43 7.08 -43.31
N ARG A 100 0.78 8.01 -44.20
CA ARG A 100 1.20 9.34 -43.79
C ARG A 100 0.85 10.36 -44.87
N ASP A 101 -0.03 11.29 -44.55
CA ASP A 101 -0.44 12.34 -45.49
C ASP A 101 -0.98 11.72 -46.77
N GLY A 1 -3.46 -20.41 10.30
CA GLY A 1 -2.20 -20.66 9.62
C GLY A 1 -2.28 -20.36 8.13
N SER A 2 -3.46 -20.60 7.54
CA SER A 2 -3.65 -20.37 6.12
C SER A 2 -4.54 -19.14 5.90
N SER A 3 -5.58 -19.03 6.70
CA SER A 3 -6.51 -17.91 6.60
C SER A 3 -7.21 -17.92 5.24
N GLY A 4 -8.11 -16.96 5.04
CA GLY A 4 -8.85 -16.88 3.79
C GLY A 4 -9.67 -15.61 3.68
N SER A 5 -9.04 -14.52 3.27
CA SER A 5 -9.73 -13.25 3.13
C SER A 5 -10.26 -13.06 1.71
N SER A 6 -11.05 -12.00 1.51
CA SER A 6 -11.61 -11.72 0.19
C SER A 6 -11.40 -10.26 -0.18
N GLY A 7 -11.41 -9.98 -1.49
CA GLY A 7 -11.22 -8.62 -1.95
C GLY A 7 -12.51 -7.81 -1.94
N LYS A 8 -12.47 -6.67 -1.27
CA LYS A 8 -13.63 -5.79 -1.18
C LYS A 8 -13.26 -4.35 -1.47
N TYR A 9 -12.31 -3.82 -0.69
CA TYR A 9 -11.85 -2.44 -0.86
C TYR A 9 -10.37 -2.32 -0.55
N THR A 10 -9.58 -2.03 -1.57
CA THR A 10 -8.14 -1.88 -1.40
C THR A 10 -7.81 -0.90 -0.28
N GLN A 11 -8.55 0.21 -0.24
CA GLN A 11 -8.34 1.22 0.80
C GLN A 11 -9.65 1.92 1.14
N ASN A 12 -9.97 1.98 2.43
CA ASN A 12 -11.18 2.63 2.89
C ASN A 12 -10.89 3.62 4.02
N ASN A 13 -10.61 3.09 5.20
CA ASN A 13 -10.30 3.92 6.36
C ASN A 13 -8.98 3.52 6.99
N PHE A 14 -8.76 2.21 7.12
CA PHE A 14 -7.54 1.69 7.70
C PHE A 14 -6.61 1.14 6.62
N ILE A 15 -5.32 1.02 6.96
CA ILE A 15 -4.34 0.49 6.02
C ILE A 15 -3.70 -0.78 6.55
N THR A 16 -3.60 -1.79 5.69
CA THR A 16 -3.00 -3.07 6.06
C THR A 16 -1.58 -2.88 6.56
N GLY A 17 -1.21 -3.66 7.58
CA GLY A 17 0.13 -3.57 8.13
C GLY A 17 1.20 -3.79 7.10
N VAL A 18 1.21 -4.99 6.50
CA VAL A 18 2.20 -5.33 5.49
C VAL A 18 2.23 -4.29 4.37
N ARG A 19 1.07 -3.66 4.13
CA ARG A 19 0.96 -2.65 3.09
C ARG A 19 1.75 -1.40 3.47
N ALA A 20 1.63 -1.00 4.72
CA ALA A 20 2.34 0.19 5.22
C ALA A 20 3.84 -0.07 5.32
N ILE A 21 4.20 -1.24 5.82
CA ILE A 21 5.59 -1.61 5.98
C ILE A 21 6.32 -1.60 4.65
N ASN A 22 5.57 -1.80 3.57
CA ASN A 22 6.15 -1.82 2.23
C ASN A 22 6.11 -0.43 1.61
N GLU A 23 4.95 0.21 1.65
CA GLU A 23 4.79 1.55 1.09
C GLU A 23 5.68 2.55 1.81
N PHE A 24 5.49 2.65 3.13
CA PHE A 24 6.28 3.57 3.93
C PHE A 24 7.70 3.04 4.12
N CYS A 25 7.89 1.76 3.86
CA CYS A 25 9.20 1.13 4.01
C CYS A 25 9.71 1.27 5.44
N LEU A 26 8.96 0.71 6.38
CA LEU A 26 9.34 0.78 7.79
C LEU A 26 9.73 -0.61 8.32
N LYS A 27 9.96 -0.70 9.62
CA LYS A 27 10.34 -1.96 10.24
C LYS A 27 9.12 -2.69 10.80
N SER A 28 9.32 -3.92 11.24
CA SER A 28 8.24 -4.73 11.78
C SER A 28 7.86 -4.24 13.19
N SER A 29 8.85 -4.17 14.07
CA SER A 29 8.63 -3.73 15.44
C SER A 29 8.04 -2.33 15.47
N ASP A 30 8.34 -1.54 14.44
CA ASP A 30 7.84 -0.18 14.35
C ASP A 30 6.31 -0.16 14.35
N LEU A 31 5.72 -0.84 13.37
CA LEU A 31 4.27 -0.90 13.27
C LEU A 31 3.64 -1.42 14.55
N GLU A 32 4.26 -2.43 15.14
CA GLU A 32 3.76 -3.01 16.38
C GLU A 32 3.63 -1.96 17.47
N GLN A 33 4.51 -0.96 17.43
CA GLN A 33 4.50 0.12 18.40
C GLN A 33 3.23 0.95 18.27
N LEU A 34 2.67 0.98 17.08
CA LEU A 34 1.45 1.73 16.82
C LEU A 34 0.23 1.03 17.42
N ARG A 35 -0.92 1.71 17.38
CA ARG A 35 -2.15 1.15 17.93
C ARG A 35 -2.66 0.01 17.04
N LYS A 36 -2.76 -1.18 17.63
CA LYS A 36 -3.22 -2.35 16.90
C LYS A 36 -4.74 -2.32 16.76
N ILE A 37 -5.21 -1.91 15.58
CA ILE A 37 -6.65 -1.83 15.31
C ILE A 37 -7.22 -3.21 15.01
N ARG A 38 -7.38 -4.02 16.04
CA ARG A 38 -7.92 -5.37 15.89
C ARG A 38 -9.40 -5.32 15.51
N ARG A 39 -9.68 -5.66 14.25
CA ARG A 39 -11.06 -5.66 13.76
C ARG A 39 -11.84 -6.85 14.32
N ARG A 40 -11.31 -8.05 14.13
CA ARG A 40 -11.96 -9.26 14.61
C ARG A 40 -13.31 -9.46 13.93
N SER A 41 -13.96 -10.57 14.24
CA SER A 41 -15.26 -10.89 13.66
C SER A 41 -16.01 -11.91 14.51
N PRO A 42 -17.34 -11.98 14.32
CA PRO A 42 -18.19 -12.92 15.06
C PRO A 42 -17.96 -14.36 14.64
N HIS A 43 -17.90 -14.60 13.33
CA HIS A 43 -17.68 -15.95 12.81
C HIS A 43 -16.24 -16.12 12.37
N GLU A 44 -15.30 -15.76 13.24
CA GLU A 44 -13.88 -15.87 12.94
C GLU A 44 -13.15 -16.65 14.03
N ASP A 45 -12.63 -17.82 13.66
CA ASP A 45 -11.91 -18.66 14.61
C ASP A 45 -10.44 -18.80 14.20
N THR A 46 -9.85 -17.70 13.73
CA THR A 46 -8.46 -17.70 13.31
C THR A 46 -7.90 -16.29 13.25
N GLU A 47 -6.68 -16.12 13.74
CA GLU A 47 -6.03 -14.81 13.74
C GLU A 47 -5.87 -14.28 12.32
N SER A 48 -5.99 -12.96 12.17
CA SER A 48 -5.86 -12.33 10.86
C SER A 48 -5.00 -11.07 10.95
N PHE A 49 -4.50 -10.63 9.81
CA PHE A 49 -3.65 -9.44 9.75
C PHE A 49 -4.35 -8.25 10.41
N THR A 50 -3.57 -7.41 11.09
CA THR A 50 -4.11 -6.24 11.76
C THR A 50 -3.81 -4.97 10.98
N VAL A 51 -4.78 -4.06 10.93
CA VAL A 51 -4.62 -2.79 10.22
C VAL A 51 -4.27 -1.67 11.18
N TYR A 52 -3.80 -0.55 10.63
CA TYR A 52 -3.43 0.60 11.44
C TYR A 52 -4.09 1.87 10.92
N LEU A 53 -3.85 2.98 11.61
CA LEU A 53 -4.42 4.26 11.21
C LEU A 53 -3.54 4.96 10.17
N ARG A 54 -4.13 5.23 9.00
CA ARG A 54 -3.40 5.89 7.92
C ARG A 54 -2.78 7.20 8.40
N SER A 55 -3.42 7.82 9.39
CA SER A 55 -2.93 9.08 9.94
C SER A 55 -1.74 8.85 10.87
N ASP A 56 -1.78 7.75 11.61
CA ASP A 56 -0.71 7.42 12.53
C ASP A 56 0.55 6.99 11.78
N VAL A 57 0.39 6.07 10.84
CA VAL A 57 1.52 5.59 10.05
C VAL A 57 2.16 6.72 9.26
N GLU A 58 1.35 7.71 8.89
CA GLU A 58 1.84 8.86 8.14
C GLU A 58 2.97 9.57 8.89
N ALA A 59 2.85 9.61 10.21
CA ALA A 59 3.85 10.25 11.04
C ALA A 59 4.99 9.29 11.39
N LYS A 60 4.66 8.01 11.47
CA LYS A 60 5.65 6.99 11.79
C LYS A 60 6.81 7.03 10.81
N SER A 61 6.55 7.52 9.60
CA SER A 61 7.58 7.61 8.56
C SER A 61 8.41 8.88 8.74
N LEU A 62 7.81 9.89 9.35
CA LEU A 62 8.49 11.16 9.58
C LEU A 62 9.40 11.08 10.80
N GLU A 63 8.97 10.30 11.80
CA GLU A 63 9.75 10.14 13.02
C GLU A 63 10.95 9.24 12.78
N VAL A 64 10.85 8.37 11.78
CA VAL A 64 11.93 7.45 11.44
C VAL A 64 12.88 8.07 10.43
N TRP A 65 12.43 8.18 9.18
CA TRP A 65 13.25 8.75 8.13
C TRP A 65 13.61 10.19 8.43
N GLY A 66 12.77 10.85 9.24
CA GLY A 66 13.02 12.23 9.60
C GLY A 66 12.09 13.20 8.91
N SER A 67 11.72 12.88 7.68
CA SER A 67 10.81 13.72 6.90
C SER A 67 10.12 12.92 5.80
N PRO A 68 9.00 13.46 5.30
CA PRO A 68 8.22 12.82 4.23
C PRO A 68 8.95 12.82 2.90
N GLU A 69 9.89 13.74 2.75
CA GLU A 69 10.66 13.86 1.52
C GLU A 69 11.61 12.68 1.35
N ALA A 70 12.21 12.25 2.46
CA ALA A 70 13.15 11.13 2.44
C ALA A 70 12.49 9.88 1.85
N LEU A 71 11.24 9.64 2.24
CA LEU A 71 10.50 8.48 1.77
C LEU A 71 10.02 8.69 0.33
N ALA A 72 9.55 9.91 0.04
CA ALA A 72 9.06 10.24 -1.29
C ALA A 72 10.11 9.91 -2.34
N ARG A 73 11.37 10.07 -2.00
CA ARG A 73 12.46 9.79 -2.93
C ARG A 73 12.37 8.36 -3.45
N GLU A 74 11.89 7.46 -2.62
CA GLU A 74 11.75 6.05 -3.00
C GLU A 74 10.38 5.80 -3.64
N LYS A 75 9.36 6.44 -3.08
CA LYS A 75 8.00 6.28 -3.60
C LYS A 75 7.92 6.66 -5.07
N LYS A 76 8.65 7.71 -5.45
CA LYS A 76 8.66 8.18 -6.83
C LYS A 76 9.08 7.05 -7.77
N LEU A 77 10.21 6.43 -7.47
CA LEU A 77 10.71 5.34 -8.30
C LEU A 77 9.75 4.16 -8.30
N ARG A 78 9.37 3.72 -7.11
CA ARG A 78 8.45 2.59 -6.96
C ARG A 78 7.18 2.83 -7.78
N LYS A 79 6.67 4.05 -7.73
CA LYS A 79 5.45 4.41 -8.46
C LYS A 79 5.68 4.31 -9.97
N GLU A 80 6.67 5.05 -10.46
CA GLU A 80 6.99 5.05 -11.87
C GLU A 80 7.21 3.63 -12.39
N ALA A 81 7.77 2.77 -11.52
CA ALA A 81 8.02 1.38 -11.88
C ALA A 81 6.75 0.69 -12.37
N GLU A 82 5.71 0.74 -11.54
CA GLU A 82 4.44 0.12 -11.89
C GLU A 82 3.90 0.68 -13.21
N ILE A 83 3.98 1.99 -13.35
CA ILE A 83 3.50 2.65 -14.57
C ILE A 83 4.24 2.16 -15.79
N GLU A 84 5.57 2.08 -15.69
CA GLU A 84 6.40 1.61 -16.80
C GLU A 84 6.05 0.18 -17.17
N TYR A 85 5.53 -0.58 -16.20
CA TYR A 85 5.15 -1.97 -16.44
C TYR A 85 3.79 -2.07 -17.10
N ARG A 86 2.78 -1.52 -16.44
CA ARG A 86 1.42 -1.54 -16.98
C ARG A 86 1.35 -0.80 -18.31
N GLU A 87 2.26 0.15 -18.51
CA GLU A 87 2.29 0.93 -19.73
C GLU A 87 2.36 0.01 -20.96
N ARG A 88 3.48 -0.68 -21.10
CA ARG A 88 3.67 -1.59 -22.23
C ARG A 88 2.51 -2.57 -22.34
N LEU A 89 1.96 -2.96 -21.19
CA LEU A 89 0.84 -3.90 -21.16
C LEU A 89 -0.39 -3.29 -21.81
N PHE A 90 -0.67 -2.03 -21.49
CA PHE A 90 -1.82 -1.34 -22.05
C PHE A 90 -1.74 -1.27 -23.57
N ARG A 91 -0.52 -1.09 -24.08
CA ARG A 91 -0.30 -1.01 -25.52
C ARG A 91 -0.46 -2.38 -26.17
N ASN A 92 -0.11 -3.43 -25.44
CA ASN A 92 -0.23 -4.79 -25.95
C ASN A 92 -1.69 -5.17 -26.18
N GLN A 93 -2.57 -4.59 -25.38
CA GLN A 93 -4.00 -4.87 -25.50
C GLN A 93 -4.59 -4.18 -26.73
N LYS A 94 -4.64 -2.85 -26.68
CA LYS A 94 -5.19 -2.07 -27.79
C LYS A 94 -4.34 -2.26 -29.05
N ILE A 95 -5.00 -2.63 -30.15
CA ILE A 95 -4.32 -2.84 -31.41
C ILE A 95 -3.83 -1.53 -32.00
N LEU A 96 -4.53 -0.45 -31.68
CA LEU A 96 -4.18 0.88 -32.18
C LEU A 96 -4.23 0.92 -33.70
N ARG A 97 -4.09 2.11 -34.27
CA ARG A 97 -4.12 2.29 -35.71
C ARG A 97 -3.17 3.40 -36.14
N GLU A 98 -2.50 3.21 -37.29
CA GLU A 98 -1.58 4.20 -37.81
C GLU A 98 -2.32 5.40 -38.40
N TYR A 99 -2.23 6.53 -37.70
CA TYR A 99 -2.90 7.75 -38.16
C TYR A 99 -4.40 7.52 -38.32
N ARG A 100 -5.09 8.54 -38.82
CA ARG A 100 -6.53 8.44 -39.02
C ARG A 100 -6.87 8.34 -40.51
N ASP A 101 -8.09 7.93 -40.82
CA ASP A 101 -8.54 7.79 -42.20
C ASP A 101 -7.72 6.74 -42.93
N GLY A 1 1.80 -11.50 0.79
CA GLY A 1 0.83 -12.55 0.53
C GLY A 1 -0.56 -12.01 0.28
N SER A 2 -0.65 -10.75 -0.12
CA SER A 2 -1.93 -10.11 -0.38
C SER A 2 -1.75 -8.88 -1.26
N SER A 3 -2.18 -8.99 -2.52
CA SER A 3 -2.07 -7.88 -3.46
C SER A 3 -3.36 -7.69 -4.24
N GLY A 4 -4.44 -7.38 -3.52
CA GLY A 4 -5.73 -7.19 -4.16
C GLY A 4 -6.63 -6.24 -3.39
N SER A 5 -7.94 -6.46 -3.48
CA SER A 5 -8.90 -5.62 -2.77
C SER A 5 -8.71 -4.15 -3.15
N SER A 6 -9.48 -3.28 -2.51
CA SER A 6 -9.41 -1.85 -2.78
C SER A 6 -9.71 -1.55 -4.25
N GLY A 7 -10.96 -1.21 -4.54
CA GLY A 7 -11.34 -0.91 -5.90
C GLY A 7 -12.82 -0.57 -6.02
N LYS A 8 -13.67 -1.47 -5.56
CA LYS A 8 -15.11 -1.27 -5.62
C LYS A 8 -15.57 -0.31 -4.53
N TYR A 9 -16.49 0.59 -4.87
CA TYR A 9 -17.01 1.56 -3.91
C TYR A 9 -15.88 2.35 -3.26
N THR A 10 -16.23 3.15 -2.25
CA THR A 10 -15.23 3.94 -1.56
C THR A 10 -14.39 3.10 -0.61
N GLN A 11 -13.22 3.60 -0.26
CA GLN A 11 -12.32 2.88 0.64
C GLN A 11 -12.41 3.43 2.07
N ASN A 12 -11.70 2.79 2.99
CA ASN A 12 -11.71 3.22 4.38
C ASN A 12 -10.36 3.83 4.77
N ASN A 13 -10.24 4.24 6.03
CA ASN A 13 -9.01 4.84 6.52
C ASN A 13 -8.21 3.85 7.36
N PHE A 14 -8.16 2.61 6.90
CA PHE A 14 -7.43 1.56 7.60
C PHE A 14 -6.47 0.84 6.66
N ILE A 15 -5.32 0.44 7.18
CA ILE A 15 -4.31 -0.26 6.40
C ILE A 15 -3.69 -1.40 7.19
N THR A 16 -3.38 -2.49 6.50
CA THR A 16 -2.77 -3.65 7.13
C THR A 16 -1.38 -3.33 7.65
N GLY A 17 -0.85 -4.21 8.49
CA GLY A 17 0.48 -4.01 9.05
C GLY A 17 1.57 -4.20 8.03
N VAL A 18 1.74 -5.44 7.58
CA VAL A 18 2.77 -5.75 6.58
C VAL A 18 2.66 -4.85 5.36
N ARG A 19 1.43 -4.40 5.08
CA ARG A 19 1.19 -3.52 3.94
C ARG A 19 1.85 -2.16 4.15
N ALA A 20 1.79 -1.67 5.39
CA ALA A 20 2.38 -0.38 5.71
C ALA A 20 3.89 -0.48 5.84
N ILE A 21 4.37 -1.64 6.26
CA ILE A 21 5.80 -1.87 6.42
C ILE A 21 6.50 -1.95 5.07
N ASN A 22 5.74 -2.34 4.05
CA ASN A 22 6.29 -2.46 2.70
C ASN A 22 6.14 -1.14 1.93
N GLU A 23 5.11 -0.38 2.27
CA GLU A 23 4.85 0.90 1.62
C GLU A 23 5.63 2.02 2.29
N PHE A 24 5.36 2.24 3.58
CA PHE A 24 6.04 3.28 4.34
C PHE A 24 7.49 2.91 4.61
N CYS A 25 7.81 1.62 4.43
CA CYS A 25 9.16 1.14 4.66
C CYS A 25 9.61 1.41 6.09
N LEU A 26 8.86 0.89 7.05
CA LEU A 26 9.18 1.08 8.46
C LEU A 26 9.78 -0.19 9.04
N LYS A 27 10.05 -0.16 10.35
CA LYS A 27 10.62 -1.31 11.05
C LYS A 27 9.53 -2.19 11.64
N SER A 28 9.93 -3.37 12.10
CA SER A 28 8.98 -4.31 12.69
C SER A 28 8.44 -3.78 14.03
N SER A 29 9.33 -3.19 14.82
CA SER A 29 8.96 -2.64 16.11
C SER A 29 8.20 -1.33 15.95
N ASP A 30 8.47 -0.63 14.85
CA ASP A 30 7.80 0.64 14.57
C ASP A 30 6.29 0.50 14.66
N LEU A 31 5.73 -0.37 13.83
CA LEU A 31 4.29 -0.61 13.81
C LEU A 31 3.78 -0.93 15.21
N GLU A 32 4.57 -1.68 15.97
CA GLU A 32 4.20 -2.06 17.32
C GLU A 32 4.09 -0.84 18.22
N GLN A 33 4.88 0.18 17.93
CA GLN A 33 4.87 1.41 18.72
C GLN A 33 3.53 2.12 18.60
N LEU A 34 2.86 1.92 17.48
CA LEU A 34 1.55 2.53 17.24
C LEU A 34 0.47 1.87 18.08
N ARG A 35 -0.76 2.32 17.91
CA ARG A 35 -1.89 1.77 18.67
C ARG A 35 -2.54 0.61 17.89
N LYS A 36 -3.01 -0.38 18.63
CA LYS A 36 -3.66 -1.53 18.01
C LYS A 36 -5.17 -1.34 17.93
N ILE A 37 -5.66 -1.09 16.71
CA ILE A 37 -7.08 -0.89 16.50
C ILE A 37 -7.76 -2.17 16.02
N ARG A 38 -8.41 -2.87 16.94
CA ARG A 38 -9.09 -4.12 16.61
C ARG A 38 -10.45 -3.84 15.97
N ARG A 39 -10.79 -4.63 14.96
CA ARG A 39 -12.06 -4.46 14.26
C ARG A 39 -13.04 -5.57 14.62
N ARG A 40 -12.59 -6.81 14.49
CA ARG A 40 -13.43 -7.96 14.82
C ARG A 40 -13.45 -8.20 16.33
N SER A 41 -14.63 -8.54 16.85
CA SER A 41 -14.78 -8.80 18.27
C SER A 41 -14.36 -10.23 18.62
N PRO A 42 -14.08 -10.46 19.90
CA PRO A 42 -13.65 -11.77 20.39
C PRO A 42 -14.78 -12.80 20.36
N HIS A 43 -14.51 -13.95 19.76
CA HIS A 43 -15.50 -15.02 19.66
C HIS A 43 -15.43 -15.94 20.88
N GLU A 44 -14.23 -16.13 21.41
CA GLU A 44 -14.03 -16.98 22.56
C GLU A 44 -12.71 -16.66 23.26
N ASP A 45 -12.52 -15.39 23.60
CA ASP A 45 -11.30 -14.96 24.28
C ASP A 45 -10.07 -15.28 23.43
N THR A 46 -10.19 -15.09 22.13
CA THR A 46 -9.09 -15.37 21.21
C THR A 46 -8.67 -14.10 20.46
N GLU A 47 -7.44 -13.66 20.71
CA GLU A 47 -6.92 -12.47 20.06
C GLU A 47 -6.72 -12.70 18.57
N SER A 48 -6.82 -11.63 17.79
CA SER A 48 -6.66 -11.72 16.34
C SER A 48 -5.76 -10.60 15.82
N PHE A 49 -5.54 -10.57 14.51
CA PHE A 49 -4.71 -9.55 13.89
C PHE A 49 -5.40 -8.20 13.94
N THR A 50 -4.62 -7.16 14.29
CA THR A 50 -5.15 -5.81 14.38
C THR A 50 -4.76 -4.98 13.15
N VAL A 51 -5.39 -3.83 13.00
CA VAL A 51 -5.11 -2.95 11.88
C VAL A 51 -4.57 -1.60 12.35
N TYR A 52 -4.02 -0.83 11.41
CA TYR A 52 -3.47 0.49 11.74
C TYR A 52 -4.16 1.58 10.94
N LEU A 53 -4.10 2.81 11.44
CA LEU A 53 -4.72 3.95 10.78
C LEU A 53 -3.74 4.62 9.82
N ARG A 54 -4.20 4.86 8.60
CA ARG A 54 -3.36 5.50 7.58
C ARG A 54 -2.87 6.86 8.07
N SER A 55 -3.69 7.53 8.87
CA SER A 55 -3.33 8.85 9.40
C SER A 55 -2.21 8.73 10.42
N ASP A 56 -2.29 7.73 11.28
CA ASP A 56 -1.29 7.50 12.31
C ASP A 56 0.02 7.01 11.70
N VAL A 57 -0.10 6.27 10.61
CA VAL A 57 1.08 5.73 9.92
C VAL A 57 1.78 6.81 9.10
N GLU A 58 1.00 7.76 8.60
CA GLU A 58 1.54 8.86 7.81
C GLU A 58 2.65 9.58 8.56
N ALA A 59 2.46 9.75 9.86
CA ALA A 59 3.44 10.43 10.70
C ALA A 59 4.56 9.48 11.11
N LYS A 60 4.21 8.21 11.28
CA LYS A 60 5.19 7.20 11.68
C LYS A 60 6.36 7.16 10.70
N SER A 61 6.10 7.57 9.47
CA SER A 61 7.14 7.58 8.44
C SER A 61 7.99 8.84 8.55
N LEU A 62 7.42 9.90 9.09
CA LEU A 62 8.12 11.17 9.25
C LEU A 62 8.91 11.19 10.55
N GLU A 63 8.39 10.51 11.57
CA GLU A 63 9.04 10.44 12.87
C GLU A 63 10.27 9.52 12.81
N VAL A 64 10.25 8.58 11.88
CA VAL A 64 11.35 7.64 11.72
C VAL A 64 12.37 8.15 10.72
N TRP A 65 12.01 8.11 9.44
CA TRP A 65 12.90 8.57 8.38
C TRP A 65 13.24 10.04 8.56
N GLY A 66 12.35 10.77 9.23
CA GLY A 66 12.58 12.19 9.45
C GLY A 66 11.65 13.07 8.63
N SER A 67 11.49 12.72 7.35
CA SER A 67 10.63 13.49 6.46
C SER A 67 10.03 12.58 5.39
N PRO A 68 8.93 13.06 4.77
CA PRO A 68 8.23 12.31 3.71
C PRO A 68 9.05 12.22 2.43
N GLU A 69 10.03 13.11 2.30
CA GLU A 69 10.88 13.14 1.12
C GLU A 69 11.86 11.96 1.12
N ALA A 70 12.33 11.59 2.30
CA ALA A 70 13.26 10.48 2.43
C ALA A 70 12.62 9.16 2.00
N LEU A 71 11.32 9.02 2.27
CA LEU A 71 10.59 7.81 1.91
C LEU A 71 10.22 7.83 0.43
N ALA A 72 9.84 9.01 -0.06
CA ALA A 72 9.46 9.15 -1.46
C ALA A 72 10.58 8.71 -2.39
N ARG A 73 11.81 8.79 -1.89
CA ARG A 73 12.98 8.39 -2.68
C ARG A 73 12.82 6.97 -3.21
N GLU A 74 12.20 6.11 -2.42
CA GLU A 74 11.98 4.72 -2.81
C GLU A 74 10.61 4.55 -3.47
N LYS A 75 9.67 5.42 -3.11
CA LYS A 75 8.33 5.37 -3.66
C LYS A 75 8.33 5.77 -5.14
N LYS A 76 9.16 6.76 -5.47
CA LYS A 76 9.26 7.23 -6.85
C LYS A 76 9.64 6.10 -7.80
N LEU A 77 10.46 5.18 -7.31
CA LEU A 77 10.89 4.04 -8.11
C LEU A 77 9.70 3.21 -8.56
N ARG A 78 9.02 2.57 -7.62
CA ARG A 78 7.86 1.75 -7.92
C ARG A 78 6.77 2.57 -8.58
N LYS A 79 6.76 3.88 -8.29
CA LYS A 79 5.76 4.78 -8.87
C LYS A 79 5.98 4.95 -10.36
N GLU A 80 7.16 5.47 -10.73
CA GLU A 80 7.48 5.69 -12.13
C GLU A 80 7.42 4.37 -12.91
N ALA A 81 7.68 3.27 -12.23
CA ALA A 81 7.66 1.96 -12.85
C ALA A 81 6.31 1.69 -13.52
N GLU A 82 5.23 1.87 -12.76
CA GLU A 82 3.89 1.65 -13.29
C GLU A 82 3.57 2.63 -14.41
N ILE A 83 4.15 3.82 -14.32
CA ILE A 83 3.94 4.85 -15.33
C ILE A 83 4.62 4.48 -16.65
N GLU A 84 5.83 3.95 -16.54
CA GLU A 84 6.60 3.55 -17.72
C GLU A 84 5.90 2.41 -18.47
N TYR A 85 5.13 1.63 -17.73
CA TYR A 85 4.41 0.50 -18.31
C TYR A 85 3.14 0.97 -19.02
N ARG A 86 2.26 1.60 -18.26
CA ARG A 86 1.00 2.10 -18.80
C ARG A 86 1.25 3.10 -19.92
N GLU A 87 2.40 3.77 -19.87
CA GLU A 87 2.76 4.76 -20.87
C GLU A 87 2.71 4.16 -22.28
N ARG A 88 3.60 3.21 -22.54
CA ARG A 88 3.65 2.55 -23.84
C ARG A 88 2.28 1.97 -24.21
N LEU A 89 1.58 1.47 -23.21
CA LEU A 89 0.26 0.87 -23.43
C LEU A 89 -0.72 1.91 -23.98
N PHE A 90 -0.62 3.13 -23.48
CA PHE A 90 -1.49 4.22 -23.93
C PHE A 90 -1.32 4.46 -25.42
N ARG A 91 -0.09 4.40 -25.89
CA ARG A 91 0.21 4.62 -27.30
C ARG A 91 -0.17 3.40 -28.13
N ASN A 92 0.00 2.21 -27.56
CA ASN A 92 -0.33 0.97 -28.25
C ASN A 92 -1.78 0.60 -28.03
N GLN A 93 -2.69 1.46 -28.48
CA GLN A 93 -4.12 1.22 -28.33
C GLN A 93 -4.85 1.40 -29.65
N LYS A 94 -4.51 0.57 -30.63
CA LYS A 94 -5.13 0.64 -31.95
C LYS A 94 -4.83 1.97 -32.63
N ILE A 95 -5.16 2.06 -33.91
CA ILE A 95 -4.92 3.29 -34.67
C ILE A 95 -5.74 4.44 -34.11
N LEU A 96 -6.87 4.12 -33.49
CA LEU A 96 -7.75 5.13 -32.91
C LEU A 96 -8.23 6.10 -33.98
N ARG A 97 -9.15 6.99 -33.59
CA ARG A 97 -9.69 7.97 -34.51
C ARG A 97 -8.95 9.30 -34.39
N GLU A 98 -8.13 9.60 -35.39
CA GLU A 98 -7.36 10.84 -35.40
C GLU A 98 -7.42 11.51 -36.76
N TYR A 99 -8.62 11.73 -37.28
CA TYR A 99 -8.80 12.35 -38.58
C TYR A 99 -10.12 13.12 -38.62
N ARG A 100 -10.16 14.25 -37.92
CA ARG A 100 -11.36 15.08 -37.88
C ARG A 100 -12.55 14.30 -37.32
N ASP A 101 -13.68 14.98 -37.19
CA ASP A 101 -14.89 14.36 -36.67
C ASP A 101 -15.37 13.26 -37.60
N GLY A 1 -1.07 -23.21 2.78
CA GLY A 1 -2.28 -22.79 3.44
C GLY A 1 -3.03 -21.73 2.65
N SER A 2 -3.54 -20.72 3.35
CA SER A 2 -4.29 -19.64 2.71
C SER A 2 -3.80 -18.28 3.20
N SER A 3 -2.49 -18.09 3.22
CA SER A 3 -1.89 -16.84 3.67
C SER A 3 -1.89 -15.81 2.56
N GLY A 4 -2.32 -14.59 2.87
CA GLY A 4 -2.36 -13.52 1.89
C GLY A 4 -3.58 -12.65 2.02
N SER A 5 -3.39 -11.34 1.90
CA SER A 5 -4.49 -10.39 2.03
C SER A 5 -5.46 -10.54 0.86
N SER A 6 -4.94 -10.38 -0.35
CA SER A 6 -5.76 -10.50 -1.55
C SER A 6 -6.95 -9.54 -1.49
N GLY A 7 -7.87 -9.68 -2.43
CA GLY A 7 -9.05 -8.83 -2.46
C GLY A 7 -8.80 -7.55 -3.24
N LYS A 8 -9.40 -7.46 -4.42
CA LYS A 8 -9.25 -6.29 -5.27
C LYS A 8 -10.50 -5.42 -5.24
N TYR A 9 -10.37 -4.17 -5.66
CA TYR A 9 -11.50 -3.24 -5.68
C TYR A 9 -12.11 -3.11 -4.29
N THR A 10 -11.24 -3.07 -3.28
CA THR A 10 -11.69 -2.93 -1.89
C THR A 10 -11.69 -1.47 -1.46
N GLN A 11 -10.53 -0.83 -1.58
CA GLN A 11 -10.39 0.58 -1.20
C GLN A 11 -10.77 0.78 0.27
N ASN A 12 -9.96 0.23 1.16
CA ASN A 12 -10.20 0.35 2.59
C ASN A 12 -9.59 1.63 3.15
N ASN A 13 -10.17 2.13 4.24
CA ASN A 13 -9.68 3.35 4.87
C ASN A 13 -8.48 3.05 5.78
N PHE A 14 -8.43 1.82 6.28
CA PHE A 14 -7.34 1.41 7.16
C PHE A 14 -6.29 0.61 6.39
N ILE A 15 -5.07 0.56 6.93
CA ILE A 15 -3.98 -0.18 6.30
C ILE A 15 -3.25 -1.04 7.31
N THR A 16 -3.16 -2.34 7.03
CA THR A 16 -2.48 -3.27 7.92
C THR A 16 -0.99 -2.94 8.02
N GLY A 17 -0.36 -3.42 9.08
CA GLY A 17 1.06 -3.17 9.27
C GLY A 17 1.90 -3.66 8.11
N VAL A 18 1.70 -4.92 7.73
CA VAL A 18 2.45 -5.50 6.62
C VAL A 18 2.37 -4.63 5.38
N ARG A 19 1.26 -3.91 5.24
CA ARG A 19 1.06 -3.02 4.09
C ARG A 19 1.87 -1.74 4.25
N ALA A 20 1.91 -1.21 5.46
CA ALA A 20 2.64 0.01 5.74
C ALA A 20 4.16 -0.24 5.72
N ILE A 21 4.55 -1.44 6.11
CA ILE A 21 5.96 -1.81 6.14
C ILE A 21 6.51 -1.99 4.72
N ASN A 22 5.63 -2.30 3.79
CA ASN A 22 6.03 -2.50 2.40
C ASN A 22 5.89 -1.21 1.61
N GLU A 23 5.00 -0.32 2.06
CA GLU A 23 4.78 0.95 1.39
C GLU A 23 5.69 2.03 1.96
N PHE A 24 5.56 2.29 3.26
CA PHE A 24 6.38 3.30 3.91
C PHE A 24 7.81 2.80 4.11
N CYS A 25 7.99 1.49 3.96
CA CYS A 25 9.31 0.89 4.12
C CYS A 25 9.88 1.16 5.51
N LEU A 26 9.21 0.63 6.53
CA LEU A 26 9.65 0.82 7.91
C LEU A 26 9.99 -0.52 8.56
N LYS A 27 10.19 -0.50 9.87
CA LYS A 27 10.52 -1.71 10.61
C LYS A 27 9.26 -2.42 11.08
N SER A 28 9.42 -3.63 11.63
CA SER A 28 8.30 -4.40 12.12
C SER A 28 7.84 -3.90 13.48
N SER A 29 8.79 -3.75 14.41
CA SER A 29 8.48 -3.28 15.75
C SER A 29 7.87 -1.88 15.71
N ASP A 30 8.21 -1.12 14.66
CA ASP A 30 7.69 0.22 14.49
C ASP A 30 6.16 0.23 14.52
N LEU A 31 5.56 -0.53 13.61
CA LEU A 31 4.11 -0.61 13.53
C LEU A 31 3.51 -0.99 14.88
N GLU A 32 4.16 -1.91 15.58
CA GLU A 32 3.69 -2.36 16.89
C GLU A 32 3.51 -1.18 17.84
N GLN A 33 4.27 -0.12 17.59
CA GLN A 33 4.20 1.08 18.42
C GLN A 33 2.86 1.79 18.25
N LEU A 34 2.25 1.60 17.09
CA LEU A 34 0.97 2.23 16.79
C LEU A 34 -0.19 1.42 17.39
N ARG A 35 -1.35 2.05 17.48
CA ARG A 35 -2.53 1.38 18.03
C ARG A 35 -3.14 0.42 17.02
N LYS A 36 -3.36 -0.81 17.43
CA LYS A 36 -3.94 -1.83 16.56
C LYS A 36 -5.42 -1.55 16.32
N ILE A 37 -5.72 -0.87 15.22
CA ILE A 37 -7.09 -0.54 14.86
C ILE A 37 -7.86 -1.78 14.40
N ARG A 38 -8.73 -2.29 15.28
CA ARG A 38 -9.52 -3.47 14.96
C ARG A 38 -10.90 -3.08 14.43
N ARG A 39 -10.98 -1.91 13.82
CA ARG A 39 -12.24 -1.41 13.28
C ARG A 39 -13.33 -1.43 14.34
N ARG A 40 -14.57 -1.20 13.92
CA ARG A 40 -15.71 -1.18 14.83
C ARG A 40 -16.86 -2.01 14.28
N SER A 41 -17.26 -3.03 15.02
CA SER A 41 -18.36 -3.90 14.60
C SER A 41 -18.97 -4.63 15.80
N PRO A 42 -20.20 -5.12 15.62
CA PRO A 42 -20.93 -5.83 16.67
C PRO A 42 -20.32 -7.19 16.98
N HIS A 43 -20.60 -7.71 18.17
CA HIS A 43 -20.08 -9.01 18.59
C HIS A 43 -18.56 -9.01 18.58
N GLU A 44 -17.97 -10.18 18.81
CA GLU A 44 -16.51 -10.31 18.82
C GLU A 44 -16.10 -11.76 18.58
N ASP A 45 -16.88 -12.46 17.77
CA ASP A 45 -16.59 -13.86 17.45
C ASP A 45 -16.04 -13.99 16.04
N THR A 46 -14.91 -13.32 15.79
CA THR A 46 -14.28 -13.36 14.47
C THR A 46 -12.76 -13.27 14.60
N GLU A 47 -12.06 -14.14 13.88
CA GLU A 47 -10.59 -14.15 13.91
C GLU A 47 -10.02 -13.57 12.62
N SER A 48 -9.63 -12.30 12.67
CA SER A 48 -9.07 -11.63 11.49
C SER A 48 -8.02 -10.62 11.91
N PHE A 49 -6.95 -10.52 11.13
CA PHE A 49 -5.87 -9.59 11.41
C PHE A 49 -6.40 -8.18 11.60
N THR A 50 -5.66 -7.35 12.33
CA THR A 50 -6.06 -5.97 12.58
C THR A 50 -5.38 -5.02 11.60
N VAL A 51 -5.93 -3.81 11.50
CA VAL A 51 -5.36 -2.80 10.61
C VAL A 51 -4.87 -1.59 11.40
N TYR A 52 -4.16 -0.69 10.71
CA TYR A 52 -3.63 0.50 11.34
C TYR A 52 -4.19 1.76 10.68
N LEU A 53 -4.21 2.86 11.43
CA LEU A 53 -4.73 4.12 10.92
C LEU A 53 -3.74 4.75 9.94
N ARG A 54 -4.20 4.96 8.70
CA ARG A 54 -3.35 5.56 7.67
C ARG A 54 -2.75 6.86 8.16
N SER A 55 -3.52 7.62 8.95
CA SER A 55 -3.05 8.90 9.47
C SER A 55 -1.94 8.69 10.50
N ASP A 56 -2.01 7.57 11.20
CA ASP A 56 -1.01 7.25 12.23
C ASP A 56 0.31 6.85 11.59
N VAL A 57 0.26 5.89 10.67
CA VAL A 57 1.45 5.42 9.99
C VAL A 57 2.11 6.54 9.20
N GLU A 58 1.31 7.51 8.76
CA GLU A 58 1.81 8.64 8.00
C GLU A 58 2.92 9.35 8.76
N ALA A 59 2.78 9.42 10.08
CA ALA A 59 3.77 10.08 10.93
C ALA A 59 4.90 9.12 11.30
N LYS A 60 4.55 7.84 11.43
CA LYS A 60 5.53 6.82 11.78
C LYS A 60 6.71 6.84 10.82
N SER A 61 6.46 7.29 9.59
CA SER A 61 7.50 7.35 8.57
C SER A 61 8.33 8.63 8.72
N LEU A 62 7.72 9.66 9.30
CA LEU A 62 8.41 10.93 9.51
C LEU A 62 9.33 10.87 10.73
N GLU A 63 8.90 10.12 11.74
CA GLU A 63 9.67 9.98 12.97
C GLU A 63 10.87 9.07 12.74
N VAL A 64 10.76 8.18 11.76
CA VAL A 64 11.84 7.24 11.44
C VAL A 64 12.80 7.85 10.42
N TRP A 65 12.34 7.92 9.17
CA TRP A 65 13.16 8.48 8.10
C TRP A 65 13.54 9.92 8.39
N GLY A 66 12.71 10.60 9.17
CA GLY A 66 12.96 11.99 9.51
C GLY A 66 12.00 12.94 8.83
N SER A 67 11.70 12.67 7.57
CA SER A 67 10.79 13.51 6.80
C SER A 67 10.13 12.71 5.68
N PRO A 68 8.99 13.24 5.16
CA PRO A 68 8.24 12.59 4.08
C PRO A 68 8.98 12.64 2.76
N GLU A 69 9.97 13.52 2.67
CA GLU A 69 10.76 13.67 1.44
C GLU A 69 11.73 12.49 1.27
N ALA A 70 12.27 12.03 2.39
CA ALA A 70 13.21 10.91 2.37
C ALA A 70 12.57 9.66 1.78
N LEU A 71 11.34 9.37 2.21
CA LEU A 71 10.62 8.20 1.73
C LEU A 71 10.14 8.42 0.29
N ALA A 72 9.70 9.63 -0.01
CA ALA A 72 9.22 9.97 -1.34
C ALA A 72 10.27 9.63 -2.40
N ARG A 73 11.54 9.78 -2.04
CA ARG A 73 12.63 9.51 -2.96
C ARG A 73 12.53 8.08 -3.51
N GLU A 74 12.14 7.14 -2.64
CA GLU A 74 12.01 5.75 -3.03
C GLU A 74 10.64 5.49 -3.67
N LYS A 75 9.64 6.25 -3.23
CA LYS A 75 8.29 6.11 -3.76
C LYS A 75 8.23 6.53 -5.23
N LYS A 76 8.97 7.57 -5.57
CA LYS A 76 9.00 8.07 -6.94
C LYS A 76 9.47 6.98 -7.90
N LEU A 77 10.48 6.24 -7.50
CA LEU A 77 11.02 5.17 -8.32
C LEU A 77 9.96 4.11 -8.60
N ARG A 78 9.49 3.44 -7.55
CA ARG A 78 8.48 2.41 -7.70
C ARG A 78 7.25 2.96 -8.40
N LYS A 79 6.98 4.25 -8.22
CA LYS A 79 5.84 4.90 -8.84
C LYS A 79 5.94 4.86 -10.36
N GLU A 80 7.05 5.40 -10.88
CA GLU A 80 7.27 5.43 -12.32
C GLU A 80 7.33 4.01 -12.89
N ALA A 81 7.74 3.06 -12.06
CA ALA A 81 7.83 1.66 -12.48
C ALA A 81 6.47 1.11 -12.87
N GLU A 82 5.48 1.38 -12.03
CA GLU A 82 4.12 0.90 -12.29
C GLU A 82 3.53 1.59 -13.52
N ILE A 83 3.85 2.86 -13.69
CA ILE A 83 3.35 3.62 -14.84
C ILE A 83 3.94 3.10 -16.14
N GLU A 84 5.25 2.86 -16.15
CA GLU A 84 5.93 2.35 -17.33
C GLU A 84 5.47 0.93 -17.66
N TYR A 85 5.04 0.21 -16.64
CA TYR A 85 4.58 -1.16 -16.82
C TYR A 85 3.16 -1.20 -17.36
N ARG A 86 2.24 -0.54 -16.64
CA ARG A 86 0.84 -0.50 -17.05
C ARG A 86 0.69 0.20 -18.40
N GLU A 87 1.63 1.10 -18.71
CA GLU A 87 1.60 1.83 -19.96
C GLU A 87 1.62 0.88 -21.15
N ARG A 88 2.69 0.10 -21.26
CA ARG A 88 2.84 -0.85 -22.36
C ARG A 88 1.72 -1.90 -22.31
N LEU A 89 1.19 -2.13 -21.12
CA LEU A 89 0.11 -3.10 -20.94
C LEU A 89 -1.08 -2.76 -21.83
N PHE A 90 -1.37 -1.47 -21.95
CA PHE A 90 -2.48 -1.01 -22.77
C PHE A 90 -2.29 -1.40 -24.23
N ARG A 91 -1.12 -1.10 -24.77
CA ARG A 91 -0.80 -1.42 -26.15
C ARG A 91 -0.71 -2.93 -26.36
N ASN A 92 -0.27 -3.63 -25.32
CA ASN A 92 -0.14 -5.09 -25.38
C ASN A 92 -1.48 -5.75 -25.70
N GLN A 93 -2.56 -5.11 -25.25
CA GLN A 93 -3.90 -5.64 -25.49
C GLN A 93 -4.48 -5.09 -26.78
N LYS A 94 -4.02 -5.64 -27.91
CA LYS A 94 -4.50 -5.21 -29.22
C LYS A 94 -5.05 -6.38 -30.02
N ILE A 95 -5.78 -6.07 -31.09
CA ILE A 95 -6.36 -7.11 -31.93
C ILE A 95 -5.32 -7.69 -32.87
N LEU A 96 -4.37 -6.86 -33.29
CA LEU A 96 -3.31 -7.29 -34.21
C LEU A 96 -2.32 -6.16 -34.46
N ARG A 97 -1.36 -6.41 -35.34
CA ARG A 97 -0.35 -5.42 -35.68
C ARG A 97 -0.57 -4.88 -37.09
N GLU A 98 -0.02 -3.69 -37.36
CA GLU A 98 -0.16 -3.07 -38.67
C GLU A 98 0.84 -3.67 -39.67
N TYR A 99 0.36 -3.96 -40.87
CA TYR A 99 1.20 -4.54 -41.90
C TYR A 99 1.75 -5.90 -41.48
N ARG A 100 2.64 -6.46 -42.29
CA ARG A 100 3.24 -7.75 -41.99
C ARG A 100 4.59 -7.90 -42.69
N ASP A 101 5.46 -8.73 -42.12
CA ASP A 101 6.78 -8.96 -42.69
C ASP A 101 7.22 -10.40 -42.45
N GLY A 1 -18.05 -13.98 -15.88
CA GLY A 1 -18.75 -15.02 -15.13
C GLY A 1 -18.27 -15.11 -13.70
N SER A 2 -17.87 -16.30 -13.28
CA SER A 2 -17.40 -16.53 -11.92
C SER A 2 -18.46 -16.12 -10.91
N SER A 3 -18.11 -16.19 -9.63
CA SER A 3 -19.03 -15.85 -8.56
C SER A 3 -19.19 -14.33 -8.46
N GLY A 4 -18.08 -13.64 -8.24
CA GLY A 4 -18.12 -12.19 -8.12
C GLY A 4 -17.08 -11.51 -9.00
N SER A 5 -16.87 -10.22 -8.77
CA SER A 5 -15.90 -9.46 -9.55
C SER A 5 -14.61 -9.25 -8.76
N SER A 6 -14.74 -9.13 -7.44
CA SER A 6 -13.58 -8.93 -6.58
C SER A 6 -12.86 -7.63 -6.93
N GLY A 7 -11.79 -7.34 -6.19
CA GLY A 7 -11.03 -6.14 -6.44
C GLY A 7 -11.85 -4.88 -6.25
N LYS A 8 -12.52 -4.77 -5.10
CA LYS A 8 -13.33 -3.61 -4.80
C LYS A 8 -12.93 -2.97 -3.47
N TYR A 9 -12.53 -1.71 -3.51
CA TYR A 9 -12.12 -0.99 -2.32
C TYR A 9 -12.71 0.41 -2.29
N THR A 10 -13.90 0.53 -1.70
CA THR A 10 -14.59 1.81 -1.61
C THR A 10 -13.99 2.67 -0.50
N GLN A 11 -13.57 2.02 0.58
CA GLN A 11 -12.98 2.72 1.71
C GLN A 11 -11.50 2.39 1.85
N ASN A 12 -10.64 3.35 1.48
CA ASN A 12 -9.20 3.15 1.56
C ASN A 12 -8.61 3.96 2.72
N ASN A 13 -9.31 3.96 3.84
CA ASN A 13 -8.86 4.67 5.03
C ASN A 13 -7.97 3.79 5.91
N PHE A 14 -8.17 2.48 5.81
CA PHE A 14 -7.40 1.53 6.59
C PHE A 14 -6.36 0.83 5.72
N ILE A 15 -5.16 0.64 6.28
CA ILE A 15 -4.09 -0.01 5.55
C ILE A 15 -3.49 -1.16 6.36
N THR A 16 -3.19 -2.27 5.69
CA THR A 16 -2.61 -3.43 6.35
C THR A 16 -1.26 -3.10 6.96
N GLY A 17 -0.83 -3.92 7.92
CA GLY A 17 0.45 -3.69 8.56
C GLY A 17 1.61 -3.79 7.59
N VAL A 18 1.87 -5.00 7.10
CA VAL A 18 2.96 -5.22 6.16
C VAL A 18 2.87 -4.25 4.98
N ARG A 19 1.65 -3.97 4.54
CA ARG A 19 1.44 -3.06 3.41
C ARG A 19 2.11 -1.71 3.67
N ALA A 20 2.12 -1.29 4.93
CA ALA A 20 2.73 -0.02 5.30
C ALA A 20 4.22 -0.19 5.57
N ILE A 21 4.61 -1.38 6.00
CA ILE A 21 6.01 -1.67 6.29
C ILE A 21 6.83 -1.77 5.01
N ASN A 22 6.17 -2.12 3.91
CA ASN A 22 6.83 -2.23 2.62
C ASN A 22 6.75 -0.92 1.84
N GLU A 23 5.72 -0.14 2.12
CA GLU A 23 5.54 1.15 1.45
C GLU A 23 6.29 2.26 2.17
N PHE A 24 5.95 2.47 3.44
CA PHE A 24 6.60 3.51 4.23
C PHE A 24 8.00 3.08 4.64
N CYS A 25 8.28 1.78 4.52
CA CYS A 25 9.58 1.24 4.88
C CYS A 25 9.90 1.50 6.35
N LEU A 26 9.18 0.81 7.23
CA LEU A 26 9.37 0.97 8.67
C LEU A 26 9.78 -0.37 9.30
N LYS A 27 9.80 -0.39 10.63
CA LYS A 27 10.16 -1.59 11.36
C LYS A 27 8.92 -2.32 11.88
N SER A 28 9.00 -3.64 11.96
CA SER A 28 7.88 -4.45 12.43
C SER A 28 7.53 -4.09 13.87
N SER A 29 8.53 -3.64 14.63
CA SER A 29 8.32 -3.28 16.03
C SER A 29 7.66 -1.91 16.14
N ASP A 30 7.88 -1.07 15.13
CA ASP A 30 7.30 0.27 15.10
C ASP A 30 5.80 0.21 14.88
N LEU A 31 5.38 -0.56 13.89
CA LEU A 31 3.96 -0.70 13.57
C LEU A 31 3.16 -1.13 14.79
N GLU A 32 3.57 -2.24 15.40
CA GLU A 32 2.90 -2.76 16.58
C GLU A 32 2.85 -1.70 17.68
N GLN A 33 3.82 -0.79 17.66
CA GLN A 33 3.89 0.28 18.66
C GLN A 33 2.69 1.22 18.54
N LEU A 34 2.12 1.29 17.34
CA LEU A 34 0.96 2.15 17.09
C LEU A 34 -0.30 1.54 17.68
N ARG A 35 -1.42 2.22 17.48
CA ARG A 35 -2.71 1.75 17.99
C ARG A 35 -3.14 0.48 17.26
N LYS A 36 -3.30 -0.61 18.00
CA LYS A 36 -3.71 -1.88 17.43
C LYS A 36 -5.22 -1.89 17.16
N ILE A 37 -5.59 -1.55 15.93
CA ILE A 37 -6.99 -1.52 15.54
C ILE A 37 -7.44 -2.86 14.97
N ARG A 38 -8.42 -3.47 15.62
CA ARG A 38 -8.94 -4.76 15.18
C ARG A 38 -10.43 -4.67 14.86
N ARG A 39 -10.88 -3.48 14.48
CA ARG A 39 -12.28 -3.25 14.15
C ARG A 39 -13.18 -3.63 15.33
N ARG A 40 -14.48 -3.47 15.14
CA ARG A 40 -15.46 -3.78 16.19
C ARG A 40 -16.22 -5.06 15.84
N SER A 41 -16.25 -5.99 16.78
CA SER A 41 -16.95 -7.26 16.58
C SER A 41 -17.03 -8.05 17.89
N PRO A 42 -17.97 -9.00 17.94
CA PRO A 42 -18.17 -9.85 19.12
C PRO A 42 -17.02 -10.83 19.32
N HIS A 43 -16.52 -11.41 18.22
CA HIS A 43 -15.42 -12.36 18.28
C HIS A 43 -14.61 -12.33 16.99
N GLU A 44 -13.30 -12.30 17.13
CA GLU A 44 -12.41 -12.28 15.97
C GLU A 44 -11.64 -13.60 15.84
N ASP A 45 -11.33 -13.98 14.60
CA ASP A 45 -10.60 -15.21 14.35
C ASP A 45 -10.23 -15.32 12.87
N THR A 46 -9.28 -14.49 12.44
CA THR A 46 -8.84 -14.50 11.06
C THR A 46 -7.42 -13.94 10.92
N GLU A 47 -6.43 -14.79 11.21
CA GLU A 47 -5.04 -14.38 11.13
C GLU A 47 -4.76 -13.19 12.06
N SER A 48 -3.52 -12.72 12.04
CA SER A 48 -3.13 -11.59 12.88
C SER A 48 -2.42 -10.52 12.05
N PHE A 49 -3.13 -9.42 11.78
CA PHE A 49 -2.57 -8.33 11.00
C PHE A 49 -2.75 -7.01 11.73
N THR A 50 -3.92 -6.82 12.36
CA THR A 50 -4.21 -5.60 13.09
C THR A 50 -4.02 -4.37 12.20
N VAL A 51 -5.09 -3.96 11.53
CA VAL A 51 -5.04 -2.80 10.65
C VAL A 51 -4.57 -1.56 11.41
N TYR A 52 -3.93 -0.64 10.68
CA TYR A 52 -3.42 0.58 11.27
C TYR A 52 -4.00 1.81 10.58
N LEU A 53 -4.00 2.93 11.29
CA LEU A 53 -4.52 4.18 10.74
C LEU A 53 -3.49 4.86 9.85
N ARG A 54 -3.93 5.27 8.65
CA ARG A 54 -3.04 5.93 7.71
C ARG A 54 -2.38 7.16 8.35
N SER A 55 -3.08 7.76 9.30
CA SER A 55 -2.56 8.95 9.98
C SER A 55 -1.44 8.57 10.95
N ASP A 56 -1.48 7.33 11.43
CA ASP A 56 -0.47 6.85 12.36
C ASP A 56 0.82 6.48 11.63
N VAL A 57 0.70 5.67 10.59
CA VAL A 57 1.85 5.25 9.80
C VAL A 57 2.54 6.45 9.17
N GLU A 58 1.76 7.45 8.78
CA GLU A 58 2.29 8.65 8.16
C GLU A 58 3.36 9.29 9.04
N ALA A 59 2.96 9.67 10.26
CA ALA A 59 3.88 10.30 11.20
C ALA A 59 5.03 9.36 11.55
N LYS A 60 4.72 8.08 11.67
CA LYS A 60 5.73 7.07 12.00
C LYS A 60 6.88 7.10 10.99
N SER A 61 6.58 7.55 9.78
CA SER A 61 7.58 7.63 8.72
C SER A 61 8.38 8.90 8.83
N LEU A 62 7.78 9.93 9.42
CA LEU A 62 8.44 11.22 9.60
C LEU A 62 9.33 11.22 10.83
N GLU A 63 8.90 10.49 11.86
CA GLU A 63 9.65 10.40 13.11
C GLU A 63 10.89 9.53 12.93
N VAL A 64 10.83 8.61 11.96
CA VAL A 64 11.94 7.71 11.70
C VAL A 64 12.89 8.29 10.65
N TRP A 65 12.44 8.31 9.41
CA TRP A 65 13.25 8.85 8.31
C TRP A 65 13.56 10.31 8.54
N GLY A 66 12.70 10.99 9.30
CA GLY A 66 12.91 12.40 9.59
C GLY A 66 11.94 13.29 8.85
N SER A 67 11.71 12.99 7.57
CA SER A 67 10.78 13.78 6.76
C SER A 67 10.15 12.91 5.67
N PRO A 68 9.03 13.39 5.12
CA PRO A 68 8.30 12.67 4.06
C PRO A 68 9.06 12.68 2.74
N GLU A 69 9.94 13.66 2.57
CA GLU A 69 10.73 13.78 1.35
C GLU A 69 11.74 12.64 1.24
N ALA A 70 12.14 12.10 2.39
CA ALA A 70 13.10 11.02 2.43
C ALA A 70 12.49 9.72 1.90
N LEU A 71 11.22 9.50 2.24
CA LEU A 71 10.52 8.30 1.80
C LEU A 71 10.04 8.44 0.36
N ALA A 72 9.57 9.63 0.01
CA ALA A 72 9.10 9.90 -1.34
C ALA A 72 10.15 9.54 -2.38
N ARG A 73 11.41 9.59 -1.98
CA ARG A 73 12.52 9.27 -2.89
C ARG A 73 12.32 7.89 -3.49
N GLU A 74 11.87 6.94 -2.68
CA GLU A 74 11.65 5.58 -3.14
C GLU A 74 10.24 5.41 -3.69
N LYS A 75 9.30 6.19 -3.16
CA LYS A 75 7.91 6.12 -3.59
C LYS A 75 7.78 6.57 -5.05
N LYS A 76 8.54 7.59 -5.43
CA LYS A 76 8.51 8.10 -6.78
C LYS A 76 8.90 7.02 -7.78
N LEU A 77 10.07 6.41 -7.57
CA LEU A 77 10.55 5.36 -8.45
C LEU A 77 9.54 4.23 -8.56
N ARG A 78 9.16 3.67 -7.42
CA ARG A 78 8.19 2.57 -7.39
C ARG A 78 6.93 2.94 -8.16
N LYS A 79 6.53 4.21 -8.07
CA LYS A 79 5.34 4.68 -8.77
C LYS A 79 5.55 4.66 -10.28
N GLU A 80 6.67 5.23 -10.73
CA GLU A 80 6.97 5.28 -12.15
C GLU A 80 7.13 3.87 -12.72
N ALA A 81 7.51 2.92 -11.85
CA ALA A 81 7.68 1.54 -12.27
C ALA A 81 6.38 0.95 -12.80
N GLU A 82 5.32 1.05 -12.01
CA GLU A 82 4.02 0.53 -12.40
C GLU A 82 3.52 1.22 -13.66
N ILE A 83 3.76 2.52 -13.77
CA ILE A 83 3.33 3.29 -14.93
C ILE A 83 4.03 2.80 -16.19
N GLU A 84 5.33 2.50 -16.07
CA GLU A 84 6.10 2.03 -17.21
C GLU A 84 5.60 0.68 -17.69
N TYR A 85 5.00 -0.09 -16.77
CA TYR A 85 4.48 -1.40 -17.10
C TYR A 85 3.16 -1.30 -17.87
N ARG A 86 2.18 -0.66 -17.24
CA ARG A 86 0.86 -0.49 -17.86
C ARG A 86 0.98 0.33 -19.15
N GLU A 87 2.00 1.16 -19.23
CA GLU A 87 2.21 1.99 -20.41
C GLU A 87 2.32 1.13 -21.67
N ARG A 88 3.37 0.31 -21.73
CA ARG A 88 3.59 -0.56 -22.88
C ARG A 88 2.35 -1.41 -23.16
N LEU A 89 1.65 -1.78 -22.10
CA LEU A 89 0.45 -2.60 -22.22
C LEU A 89 -0.64 -1.85 -22.99
N PHE A 90 -0.89 -0.62 -22.59
CA PHE A 90 -1.91 0.21 -23.24
C PHE A 90 -1.66 0.29 -24.74
N ARG A 91 -0.40 0.50 -25.12
CA ARG A 91 -0.04 0.60 -26.52
C ARG A 91 -0.09 -0.77 -27.20
N ASN A 92 0.32 -1.80 -26.47
CA ASN A 92 0.32 -3.16 -26.99
C ASN A 92 -1.06 -3.54 -27.52
N GLN A 93 -2.10 -3.02 -26.88
CA GLN A 93 -3.47 -3.30 -27.28
C GLN A 93 -4.06 -2.13 -28.06
N LYS A 94 -4.28 -2.34 -29.36
CA LYS A 94 -4.84 -1.30 -30.21
C LYS A 94 -6.09 -1.80 -30.93
N ILE A 95 -6.93 -0.87 -31.37
CA ILE A 95 -8.16 -1.22 -32.08
C ILE A 95 -7.86 -2.14 -33.27
N LEU A 96 -6.68 -1.99 -33.84
CA LEU A 96 -6.28 -2.81 -34.99
C LEU A 96 -7.22 -2.58 -36.18
N ARG A 97 -6.78 -1.77 -37.12
CA ARG A 97 -7.56 -1.47 -38.31
C ARG A 97 -6.84 -1.91 -39.58
N GLU A 98 -7.43 -1.63 -40.72
CA GLU A 98 -6.84 -2.00 -42.00
C GLU A 98 -5.43 -1.43 -42.14
N TYR A 99 -4.57 -2.15 -42.86
CA TYR A 99 -3.20 -1.73 -43.06
C TYR A 99 -3.14 -0.33 -43.67
N ARG A 100 -2.13 0.44 -43.28
CA ARG A 100 -1.97 1.80 -43.78
C ARG A 100 -0.84 1.87 -44.81
N ASP A 101 -1.10 2.54 -45.92
CA ASP A 101 -0.11 2.68 -46.98
C ASP A 101 0.34 4.13 -47.12
N GLY A 1 7.45 -15.64 -0.36
CA GLY A 1 6.25 -16.34 -0.76
C GLY A 1 5.26 -15.44 -1.47
N SER A 2 4.09 -15.98 -1.80
CA SER A 2 3.05 -15.22 -2.49
C SER A 2 2.07 -14.62 -1.49
N SER A 3 1.85 -13.31 -1.61
CA SER A 3 0.93 -12.61 -0.72
C SER A 3 0.04 -11.65 -1.49
N GLY A 4 -1.26 -11.90 -1.47
CA GLY A 4 -2.19 -11.04 -2.18
C GLY A 4 -3.33 -11.81 -2.82
N SER A 5 -4.55 -11.32 -2.64
CA SER A 5 -5.72 -11.98 -3.20
C SER A 5 -6.63 -10.97 -3.90
N SER A 6 -7.21 -11.40 -5.02
CA SER A 6 -8.09 -10.54 -5.79
C SER A 6 -7.35 -9.30 -6.30
N GLY A 7 -8.00 -8.54 -7.17
CA GLY A 7 -7.38 -7.35 -7.71
C GLY A 7 -8.29 -6.13 -7.64
N LYS A 8 -8.28 -5.46 -6.50
CA LYS A 8 -9.12 -4.28 -6.30
C LYS A 8 -8.83 -3.64 -4.95
N TYR A 9 -9.47 -2.50 -4.69
CA TYR A 9 -9.28 -1.77 -3.44
C TYR A 9 -10.33 -0.68 -3.29
N THR A 10 -10.78 -0.48 -2.05
CA THR A 10 -11.79 0.54 -1.76
C THR A 10 -11.28 1.54 -0.73
N GLN A 11 -11.93 2.70 -0.65
CA GLN A 11 -11.54 3.73 0.29
C GLN A 11 -11.97 3.37 1.71
N ASN A 12 -10.99 3.20 2.60
CA ASN A 12 -11.27 2.85 3.99
C ASN A 12 -10.61 3.83 4.94
N ASN A 13 -10.87 3.66 6.23
CA ASN A 13 -10.30 4.54 7.25
C ASN A 13 -8.97 3.99 7.76
N PHE A 14 -8.86 2.67 7.81
CA PHE A 14 -7.64 2.01 8.27
C PHE A 14 -6.79 1.56 7.09
N ILE A 15 -5.55 1.16 7.39
CA ILE A 15 -4.64 0.70 6.35
C ILE A 15 -3.94 -0.59 6.76
N THR A 16 -3.86 -1.54 5.84
CA THR A 16 -3.22 -2.82 6.11
C THR A 16 -1.75 -2.64 6.45
N GLY A 17 -1.29 -3.37 7.45
CA GLY A 17 0.10 -3.28 7.86
C GLY A 17 1.06 -3.49 6.71
N VAL A 18 1.00 -4.68 6.11
CA VAL A 18 1.88 -5.00 4.98
C VAL A 18 1.83 -3.92 3.91
N ARG A 19 0.67 -3.27 3.80
CA ARG A 19 0.50 -2.22 2.81
C ARG A 19 1.30 -0.97 3.18
N ALA A 20 1.22 -0.58 4.45
CA ALA A 20 1.95 0.59 4.93
C ALA A 20 3.45 0.33 4.95
N ILE A 21 3.84 -0.90 5.19
CA ILE A 21 5.25 -1.28 5.23
C ILE A 21 5.85 -1.29 3.83
N ASN A 22 5.00 -1.52 2.82
CA ASN A 22 5.45 -1.55 1.44
C ASN A 22 5.35 -0.16 0.80
N GLU A 23 4.44 0.66 1.32
CA GLU A 23 4.24 2.00 0.79
C GLU A 23 5.17 3.00 1.48
N PHE A 24 5.05 3.08 2.81
CA PHE A 24 5.88 4.00 3.59
C PHE A 24 7.31 3.47 3.71
N CYS A 25 7.48 2.18 3.42
CA CYS A 25 8.79 1.55 3.50
C CYS A 25 9.37 1.66 4.91
N LEU A 26 8.65 1.13 5.88
CA LEU A 26 9.09 1.17 7.28
C LEU A 26 9.58 -0.20 7.74
N LYS A 27 9.82 -0.32 9.03
CA LYS A 27 10.28 -1.59 9.61
C LYS A 27 9.11 -2.42 10.11
N SER A 28 9.28 -3.75 10.06
CA SER A 28 8.24 -4.65 10.51
C SER A 28 7.92 -4.45 11.98
N SER A 29 8.95 -4.15 12.77
CA SER A 29 8.79 -3.94 14.20
C SER A 29 8.15 -2.58 14.47
N ASP A 30 8.48 -1.60 13.63
CA ASP A 30 7.95 -0.24 13.79
C ASP A 30 6.43 -0.27 13.84
N LEU A 31 5.81 -0.90 12.84
CA LEU A 31 4.36 -0.99 12.78
C LEU A 31 3.79 -1.54 14.09
N GLU A 32 4.42 -2.59 14.60
CA GLU A 32 3.97 -3.22 15.85
C GLU A 32 3.91 -2.18 16.97
N GLN A 33 4.83 -1.23 16.94
CA GLN A 33 4.88 -0.18 17.95
C GLN A 33 3.56 0.58 18.02
N LEU A 34 2.91 0.73 16.87
CA LEU A 34 1.63 1.43 16.80
C LEU A 34 0.51 0.60 17.43
N ARG A 35 -0.64 1.23 17.61
CA ARG A 35 -1.79 0.55 18.20
C ARG A 35 -2.36 -0.50 17.25
N LYS A 36 -2.19 -1.77 17.60
CA LYS A 36 -2.68 -2.87 16.78
C LYS A 36 -4.20 -2.86 16.71
N ILE A 37 -4.73 -2.33 15.62
CA ILE A 37 -6.18 -2.26 15.42
C ILE A 37 -6.75 -3.63 15.08
N ARG A 38 -6.95 -4.46 16.10
CA ARG A 38 -7.49 -5.80 15.92
C ARG A 38 -8.87 -5.74 15.27
N ARG A 39 -9.04 -6.46 14.17
CA ARG A 39 -10.30 -6.49 13.45
C ARG A 39 -10.66 -7.91 13.04
N ARG A 40 -11.95 -8.22 13.09
CA ARG A 40 -12.44 -9.55 12.73
C ARG A 40 -12.01 -9.91 11.31
N SER A 41 -11.23 -10.99 11.18
CA SER A 41 -10.75 -11.43 9.88
C SER A 41 -10.66 -12.95 9.83
N PRO A 42 -10.63 -13.50 8.60
CA PRO A 42 -10.55 -14.94 8.38
C PRO A 42 -9.19 -15.51 8.78
N HIS A 43 -9.14 -16.82 8.97
CA HIS A 43 -7.90 -17.50 9.35
C HIS A 43 -7.15 -17.98 8.11
N GLU A 44 -7.81 -18.82 7.31
CA GLU A 44 -7.21 -19.36 6.10
C GLU A 44 -7.39 -18.39 4.93
N ASP A 45 -6.40 -17.52 4.72
CA ASP A 45 -6.45 -16.55 3.63
C ASP A 45 -5.12 -15.81 3.52
N THR A 46 -4.77 -15.08 4.56
CA THR A 46 -3.52 -14.31 4.57
C THR A 46 -2.88 -14.32 5.96
N GLU A 47 -3.11 -15.40 6.70
CA GLU A 47 -2.55 -15.53 8.04
C GLU A 47 -2.98 -14.37 8.92
N SER A 48 -4.20 -13.88 8.71
CA SER A 48 -4.73 -12.77 9.49
C SER A 48 -3.89 -11.51 9.28
N PHE A 49 -4.34 -10.40 9.84
CA PHE A 49 -3.64 -9.14 9.72
C PHE A 49 -4.19 -8.10 10.70
N THR A 50 -3.36 -7.12 11.05
CA THR A 50 -3.77 -6.07 11.97
C THR A 50 -3.61 -4.69 11.35
N VAL A 51 -4.71 -4.13 10.86
CA VAL A 51 -4.68 -2.82 10.23
C VAL A 51 -4.18 -1.75 11.20
N TYR A 52 -3.84 -0.59 10.67
CA TYR A 52 -3.33 0.51 11.49
C TYR A 52 -4.00 1.82 11.10
N LEU A 53 -3.74 2.86 11.89
CA LEU A 53 -4.31 4.18 11.63
C LEU A 53 -3.47 4.94 10.59
N ARG A 54 -4.13 5.35 9.51
CA ARG A 54 -3.44 6.08 8.45
C ARG A 54 -2.69 7.29 9.02
N SER A 55 -3.32 7.99 9.95
CA SER A 55 -2.72 9.16 10.57
C SER A 55 -1.44 8.78 11.32
N ASP A 56 -1.51 7.67 12.04
CA ASP A 56 -0.36 7.19 12.81
C ASP A 56 0.81 6.85 11.89
N VAL A 57 0.55 5.99 10.91
CA VAL A 57 1.59 5.59 9.96
C VAL A 57 2.24 6.80 9.32
N GLU A 58 1.44 7.82 9.02
CA GLU A 58 1.95 9.04 8.40
C GLU A 58 3.12 9.61 9.20
N ALA A 59 2.98 9.63 10.52
CA ALA A 59 4.02 10.14 11.39
C ALA A 59 5.15 9.14 11.56
N LYS A 60 4.79 7.85 11.54
CA LYS A 60 5.76 6.78 11.68
C LYS A 60 6.86 6.89 10.63
N SER A 61 6.52 7.51 9.50
CA SER A 61 7.47 7.68 8.41
C SER A 61 8.37 8.89 8.65
N LEU A 62 7.85 9.86 9.41
CA LEU A 62 8.60 11.07 9.72
C LEU A 62 9.55 10.84 10.89
N GLU A 63 9.11 10.00 11.84
CA GLU A 63 9.93 9.70 13.00
C GLU A 63 11.10 8.79 12.64
N VAL A 64 10.94 8.03 11.57
CA VAL A 64 11.98 7.11 11.12
C VAL A 64 12.90 7.79 10.11
N TRP A 65 12.40 8.00 8.90
CA TRP A 65 13.17 8.64 7.84
C TRP A 65 13.59 10.05 8.25
N GLY A 66 12.82 10.65 9.14
CA GLY A 66 13.13 11.99 9.60
C GLY A 66 12.18 13.03 9.05
N SER A 67 11.84 12.90 7.77
CA SER A 67 10.93 13.83 7.11
C SER A 67 10.18 13.16 5.98
N PRO A 68 9.06 13.76 5.57
CA PRO A 68 8.21 13.24 4.49
C PRO A 68 8.88 13.35 3.13
N GLU A 69 9.89 14.23 3.04
CA GLU A 69 10.60 14.43 1.78
C GLU A 69 11.54 13.26 1.50
N ALA A 70 11.99 12.61 2.57
CA ALA A 70 12.90 11.47 2.44
C ALA A 70 12.18 10.26 1.83
N LEU A 71 11.00 9.97 2.34
CA LEU A 71 10.21 8.85 1.85
C LEU A 71 9.71 9.11 0.44
N ALA A 72 9.28 10.34 0.18
CA ALA A 72 8.79 10.72 -1.14
C ALA A 72 9.79 10.37 -2.22
N ARG A 73 11.07 10.37 -1.87
CA ARG A 73 12.13 10.06 -2.81
C ARG A 73 11.99 8.63 -3.33
N GLU A 74 11.53 7.73 -2.46
CA GLU A 74 11.35 6.33 -2.83
C GLU A 74 9.96 6.10 -3.40
N LYS A 75 8.97 6.81 -2.88
CA LYS A 75 7.59 6.68 -3.34
C LYS A 75 7.51 6.85 -4.85
N LYS A 76 8.32 7.76 -5.38
CA LYS A 76 8.34 8.03 -6.82
C LYS A 76 8.88 6.82 -7.59
N LEU A 77 10.05 6.34 -7.17
CA LEU A 77 10.68 5.19 -7.82
C LEU A 77 9.72 4.00 -7.86
N ARG A 78 9.28 3.56 -6.68
CA ARG A 78 8.36 2.44 -6.60
C ARG A 78 7.13 2.66 -7.49
N LYS A 79 6.77 3.92 -7.67
CA LYS A 79 5.61 4.26 -8.50
C LYS A 79 5.94 4.10 -9.98
N GLU A 80 6.91 4.88 -10.47
CA GLU A 80 7.31 4.82 -11.86
C GLU A 80 7.71 3.40 -12.25
N ALA A 81 8.23 2.65 -11.29
CA ALA A 81 8.64 1.27 -11.52
C ALA A 81 7.46 0.39 -11.90
N GLU A 82 6.42 0.42 -11.07
CA GLU A 82 5.22 -0.38 -11.31
C GLU A 82 4.59 0.00 -12.66
N ILE A 83 4.48 1.30 -12.92
CA ILE A 83 3.90 1.77 -14.16
C ILE A 83 4.61 1.19 -15.37
N GLU A 84 5.95 1.21 -15.32
CA GLU A 84 6.74 0.68 -16.42
C GLU A 84 6.50 -0.81 -16.61
N TYR A 85 6.13 -1.49 -15.52
CA TYR A 85 5.87 -2.92 -15.56
C TYR A 85 4.48 -3.20 -16.14
N ARG A 86 3.45 -2.69 -15.48
CA ARG A 86 2.08 -2.88 -15.94
C ARG A 86 1.89 -2.34 -17.35
N GLU A 87 2.71 -1.36 -17.71
CA GLU A 87 2.63 -0.74 -19.04
C GLU A 87 2.78 -1.80 -20.13
N ARG A 88 3.95 -2.41 -20.20
CA ARG A 88 4.22 -3.44 -21.19
C ARG A 88 3.19 -4.57 -21.11
N LEU A 89 2.63 -4.77 -19.93
CA LEU A 89 1.64 -5.81 -19.71
C LEU A 89 0.32 -5.44 -20.37
N PHE A 90 -0.09 -4.18 -20.20
CA PHE A 90 -1.34 -3.69 -20.78
C PHE A 90 -1.33 -3.85 -22.29
N ARG A 91 -0.18 -3.61 -22.90
CA ARG A 91 -0.05 -3.73 -24.36
C ARG A 91 -0.22 -5.17 -24.80
N ASN A 92 0.18 -6.11 -23.94
CA ASN A 92 0.07 -7.53 -24.26
C ASN A 92 -1.37 -7.90 -24.60
N GLN A 93 -2.31 -7.33 -23.85
CA GLN A 93 -3.73 -7.60 -24.07
C GLN A 93 -4.36 -6.53 -24.94
N LYS A 94 -5.67 -6.64 -25.17
CA LYS A 94 -6.39 -5.68 -25.98
C LYS A 94 -5.87 -5.66 -27.41
N ILE A 95 -6.60 -5.00 -28.30
CA ILE A 95 -6.20 -4.91 -29.70
C ILE A 95 -5.95 -3.46 -30.10
N LEU A 96 -6.62 -2.53 -29.42
CA LEU A 96 -6.45 -1.11 -29.72
C LEU A 96 -6.88 -0.79 -31.15
N ARG A 97 -6.96 0.49 -31.46
CA ARG A 97 -7.36 0.93 -32.79
C ARG A 97 -6.15 1.02 -33.72
N GLU A 98 -6.40 1.27 -35.00
CA GLU A 98 -5.33 1.38 -35.98
C GLU A 98 -5.10 2.83 -36.38
N TYR A 99 -4.45 3.59 -35.50
CA TYR A 99 -4.17 4.99 -35.76
C TYR A 99 -5.46 5.78 -35.94
N ARG A 100 -5.33 7.08 -36.18
CA ARG A 100 -6.48 7.95 -36.38
C ARG A 100 -7.43 7.87 -35.18
N ASP A 101 -8.59 8.51 -35.31
CA ASP A 101 -9.58 8.51 -34.25
C ASP A 101 -10.99 8.29 -34.80
N GLY A 1 -2.98 -22.45 6.91
CA GLY A 1 -1.54 -22.36 6.74
C GLY A 1 -1.02 -20.95 6.93
N SER A 2 -0.55 -20.34 5.85
CA SER A 2 -0.01 -18.98 5.92
C SER A 2 0.15 -18.40 4.52
N SER A 3 -0.97 -18.06 3.90
CA SER A 3 -0.95 -17.49 2.55
C SER A 3 -0.77 -15.97 2.61
N GLY A 4 -1.67 -15.30 3.31
CA GLY A 4 -1.60 -13.85 3.43
C GLY A 4 -2.77 -13.27 4.19
N SER A 5 -3.26 -12.13 3.74
CA SER A 5 -4.38 -11.46 4.39
C SER A 5 -5.63 -11.51 3.51
N SER A 6 -5.92 -12.71 2.99
CA SER A 6 -7.09 -12.90 2.14
C SER A 6 -7.09 -11.88 0.99
N GLY A 7 -6.40 -12.24 -0.09
CA GLY A 7 -6.33 -11.35 -1.24
C GLY A 7 -5.02 -10.59 -1.31
N LYS A 8 -4.94 -9.63 -2.22
CA LYS A 8 -3.73 -8.82 -2.40
C LYS A 8 -3.94 -7.42 -1.81
N TYR A 9 -5.00 -6.76 -2.25
CA TYR A 9 -5.30 -5.41 -1.77
C TYR A 9 -6.81 -5.16 -1.76
N THR A 10 -7.20 -3.99 -1.27
CA THR A 10 -8.61 -3.63 -1.20
C THR A 10 -8.78 -2.18 -0.73
N GLN A 11 -10.03 -1.72 -0.72
CA GLN A 11 -10.33 -0.36 -0.29
C GLN A 11 -10.97 -0.35 1.09
N ASN A 12 -10.19 0.03 2.10
CA ASN A 12 -10.68 0.09 3.47
C ASN A 12 -10.26 1.38 4.15
N ASN A 13 -10.80 1.62 5.35
CA ASN A 13 -10.47 2.82 6.10
C ASN A 13 -9.10 2.70 6.75
N PHE A 14 -8.70 1.48 7.05
CA PHE A 14 -7.40 1.22 7.68
C PHE A 14 -6.43 0.58 6.69
N ILE A 15 -5.17 0.51 7.07
CA ILE A 15 -4.14 -0.09 6.22
C ILE A 15 -3.47 -1.27 6.91
N THR A 16 -3.27 -2.35 6.16
CA THR A 16 -2.64 -3.54 6.70
C THR A 16 -1.23 -3.25 7.20
N GLY A 17 -0.77 -4.01 8.19
CA GLY A 17 0.55 -3.81 8.75
C GLY A 17 1.64 -3.96 7.70
N VAL A 18 1.82 -5.18 7.21
CA VAL A 18 2.84 -5.45 6.19
C VAL A 18 2.72 -4.50 5.01
N ARG A 19 1.49 -4.05 4.75
CA ARG A 19 1.23 -3.14 3.65
C ARG A 19 1.89 -1.79 3.89
N ALA A 20 1.87 -1.34 5.14
CA ALA A 20 2.48 -0.06 5.51
C ALA A 20 3.99 -0.20 5.66
N ILE A 21 4.44 -1.40 6.03
CA ILE A 21 5.87 -1.65 6.20
C ILE A 21 6.59 -1.67 4.86
N ASN A 22 5.85 -1.98 3.80
CA ASN A 22 6.43 -2.03 2.46
C ASN A 22 6.31 -0.68 1.76
N GLU A 23 5.27 0.08 2.13
CA GLU A 23 5.04 1.39 1.53
C GLU A 23 5.84 2.46 2.28
N PHE A 24 5.57 2.62 3.56
CA PHE A 24 6.25 3.61 4.38
C PHE A 24 7.69 3.18 4.67
N CYS A 25 7.96 1.90 4.46
CA CYS A 25 9.30 1.36 4.69
C CYS A 25 9.67 1.47 6.17
N LEU A 26 8.80 0.97 7.03
CA LEU A 26 9.03 0.99 8.47
C LEU A 26 9.55 -0.34 8.98
N LYS A 27 9.67 -0.47 10.29
CA LYS A 27 10.16 -1.70 10.91
C LYS A 27 9.01 -2.48 11.55
N SER A 28 9.30 -3.69 11.99
CA SER A 28 8.28 -4.53 12.62
C SER A 28 7.85 -3.93 13.96
N SER A 29 8.82 -3.61 14.80
CA SER A 29 8.52 -3.03 16.10
C SER A 29 7.90 -1.64 15.96
N ASP A 30 8.21 -0.98 14.85
CA ASP A 30 7.67 0.36 14.59
C ASP A 30 6.15 0.33 14.52
N LEU A 31 5.61 -0.45 13.59
CA LEU A 31 4.17 -0.57 13.41
C LEU A 31 3.49 -0.90 14.74
N GLU A 32 4.00 -1.92 15.41
CA GLU A 32 3.44 -2.35 16.69
C GLU A 32 3.36 -1.18 17.66
N GLN A 33 4.32 -0.27 17.56
CA GLN A 33 4.36 0.90 18.44
C GLN A 33 3.11 1.75 18.27
N LEU A 34 2.57 1.76 17.05
CA LEU A 34 1.37 2.54 16.76
C LEU A 34 0.15 1.95 17.47
N ARG A 35 -1.02 2.50 17.19
CA ARG A 35 -2.25 2.04 17.81
C ARG A 35 -2.69 0.70 17.21
N LYS A 36 -2.57 -0.36 18.00
CA LYS A 36 -2.94 -1.69 17.54
C LYS A 36 -4.45 -1.81 17.40
N ILE A 37 -4.94 -1.70 16.17
CA ILE A 37 -6.37 -1.79 15.89
C ILE A 37 -6.85 -3.23 16.00
N ARG A 38 -7.63 -3.51 17.05
CA ARG A 38 -8.16 -4.85 17.27
C ARG A 38 -9.33 -5.13 16.32
N ARG A 39 -9.00 -5.64 15.13
CA ARG A 39 -10.03 -5.95 14.14
C ARG A 39 -10.57 -7.36 14.34
N ARG A 40 -9.69 -8.35 14.23
CA ARG A 40 -10.08 -9.75 14.40
C ARG A 40 -9.07 -10.50 15.26
N SER A 41 -9.55 -11.14 16.31
CA SER A 41 -8.68 -11.90 17.21
C SER A 41 -9.50 -12.72 18.19
N PRO A 42 -10.12 -13.80 17.68
CA PRO A 42 -10.94 -14.70 18.50
C PRO A 42 -10.12 -15.51 19.49
N HIS A 43 -8.94 -15.95 19.05
CA HIS A 43 -8.05 -16.74 19.90
C HIS A 43 -6.90 -15.88 20.42
N GLU A 44 -6.44 -14.96 19.59
CA GLU A 44 -5.33 -14.08 19.96
C GLU A 44 -4.12 -14.89 20.40
N ASP A 45 -3.58 -15.69 19.49
CA ASP A 45 -2.41 -16.52 19.78
C ASP A 45 -1.26 -16.17 18.85
N THR A 46 -1.50 -16.31 17.55
CA THR A 46 -0.47 -16.02 16.55
C THR A 46 -1.05 -16.06 15.14
N GLU A 47 -2.23 -15.48 14.98
CA GLU A 47 -2.90 -15.46 13.67
C GLU A 47 -3.53 -14.10 13.42
N SER A 48 -4.31 -14.01 12.34
CA SER A 48 -4.98 -12.75 11.98
C SER A 48 -3.95 -11.67 11.67
N PHE A 49 -4.44 -10.51 11.25
CA PHE A 49 -3.57 -9.39 10.90
C PHE A 49 -4.06 -8.11 11.57
N THR A 50 -3.14 -7.40 12.23
CA THR A 50 -3.47 -6.16 12.92
C THR A 50 -3.28 -4.96 11.99
N VAL A 51 -4.38 -4.24 11.74
CA VAL A 51 -4.33 -3.07 10.86
C VAL A 51 -3.97 -1.82 11.66
N TYR A 52 -3.72 -0.73 10.94
CA TYR A 52 -3.37 0.53 11.58
C TYR A 52 -4.05 1.71 10.89
N LEU A 53 -3.95 2.89 11.49
CA LEU A 53 -4.55 4.09 10.92
C LEU A 53 -3.65 4.71 9.87
N ARG A 54 -4.20 4.93 8.68
CA ARG A 54 -3.44 5.53 7.58
C ARG A 54 -2.91 6.91 7.98
N SER A 55 -3.63 7.58 8.86
CA SER A 55 -3.23 8.91 9.32
C SER A 55 -2.08 8.83 10.30
N ASP A 56 -2.19 7.93 11.27
CA ASP A 56 -1.16 7.74 12.28
C ASP A 56 0.15 7.28 11.64
N VAL A 57 0.05 6.29 10.76
CA VAL A 57 1.21 5.75 10.07
C VAL A 57 1.96 6.85 9.32
N GLU A 58 1.23 7.87 8.89
CA GLU A 58 1.83 8.98 8.16
C GLU A 58 2.97 9.61 8.96
N ALA A 59 2.71 9.87 10.23
CA ALA A 59 3.72 10.46 11.10
C ALA A 59 4.81 9.46 11.45
N LYS A 60 4.43 8.19 11.59
CA LYS A 60 5.38 7.14 11.92
C LYS A 60 6.52 7.10 10.92
N SER A 61 6.25 7.57 9.69
CA SER A 61 7.25 7.58 8.64
C SER A 61 8.15 8.81 8.77
N LEU A 62 7.61 9.87 9.37
CA LEU A 62 8.37 11.10 9.56
C LEU A 62 9.20 11.05 10.84
N GLU A 63 8.69 10.34 11.84
CA GLU A 63 9.38 10.21 13.12
C GLU A 63 10.57 9.25 13.00
N VAL A 64 10.49 8.35 12.02
CA VAL A 64 11.55 7.38 11.80
C VAL A 64 12.56 7.89 10.77
N TRP A 65 12.16 7.91 9.51
CA TRP A 65 13.03 8.38 8.44
C TRP A 65 13.43 9.83 8.66
N GLY A 66 12.58 10.57 9.38
CA GLY A 66 12.86 11.97 9.64
C GLY A 66 11.93 12.90 8.89
N SER A 67 11.73 12.61 7.61
CA SER A 67 10.86 13.44 6.77
C SER A 67 10.22 12.60 5.66
N PRO A 68 9.13 13.12 5.09
CA PRO A 68 8.40 12.44 4.02
C PRO A 68 9.19 12.41 2.71
N GLU A 69 10.20 13.26 2.61
CA GLU A 69 11.03 13.33 1.42
C GLU A 69 11.96 12.12 1.33
N ALA A 70 12.44 11.66 2.50
CA ALA A 70 13.33 10.52 2.55
C ALA A 70 12.65 9.26 2.01
N LEU A 71 11.34 9.18 2.21
CA LEU A 71 10.57 8.02 1.75
C LEU A 71 10.12 8.21 0.31
N ALA A 72 9.73 9.44 -0.02
CA ALA A 72 9.28 9.76 -1.37
C ALA A 72 10.33 9.40 -2.41
N ARG A 73 11.59 9.46 -2.00
CA ARG A 73 12.70 9.16 -2.90
C ARG A 73 12.56 7.74 -3.46
N GLU A 74 12.17 6.80 -2.60
CA GLU A 74 12.00 5.41 -3.02
C GLU A 74 10.64 5.20 -3.67
N LYS A 75 9.62 5.87 -3.13
CA LYS A 75 8.26 5.77 -3.65
C LYS A 75 8.21 6.15 -5.13
N LYS A 76 8.98 7.17 -5.50
CA LYS A 76 9.03 7.63 -6.87
C LYS A 76 9.45 6.51 -7.81
N LEU A 77 10.44 5.73 -7.39
CA LEU A 77 10.94 4.62 -8.19
C LEU A 77 9.81 3.63 -8.50
N ARG A 78 9.24 3.06 -7.44
CA ARG A 78 8.16 2.10 -7.59
C ARG A 78 6.98 2.71 -8.33
N LYS A 79 6.83 4.03 -8.21
CA LYS A 79 5.74 4.74 -8.86
C LYS A 79 5.95 4.77 -10.38
N GLU A 80 7.02 5.44 -10.82
CA GLU A 80 7.32 5.54 -12.24
C GLU A 80 7.35 4.15 -12.89
N ALA A 81 7.74 3.15 -12.11
CA ALA A 81 7.82 1.79 -12.61
C ALA A 81 6.47 1.32 -13.15
N GLU A 82 5.43 1.44 -12.33
CA GLU A 82 4.09 1.04 -12.73
C GLU A 82 3.63 1.81 -13.95
N ILE A 83 3.96 3.10 -14.00
CA ILE A 83 3.59 3.95 -15.11
C ILE A 83 4.12 3.41 -16.42
N GLU A 84 5.38 2.97 -16.41
CA GLU A 84 6.02 2.42 -17.60
C GLU A 84 5.32 1.15 -18.06
N TYR A 85 4.73 0.43 -17.10
CA TYR A 85 4.03 -0.82 -17.41
C TYR A 85 2.66 -0.53 -18.02
N ARG A 86 1.82 0.17 -17.26
CA ARG A 86 0.48 0.51 -17.73
C ARG A 86 0.55 1.32 -19.01
N GLU A 87 1.65 2.03 -19.22
CA GLU A 87 1.83 2.85 -20.41
C GLU A 87 1.77 2.00 -21.66
N ARG A 88 2.78 1.16 -21.86
CA ARG A 88 2.84 0.29 -23.03
C ARG A 88 1.62 -0.61 -23.10
N LEU A 89 1.01 -0.86 -21.95
CA LEU A 89 -0.19 -1.70 -21.88
C LEU A 89 -1.24 -1.24 -22.89
N PHE A 90 -1.40 0.08 -23.00
CA PHE A 90 -2.36 0.66 -23.93
C PHE A 90 -2.18 0.09 -25.34
N ARG A 91 -0.93 -0.18 -25.70
CA ARG A 91 -0.62 -0.72 -27.01
C ARG A 91 -0.94 -2.21 -27.08
N ASN A 92 -0.78 -2.90 -25.96
CA ASN A 92 -1.04 -4.33 -25.88
C ASN A 92 -2.54 -4.61 -26.03
N GLN A 93 -3.36 -3.68 -25.56
CA GLN A 93 -4.81 -3.82 -25.64
C GLN A 93 -5.41 -2.82 -26.62
N LYS A 94 -6.72 -2.91 -26.84
CA LYS A 94 -7.41 -2.01 -27.74
C LYS A 94 -6.89 -2.18 -29.17
N ILE A 95 -6.21 -3.30 -29.42
CA ILE A 95 -5.67 -3.58 -30.75
C ILE A 95 -6.30 -4.83 -31.34
N LEU A 96 -6.67 -5.77 -30.47
CA LEU A 96 -7.29 -7.02 -30.91
C LEU A 96 -6.38 -7.76 -31.88
N ARG A 97 -6.84 -8.94 -32.32
CA ARG A 97 -6.07 -9.75 -33.26
C ARG A 97 -6.83 -9.95 -34.57
N GLU A 98 -6.20 -10.64 -35.51
CA GLU A 98 -6.81 -10.89 -36.81
C GLU A 98 -7.28 -12.35 -36.92
N TYR A 99 -7.96 -12.66 -38.00
CA TYR A 99 -8.46 -14.01 -38.22
C TYR A 99 -7.32 -14.97 -38.52
N ARG A 100 -7.63 -16.26 -38.56
CA ARG A 100 -6.64 -17.29 -38.85
C ARG A 100 -6.82 -17.87 -40.25
N ASP A 101 -5.74 -18.31 -40.86
CA ASP A 101 -5.79 -18.90 -42.19
C ASP A 101 -6.36 -17.90 -43.19
N GLY A 1 -2.32 -12.41 -4.97
CA GLY A 1 -2.70 -13.70 -4.42
C GLY A 1 -4.16 -13.77 -4.07
N SER A 2 -4.88 -14.69 -4.70
CA SER A 2 -6.30 -14.85 -4.46
C SER A 2 -6.55 -15.90 -3.38
N SER A 3 -6.14 -15.58 -2.16
CA SER A 3 -6.32 -16.50 -1.03
C SER A 3 -7.52 -16.10 -0.19
N GLY A 4 -8.72 -16.28 -0.75
CA GLY A 4 -9.93 -15.94 -0.04
C GLY A 4 -10.45 -14.56 -0.42
N SER A 5 -11.65 -14.51 -0.97
CA SER A 5 -12.26 -13.24 -1.38
C SER A 5 -12.37 -12.30 -0.19
N SER A 6 -11.52 -11.27 -0.18
CA SER A 6 -11.52 -10.29 0.90
C SER A 6 -12.72 -9.35 0.78
N GLY A 7 -13.00 -8.90 -0.45
CA GLY A 7 -14.12 -8.01 -0.68
C GLY A 7 -14.13 -7.44 -2.08
N LYS A 8 -14.23 -6.12 -2.20
CA LYS A 8 -14.25 -5.47 -3.50
C LYS A 8 -13.28 -4.29 -3.52
N TYR A 9 -12.24 -4.36 -2.69
CA TYR A 9 -11.25 -3.30 -2.62
C TYR A 9 -11.90 -1.95 -2.30
N THR A 10 -12.07 -1.69 -1.01
CA THR A 10 -12.69 -0.44 -0.56
C THR A 10 -12.06 0.05 0.74
N GLN A 11 -10.76 -0.17 0.88
CA GLN A 11 -10.03 0.25 2.08
C GLN A 11 -9.15 1.45 1.79
N ASN A 12 -9.50 2.59 2.37
CA ASN A 12 -8.74 3.82 2.18
C ASN A 12 -8.29 4.41 3.51
N ASN A 13 -9.25 4.63 4.41
CA ASN A 13 -8.96 5.19 5.72
C ASN A 13 -8.03 4.27 6.50
N PHE A 14 -8.11 2.98 6.23
CA PHE A 14 -7.28 1.99 6.91
C PHE A 14 -6.28 1.36 5.94
N ILE A 15 -5.16 0.89 6.47
CA ILE A 15 -4.13 0.27 5.66
C ILE A 15 -3.56 -0.98 6.34
N THR A 16 -3.22 -1.98 5.54
CA THR A 16 -2.68 -3.22 6.06
C THR A 16 -1.32 -3.00 6.71
N GLY A 17 -0.89 -3.96 7.53
CA GLY A 17 0.39 -3.84 8.21
C GLY A 17 1.56 -4.00 7.25
N VAL A 18 1.71 -5.20 6.71
CA VAL A 18 2.80 -5.48 5.77
C VAL A 18 2.82 -4.47 4.63
N ARG A 19 1.66 -3.94 4.30
CA ARG A 19 1.54 -2.95 3.23
C ARG A 19 2.25 -1.65 3.60
N ALA A 20 1.99 -1.17 4.81
CA ALA A 20 2.60 0.07 5.30
C ALA A 20 4.09 -0.12 5.53
N ILE A 21 4.48 -1.33 5.91
CA ILE A 21 5.89 -1.63 6.17
C ILE A 21 6.68 -1.72 4.87
N ASN A 22 5.97 -2.05 3.79
CA ASN A 22 6.61 -2.16 2.47
C ASN A 22 6.54 -0.84 1.72
N GLU A 23 5.53 -0.04 2.03
CA GLU A 23 5.36 1.26 1.38
C GLU A 23 6.17 2.34 2.09
N PHE A 24 5.86 2.54 3.38
CA PHE A 24 6.56 3.54 4.17
C PHE A 24 7.97 3.08 4.53
N CYS A 25 8.22 1.78 4.37
CA CYS A 25 9.52 1.21 4.68
C CYS A 25 9.89 1.45 6.15
N LEU A 26 9.24 0.72 7.03
CA LEU A 26 9.49 0.85 8.47
C LEU A 26 9.89 -0.50 9.07
N LYS A 27 10.06 -0.51 10.39
CA LYS A 27 10.44 -1.73 11.10
C LYS A 27 9.22 -2.46 11.63
N SER A 28 9.42 -3.69 12.10
CA SER A 28 8.31 -4.49 12.63
C SER A 28 7.84 -3.93 13.97
N SER A 29 8.79 -3.65 14.86
CA SER A 29 8.46 -3.12 16.17
C SER A 29 7.79 -1.76 16.06
N ASP A 30 8.10 -1.04 14.98
CA ASP A 30 7.52 0.28 14.75
C ASP A 30 6.00 0.19 14.65
N LEU A 31 5.51 -0.49 13.62
CA LEU A 31 4.08 -0.64 13.40
C LEU A 31 3.40 -1.17 14.66
N GLU A 32 4.06 -2.07 15.36
CA GLU A 32 3.53 -2.65 16.58
C GLU A 32 3.26 -1.57 17.63
N GLN A 33 4.14 -0.57 17.66
CA GLN A 33 4.00 0.53 18.61
C GLN A 33 2.68 1.27 18.41
N LEU A 34 2.18 1.24 17.18
CA LEU A 34 0.93 1.91 16.85
C LEU A 34 -0.27 1.09 17.34
N ARG A 35 -1.42 1.75 17.45
CA ARG A 35 -2.64 1.09 17.90
C ARG A 35 -3.02 -0.06 16.97
N LYS A 36 -3.29 -1.22 17.54
CA LYS A 36 -3.66 -2.39 16.76
C LYS A 36 -5.18 -2.57 16.74
N ILE A 37 -5.79 -2.28 15.60
CA ILE A 37 -7.23 -2.41 15.45
C ILE A 37 -7.60 -3.71 14.74
N ARG A 38 -8.54 -4.45 15.32
CA ARG A 38 -8.97 -5.72 14.76
C ARG A 38 -10.41 -5.62 14.25
N ARG A 39 -10.57 -5.22 13.00
CA ARG A 39 -11.89 -5.09 12.41
C ARG A 39 -12.65 -6.41 12.44
N ARG A 40 -13.94 -6.36 12.14
CA ARG A 40 -14.77 -7.56 12.14
C ARG A 40 -15.28 -7.87 10.74
N SER A 41 -15.27 -6.86 9.88
CA SER A 41 -15.73 -7.02 8.50
C SER A 41 -17.21 -7.40 8.47
N PRO A 42 -17.84 -7.18 7.31
CA PRO A 42 -19.26 -7.48 7.11
C PRO A 42 -19.54 -8.98 7.09
N HIS A 43 -18.71 -9.73 6.38
CA HIS A 43 -18.86 -11.17 6.28
C HIS A 43 -17.64 -11.89 6.85
N GLU A 44 -17.79 -13.19 7.11
CA GLU A 44 -16.69 -13.98 7.65
C GLU A 44 -16.11 -13.32 8.90
N ASP A 45 -16.84 -13.40 10.00
CA ASP A 45 -16.40 -12.80 11.26
C ASP A 45 -15.13 -13.50 11.77
N THR A 46 -14.98 -14.77 11.40
CA THR A 46 -13.81 -15.55 11.83
C THR A 46 -12.52 -14.87 11.39
N GLU A 47 -12.41 -14.59 10.10
CA GLU A 47 -11.23 -13.94 9.55
C GLU A 47 -10.91 -12.65 10.30
N SER A 48 -9.75 -12.59 10.94
CA SER A 48 -9.35 -11.42 11.68
C SER A 48 -7.91 -11.03 11.35
N PHE A 49 -7.65 -9.73 11.28
CA PHE A 49 -6.32 -9.22 10.97
C PHE A 49 -6.13 -7.81 11.52
N THR A 50 -4.92 -7.53 12.00
CA THR A 50 -4.61 -6.23 12.56
C THR A 50 -4.46 -5.18 11.45
N VAL A 51 -5.08 -4.02 11.66
CA VAL A 51 -5.02 -2.94 10.68
C VAL A 51 -4.64 -1.62 11.35
N TYR A 52 -3.85 -0.82 10.65
CA TYR A 52 -3.41 0.47 11.16
C TYR A 52 -4.10 1.62 10.43
N LEU A 53 -3.81 2.84 10.85
CA LEU A 53 -4.40 4.03 10.23
C LEU A 53 -3.38 4.75 9.36
N ARG A 54 -3.79 5.11 8.15
CA ARG A 54 -2.92 5.81 7.22
C ARG A 54 -2.31 7.05 7.87
N SER A 55 -3.07 7.68 8.75
CA SER A 55 -2.62 8.88 9.45
C SER A 55 -1.51 8.54 10.44
N ASP A 56 -1.69 7.45 11.16
CA ASP A 56 -0.72 7.01 12.15
C ASP A 56 0.61 6.65 11.49
N VAL A 57 0.55 5.77 10.49
CA VAL A 57 1.75 5.34 9.77
C VAL A 57 2.47 6.54 9.15
N GLU A 58 1.70 7.52 8.72
CA GLU A 58 2.27 8.73 8.12
C GLU A 58 3.34 9.34 9.01
N ALA A 59 2.94 9.71 10.22
CA ALA A 59 3.87 10.30 11.18
C ALA A 59 5.00 9.34 11.52
N LYS A 60 4.67 8.06 11.65
CA LYS A 60 5.65 7.04 11.97
C LYS A 60 6.80 7.05 10.96
N SER A 61 6.52 7.52 9.75
CA SER A 61 7.51 7.58 8.70
C SER A 61 8.36 8.84 8.83
N LEU A 62 7.79 9.88 9.42
CA LEU A 62 8.48 11.14 9.61
C LEU A 62 9.41 11.08 10.82
N GLU A 63 8.99 10.34 11.85
CA GLU A 63 9.78 10.20 13.06
C GLU A 63 10.97 9.28 12.83
N VAL A 64 10.85 8.39 11.84
CA VAL A 64 11.93 7.46 11.52
C VAL A 64 12.86 8.05 10.48
N TRP A 65 12.40 8.11 9.23
CA TRP A 65 13.19 8.66 8.14
C TRP A 65 13.57 10.11 8.42
N GLY A 66 12.75 10.80 9.21
CA GLY A 66 13.02 12.18 9.53
C GLY A 66 12.05 13.13 8.86
N SER A 67 11.70 12.83 7.62
CA SER A 67 10.78 13.67 6.86
C SER A 67 10.09 12.86 5.76
N PRO A 68 8.96 13.38 5.26
CA PRO A 68 8.18 12.73 4.20
C PRO A 68 8.90 12.77 2.86
N GLU A 69 9.88 13.66 2.74
CA GLU A 69 10.64 13.80 1.50
C GLU A 69 11.63 12.65 1.34
N ALA A 70 12.18 12.17 2.45
CA ALA A 70 13.13 11.07 2.43
C ALA A 70 12.47 9.79 1.92
N LEU A 71 11.24 9.55 2.36
CA LEU A 71 10.50 8.36 1.94
C LEU A 71 10.01 8.48 0.51
N ALA A 72 9.57 9.69 0.15
CA ALA A 72 9.07 9.95 -1.19
C ALA A 72 10.12 9.59 -2.24
N ARG A 73 11.39 9.75 -1.89
CA ARG A 73 12.48 9.45 -2.79
C ARG A 73 12.38 8.01 -3.31
N GLU A 74 11.84 7.13 -2.48
CA GLU A 74 11.68 5.73 -2.86
C GLU A 74 10.30 5.47 -3.45
N LYS A 75 9.30 6.17 -2.93
CA LYS A 75 7.93 6.02 -3.40
C LYS A 75 7.83 6.39 -4.88
N LYS A 76 8.57 7.41 -5.29
CA LYS A 76 8.57 7.86 -6.67
C LYS A 76 8.94 6.72 -7.61
N LEU A 77 10.04 6.04 -7.30
CA LEU A 77 10.51 4.92 -8.13
C LEU A 77 9.43 3.87 -8.26
N ARG A 78 9.01 3.30 -7.13
CA ARG A 78 7.99 2.27 -7.12
C ARG A 78 6.74 2.75 -7.87
N LYS A 79 6.43 4.03 -7.75
CA LYS A 79 5.27 4.61 -8.41
C LYS A 79 5.42 4.56 -9.92
N GLU A 80 6.48 5.19 -10.43
CA GLU A 80 6.74 5.22 -11.87
C GLU A 80 6.87 3.80 -12.42
N ALA A 81 7.32 2.88 -11.58
CA ALA A 81 7.49 1.49 -11.98
C ALA A 81 6.20 0.94 -12.57
N GLU A 82 5.09 1.12 -11.86
CA GLU A 82 3.80 0.63 -12.31
C GLU A 82 3.37 1.34 -13.60
N ILE A 83 3.72 2.61 -13.70
CA ILE A 83 3.37 3.40 -14.88
C ILE A 83 4.09 2.89 -16.12
N GLU A 84 5.40 2.65 -15.99
CA GLU A 84 6.19 2.15 -17.10
C GLU A 84 5.74 0.75 -17.51
N TYR A 85 5.20 0.00 -16.56
CA TYR A 85 4.73 -1.34 -16.83
C TYR A 85 3.38 -1.32 -17.54
N ARG A 86 2.40 -0.70 -16.90
CA ARG A 86 1.06 -0.61 -17.48
C ARG A 86 1.09 0.14 -18.81
N GLU A 87 2.06 1.04 -18.96
CA GLU A 87 2.19 1.82 -20.18
C GLU A 87 2.27 0.92 -21.40
N ARG A 88 3.34 0.11 -21.46
CA ARG A 88 3.54 -0.80 -22.57
C ARG A 88 2.37 -1.78 -22.70
N LEU A 89 1.73 -2.07 -21.56
CA LEU A 89 0.61 -2.99 -21.54
C LEU A 89 -0.52 -2.50 -22.43
N PHE A 90 -0.88 -1.23 -22.27
CA PHE A 90 -1.95 -0.63 -23.07
C PHE A 90 -1.57 -0.59 -24.56
N ARG A 91 -0.32 -0.21 -24.83
CA ARG A 91 0.16 -0.14 -26.19
C ARG A 91 -0.03 -1.46 -26.93
N ASN A 92 0.06 -2.56 -26.19
CA ASN A 92 -0.12 -3.89 -26.76
C ASN A 92 -1.57 -4.11 -27.20
N GLN A 93 -2.49 -3.42 -26.53
CA GLN A 93 -3.90 -3.54 -26.85
C GLN A 93 -4.31 -2.51 -27.90
N LYS A 94 -4.12 -1.24 -27.57
CA LYS A 94 -4.48 -0.16 -28.49
C LYS A 94 -3.42 -0.02 -29.58
N ILE A 95 -3.78 -0.41 -30.80
CA ILE A 95 -2.87 -0.33 -31.93
C ILE A 95 -2.39 1.10 -32.14
N LEU A 96 -3.21 2.07 -31.74
CA LEU A 96 -2.87 3.47 -31.89
C LEU A 96 -2.55 3.81 -33.34
N ARG A 97 -2.12 5.06 -33.57
CA ARG A 97 -1.78 5.51 -34.92
C ARG A 97 -0.36 6.07 -34.96
N GLU A 98 0.52 5.38 -35.68
CA GLU A 98 1.91 5.81 -35.80
C GLU A 98 2.18 6.42 -37.17
N TYR A 99 1.36 7.38 -37.55
CA TYR A 99 1.50 8.04 -38.84
C TYR A 99 1.61 9.55 -38.68
N ARG A 100 2.13 10.22 -39.71
CA ARG A 100 2.29 11.67 -39.67
C ARG A 100 1.39 12.34 -40.71
N ASP A 101 0.84 13.49 -40.33
CA ASP A 101 -0.05 14.23 -41.22
C ASP A 101 -1.19 13.35 -41.72
N GLY A 1 6.70 -17.21 -9.59
CA GLY A 1 6.16 -17.39 -8.26
C GLY A 1 5.27 -16.23 -7.84
N SER A 2 3.99 -16.51 -7.62
CA SER A 2 3.04 -15.49 -7.22
C SER A 2 3.49 -14.80 -5.94
N SER A 3 3.53 -13.47 -5.97
CA SER A 3 3.95 -12.69 -4.82
C SER A 3 2.84 -11.72 -4.39
N GLY A 4 2.84 -11.38 -3.10
CA GLY A 4 1.83 -10.48 -2.57
C GLY A 4 0.77 -11.19 -1.76
N SER A 5 0.50 -10.67 -0.57
CA SER A 5 -0.50 -11.27 0.31
C SER A 5 -1.54 -10.24 0.72
N SER A 6 -2.78 -10.45 0.29
CA SER A 6 -3.88 -9.54 0.62
C SER A 6 -3.59 -8.14 0.09
N GLY A 7 -4.46 -7.19 0.42
CA GLY A 7 -4.28 -5.82 -0.03
C GLY A 7 -4.75 -5.62 -1.46
N LYS A 8 -5.46 -4.53 -1.70
CA LYS A 8 -5.97 -4.22 -3.03
C LYS A 8 -6.05 -2.71 -3.24
N TYR A 9 -6.32 -2.30 -4.48
CA TYR A 9 -6.42 -0.89 -4.81
C TYR A 9 -7.81 -0.35 -4.46
N THR A 10 -7.97 0.08 -3.21
CA THR A 10 -9.24 0.62 -2.75
C THR A 10 -9.04 1.50 -1.52
N GLN A 11 -9.73 2.64 -1.51
CA GLN A 11 -9.63 3.57 -0.40
C GLN A 11 -10.15 2.94 0.89
N ASN A 12 -9.50 3.25 2.01
CA ASN A 12 -9.90 2.72 3.30
C ASN A 12 -9.25 3.50 4.45
N ASN A 13 -10.06 3.90 5.41
CA ASN A 13 -9.57 4.66 6.56
C ASN A 13 -8.46 3.91 7.27
N PHE A 14 -8.55 2.58 7.26
CA PHE A 14 -7.54 1.75 7.91
C PHE A 14 -6.60 1.13 6.88
N ILE A 15 -5.35 0.95 7.27
CA ILE A 15 -4.35 0.36 6.38
C ILE A 15 -3.72 -0.87 7.00
N THR A 16 -3.57 -1.92 6.20
CA THR A 16 -2.98 -3.17 6.67
C THR A 16 -1.54 -2.96 7.12
N GLY A 17 -1.06 -3.86 7.97
CA GLY A 17 0.30 -3.76 8.47
C GLY A 17 1.34 -3.97 7.39
N VAL A 18 1.38 -5.18 6.84
CA VAL A 18 2.33 -5.50 5.78
C VAL A 18 2.27 -4.49 4.65
N ARG A 19 1.08 -3.94 4.42
CA ARG A 19 0.88 -2.95 3.37
C ARG A 19 1.61 -1.65 3.69
N ALA A 20 1.61 -1.28 4.96
CA ALA A 20 2.27 -0.05 5.40
C ALA A 20 3.78 -0.27 5.54
N ILE A 21 4.16 -1.47 5.94
CA ILE A 21 5.57 -1.81 6.10
C ILE A 21 6.29 -1.86 4.76
N ASN A 22 5.54 -2.14 3.70
CA ASN A 22 6.10 -2.23 2.36
C ASN A 22 6.04 -0.87 1.67
N GLU A 23 5.01 -0.09 1.97
CA GLU A 23 4.84 1.22 1.37
C GLU A 23 5.69 2.26 2.09
N PHE A 24 5.44 2.43 3.38
CA PHE A 24 6.18 3.40 4.19
C PHE A 24 7.60 2.91 4.45
N CYS A 25 7.83 1.62 4.22
CA CYS A 25 9.14 1.03 4.43
C CYS A 25 9.62 1.23 5.86
N LEU A 26 8.86 0.70 6.81
CA LEU A 26 9.20 0.83 8.22
C LEU A 26 9.62 -0.52 8.80
N LYS A 27 9.78 -0.56 10.13
CA LYS A 27 10.17 -1.79 10.80
C LYS A 27 9.00 -2.38 11.57
N SER A 28 9.06 -3.69 11.81
CA SER A 28 8.00 -4.39 12.53
C SER A 28 7.82 -3.80 13.93
N SER A 29 8.91 -3.33 14.50
CA SER A 29 8.87 -2.74 15.84
C SER A 29 8.15 -1.40 15.83
N ASP A 30 8.18 -0.72 14.69
CA ASP A 30 7.52 0.57 14.54
C ASP A 30 6.01 0.41 14.49
N LEU A 31 5.55 -0.51 13.64
CA LEU A 31 4.12 -0.77 13.50
C LEU A 31 3.49 -1.09 14.84
N GLU A 32 4.04 -2.08 15.53
CA GLU A 32 3.54 -2.49 16.83
C GLU A 32 3.49 -1.31 17.80
N GLN A 33 4.42 -0.37 17.62
CA GLN A 33 4.50 0.80 18.48
C GLN A 33 3.23 1.63 18.36
N LEU A 34 2.56 1.55 17.21
CA LEU A 34 1.33 2.30 16.98
C LEU A 34 0.15 1.62 17.65
N ARG A 35 -0.99 2.32 17.68
CA ARG A 35 -2.19 1.78 18.31
C ARG A 35 -2.67 0.54 17.56
N LYS A 36 -2.96 -0.52 18.31
CA LYS A 36 -3.43 -1.78 17.72
C LYS A 36 -4.94 -1.90 17.86
N ILE A 37 -5.65 -1.62 16.79
CA ILE A 37 -7.12 -1.71 16.79
C ILE A 37 -7.57 -3.12 16.46
N ARG A 38 -8.44 -3.67 17.33
CA ARG A 38 -8.95 -5.02 17.13
C ARG A 38 -10.39 -4.98 16.59
N ARG A 39 -10.55 -5.36 15.33
CA ARG A 39 -11.86 -5.35 14.70
C ARG A 39 -12.41 -6.78 14.59
N ARG A 40 -13.63 -6.90 14.10
CA ARG A 40 -14.27 -8.20 13.95
C ARG A 40 -14.14 -8.70 12.52
N SER A 41 -13.89 -10.00 12.38
CA SER A 41 -13.73 -10.61 11.06
C SER A 41 -13.61 -12.13 11.18
N PRO A 42 -13.86 -12.84 10.07
CA PRO A 42 -13.78 -14.30 10.01
C PRO A 42 -12.35 -14.80 10.12
N HIS A 43 -11.93 -15.14 11.34
CA HIS A 43 -10.59 -15.64 11.58
C HIS A 43 -10.37 -16.97 10.86
N GLU A 44 -9.43 -16.99 9.92
CA GLU A 44 -9.13 -18.19 9.16
C GLU A 44 -7.70 -18.16 8.62
N ASP A 45 -7.35 -17.04 7.99
CA ASP A 45 -6.01 -16.86 7.42
C ASP A 45 -5.02 -16.42 8.49
N THR A 46 -5.18 -15.18 8.95
CA THR A 46 -4.31 -14.63 9.98
C THR A 46 -4.92 -14.74 11.36
N GLU A 47 -4.45 -15.71 12.13
CA GLU A 47 -4.97 -15.94 13.48
C GLU A 47 -4.78 -14.69 14.33
N SER A 48 -3.71 -13.95 14.08
CA SER A 48 -3.41 -12.74 14.82
C SER A 48 -3.44 -11.51 13.91
N PHE A 49 -4.64 -11.02 13.63
CA PHE A 49 -4.80 -9.86 12.76
C PHE A 49 -4.64 -8.56 13.56
N THR A 50 -4.20 -7.51 12.88
CA THR A 50 -4.00 -6.22 13.52
C THR A 50 -3.93 -5.10 12.50
N VAL A 51 -4.95 -4.23 12.48
CA VAL A 51 -5.00 -3.12 11.55
C VAL A 51 -4.50 -1.84 12.20
N TYR A 52 -3.96 -0.93 11.38
CA TYR A 52 -3.45 0.33 11.88
C TYR A 52 -4.13 1.50 11.20
N LEU A 53 -3.81 2.71 11.65
CA LEU A 53 -4.40 3.93 11.09
C LEU A 53 -3.45 4.58 10.09
N ARG A 54 -3.96 4.84 8.88
CA ARG A 54 -3.16 5.47 7.85
C ARG A 54 -2.62 6.82 8.31
N SER A 55 -3.32 7.44 9.24
CA SER A 55 -2.92 8.74 9.77
C SER A 55 -1.79 8.59 10.77
N ASP A 56 -1.80 7.47 11.50
CA ASP A 56 -0.78 7.20 12.50
C ASP A 56 0.52 6.79 11.84
N VAL A 57 0.44 5.86 10.90
CA VAL A 57 1.62 5.37 10.19
C VAL A 57 2.31 6.49 9.44
N GLU A 58 1.52 7.47 8.99
CA GLU A 58 2.06 8.60 8.26
C GLU A 58 3.16 9.31 9.05
N ALA A 59 2.86 9.65 10.30
CA ALA A 59 3.82 10.32 11.16
C ALA A 59 4.98 9.40 11.50
N LYS A 60 4.68 8.11 11.68
CA LYS A 60 5.71 7.12 12.00
C LYS A 60 6.84 7.14 10.96
N SER A 61 6.50 7.56 9.75
CA SER A 61 7.49 7.62 8.67
C SER A 61 8.30 8.91 8.74
N LEU A 62 7.69 9.95 9.33
CA LEU A 62 8.36 11.24 9.46
C LEU A 62 9.31 11.24 10.65
N GLU A 63 8.94 10.52 11.70
CA GLU A 63 9.76 10.44 12.90
C GLU A 63 10.98 9.55 12.67
N VAL A 64 10.87 8.63 11.72
CA VAL A 64 11.96 7.72 11.39
C VAL A 64 12.86 8.31 10.31
N TRP A 65 12.35 8.33 9.07
CA TRP A 65 13.11 8.87 7.95
C TRP A 65 13.45 10.34 8.17
N GLY A 66 12.63 11.01 8.97
CA GLY A 66 12.86 12.42 9.25
C GLY A 66 11.85 13.32 8.57
N SER A 67 11.51 12.99 7.32
CA SER A 67 10.55 13.77 6.56
C SER A 67 9.87 12.92 5.49
N PRO A 68 8.72 13.39 5.00
CA PRO A 68 7.95 12.69 3.97
C PRO A 68 8.64 12.72 2.61
N GLU A 69 9.56 13.67 2.44
CA GLU A 69 10.30 13.80 1.19
C GLU A 69 11.34 12.68 1.05
N ALA A 70 11.90 12.26 2.17
CA ALA A 70 12.91 11.21 2.17
C ALA A 70 12.31 9.88 1.70
N LEU A 71 11.16 9.52 2.26
CA LEU A 71 10.49 8.28 1.89
C LEU A 71 10.00 8.33 0.44
N ALA A 72 9.55 9.50 0.02
CA ALA A 72 9.05 9.69 -1.33
C ALA A 72 10.12 9.32 -2.36
N ARG A 73 11.38 9.44 -1.96
CA ARG A 73 12.50 9.12 -2.84
C ARG A 73 12.44 7.66 -3.28
N GLU A 74 12.00 6.79 -2.39
CA GLU A 74 11.89 5.37 -2.69
C GLU A 74 10.54 5.04 -3.33
N LYS A 75 9.54 5.86 -3.03
CA LYS A 75 8.21 5.66 -3.58
C LYS A 75 8.18 5.98 -5.07
N LYS A 76 8.93 7.00 -5.47
CA LYS A 76 9.00 7.41 -6.87
C LYS A 76 9.46 6.25 -7.75
N LEU A 77 10.30 5.38 -7.19
CA LEU A 77 10.81 4.24 -7.93
C LEU A 77 9.68 3.29 -8.31
N ARG A 78 9.07 2.67 -7.32
CA ARG A 78 7.97 1.73 -7.55
C ARG A 78 6.85 2.41 -8.30
N LYS A 79 6.73 3.72 -8.14
CA LYS A 79 5.68 4.49 -8.80
C LYS A 79 5.95 4.59 -10.30
N GLU A 80 7.10 5.18 -10.65
CA GLU A 80 7.47 5.34 -12.05
C GLU A 80 7.55 3.98 -12.76
N ALA A 81 7.84 2.94 -11.99
CA ALA A 81 7.93 1.58 -12.53
C ALA A 81 6.65 1.19 -13.26
N GLU A 82 5.53 1.27 -12.55
CA GLU A 82 4.24 0.93 -13.12
C GLU A 82 3.96 1.76 -14.37
N ILE A 83 4.18 3.06 -14.26
CA ILE A 83 3.95 3.98 -15.38
C ILE A 83 4.69 3.52 -16.62
N GLU A 84 5.97 3.19 -16.46
CA GLU A 84 6.79 2.74 -17.58
C GLU A 84 6.21 1.46 -18.19
N TYR A 85 5.51 0.68 -17.38
CA TYR A 85 4.91 -0.56 -17.83
C TYR A 85 3.62 -0.30 -18.60
N ARG A 86 2.64 0.27 -17.91
CA ARG A 86 1.34 0.57 -18.51
C ARG A 86 1.52 1.52 -19.69
N GLU A 87 2.63 2.25 -19.70
CA GLU A 87 2.90 3.20 -20.78
C GLU A 87 2.78 2.53 -22.14
N ARG A 88 3.07 1.23 -22.19
CA ARG A 88 2.98 0.47 -23.43
C ARG A 88 1.55 0.02 -23.70
N LEU A 89 0.80 -0.24 -22.63
CA LEU A 89 -0.58 -0.67 -22.76
C LEU A 89 -1.38 0.30 -23.62
N PHE A 90 -1.08 1.59 -23.50
CA PHE A 90 -1.76 2.61 -24.27
C PHE A 90 -1.66 2.33 -25.76
N ARG A 91 -0.49 1.85 -26.20
CA ARG A 91 -0.26 1.54 -27.61
C ARG A 91 -1.02 0.28 -28.01
N ASN A 92 -1.15 -0.65 -27.08
CA ASN A 92 -1.86 -1.90 -27.34
C ASN A 92 -3.29 -1.85 -26.82
N GLN A 93 -3.93 -0.69 -26.99
CA GLN A 93 -5.30 -0.50 -26.52
C GLN A 93 -6.23 -0.18 -27.69
N LYS A 94 -5.98 -0.82 -28.84
CA LYS A 94 -6.80 -0.60 -30.02
C LYS A 94 -6.55 -1.69 -31.06
N ILE A 95 -7.54 -1.92 -31.91
CA ILE A 95 -7.43 -2.94 -32.95
C ILE A 95 -6.38 -2.56 -33.98
N LEU A 96 -6.23 -1.25 -34.21
CA LEU A 96 -5.25 -0.76 -35.17
C LEU A 96 -5.51 -1.33 -36.56
N ARG A 97 -4.71 -0.91 -37.53
CA ARG A 97 -4.85 -1.38 -38.90
C ARG A 97 -3.58 -2.09 -39.37
N GLU A 98 -3.59 -2.55 -40.62
CA GLU A 98 -2.45 -3.25 -41.19
C GLU A 98 -2.68 -3.56 -42.66
N TYR A 99 -1.88 -2.94 -43.52
CA TYR A 99 -1.99 -3.16 -44.96
C TYR A 99 -3.37 -2.75 -45.46
N ARG A 100 -3.61 -2.93 -46.76
CA ARG A 100 -4.89 -2.57 -47.37
C ARG A 100 -5.30 -3.62 -48.40
N ASP A 101 -6.61 -3.72 -48.64
CA ASP A 101 -7.14 -4.67 -49.60
C ASP A 101 -8.34 -4.09 -50.34
N GLY A 1 0.56 -12.57 -6.58
CA GLY A 1 1.55 -12.25 -5.57
C GLY A 1 2.06 -13.47 -4.83
N SER A 2 2.43 -13.29 -3.57
CA SER A 2 2.94 -14.39 -2.76
C SER A 2 3.02 -13.98 -1.29
N SER A 3 3.14 -14.97 -0.41
CA SER A 3 3.23 -14.71 1.03
C SER A 3 2.08 -13.83 1.50
N GLY A 4 0.86 -14.25 1.20
CA GLY A 4 -0.31 -13.49 1.59
C GLY A 4 -1.38 -14.35 2.22
N SER A 5 -1.41 -14.40 3.54
CA SER A 5 -2.39 -15.20 4.26
C SER A 5 -3.74 -14.48 4.33
N SER A 6 -3.69 -13.15 4.41
CA SER A 6 -4.90 -12.34 4.48
C SER A 6 -5.09 -11.54 3.20
N GLY A 7 -6.28 -11.66 2.61
CA GLY A 7 -6.57 -10.95 1.39
C GLY A 7 -7.99 -10.42 1.34
N LYS A 8 -8.23 -9.28 1.98
CA LYS A 8 -9.55 -8.69 2.02
C LYS A 8 -9.67 -7.56 0.99
N TYR A 9 -8.63 -6.75 0.89
CA TYR A 9 -8.62 -5.64 -0.06
C TYR A 9 -9.82 -4.71 0.16
N THR A 10 -9.62 -3.68 0.98
CA THR A 10 -10.68 -2.73 1.27
C THR A 10 -10.20 -1.30 1.06
N GLN A 11 -9.22 -0.86 1.86
CA GLN A 11 -8.69 0.49 1.74
C GLN A 11 -9.79 1.52 1.90
N ASN A 12 -10.01 1.97 3.13
CA ASN A 12 -11.04 2.97 3.41
C ASN A 12 -10.59 3.94 4.50
N ASN A 13 -10.50 3.43 5.73
CA ASN A 13 -10.08 4.24 6.86
C ASN A 13 -8.79 3.71 7.47
N PHE A 14 -8.70 2.38 7.57
CA PHE A 14 -7.51 1.74 8.13
C PHE A 14 -6.62 1.19 7.03
N ILE A 15 -5.42 0.77 7.41
CA ILE A 15 -4.46 0.22 6.45
C ILE A 15 -3.77 -1.02 7.01
N THR A 16 -3.65 -2.05 6.18
CA THR A 16 -3.02 -3.29 6.60
C THR A 16 -1.57 -3.04 7.03
N GLY A 17 -1.13 -3.81 8.03
CA GLY A 17 0.23 -3.65 8.52
C GLY A 17 1.26 -3.72 7.42
N VAL A 18 1.40 -4.91 6.82
CA VAL A 18 2.36 -5.10 5.75
C VAL A 18 2.19 -4.05 4.65
N ARG A 19 0.95 -3.73 4.34
CA ARG A 19 0.65 -2.75 3.31
C ARG A 19 1.39 -1.44 3.58
N ALA A 20 1.58 -1.12 4.85
CA ALA A 20 2.28 0.09 5.25
C ALA A 20 3.78 -0.15 5.36
N ILE A 21 4.15 -1.32 5.89
CA ILE A 21 5.55 -1.67 6.04
C ILE A 21 6.29 -1.66 4.71
N ASN A 22 5.53 -1.87 3.63
CA ASN A 22 6.11 -1.88 2.29
C ASN A 22 6.05 -0.49 1.66
N GLU A 23 4.86 0.11 1.67
CA GLU A 23 4.67 1.44 1.10
C GLU A 23 5.55 2.47 1.81
N PHE A 24 5.34 2.61 3.12
CA PHE A 24 6.11 3.56 3.91
C PHE A 24 7.54 3.06 4.12
N CYS A 25 7.75 1.77 3.87
CA CYS A 25 9.08 1.17 4.04
C CYS A 25 9.57 1.34 5.47
N LEU A 26 8.84 0.78 6.43
CA LEU A 26 9.20 0.87 7.83
C LEU A 26 9.64 -0.49 8.37
N LYS A 27 9.82 -0.57 9.68
CA LYS A 27 10.23 -1.81 10.33
C LYS A 27 9.01 -2.59 10.82
N SER A 28 9.13 -3.92 10.81
CA SER A 28 8.04 -4.77 11.27
C SER A 28 7.72 -4.53 12.75
N SER A 29 8.73 -4.10 13.49
CA SER A 29 8.57 -3.82 14.91
C SER A 29 8.04 -2.41 15.14
N ASP A 30 8.35 -1.51 14.20
CA ASP A 30 7.90 -0.13 14.30
C ASP A 30 6.38 -0.05 14.32
N LEU A 31 5.75 -0.74 13.37
CA LEU A 31 4.29 -0.75 13.26
C LEU A 31 3.65 -1.16 14.58
N GLU A 32 4.21 -2.19 15.21
CA GLU A 32 3.69 -2.68 16.48
C GLU A 32 3.70 -1.58 17.53
N GLN A 33 4.62 -0.62 17.37
CA GLN A 33 4.74 0.49 18.31
C GLN A 33 3.49 1.36 18.28
N LEU A 34 2.81 1.37 17.15
CA LEU A 34 1.59 2.17 16.99
C LEU A 34 0.43 1.56 17.79
N ARG A 35 -0.74 2.15 17.65
CA ARG A 35 -1.93 1.65 18.35
C ARG A 35 -2.55 0.46 17.63
N LYS A 36 -2.38 -0.72 18.20
CA LYS A 36 -2.93 -1.94 17.61
C LYS A 36 -4.45 -1.89 17.56
N ILE A 37 -4.98 -1.44 16.43
CA ILE A 37 -6.42 -1.34 16.25
C ILE A 37 -7.07 -2.74 16.22
N ARG A 38 -7.71 -3.10 17.32
CA ARG A 38 -8.37 -4.40 17.42
C ARG A 38 -9.69 -4.40 16.67
N ARG A 39 -9.63 -4.77 15.39
CA ARG A 39 -10.82 -4.82 14.55
C ARG A 39 -11.81 -5.87 15.06
N ARG A 40 -11.35 -7.09 15.20
CA ARG A 40 -12.19 -8.19 15.68
C ARG A 40 -13.34 -8.44 14.72
N SER A 41 -14.15 -9.46 15.03
CA SER A 41 -15.29 -9.81 14.19
C SER A 41 -16.18 -10.83 14.89
N PRO A 42 -17.43 -10.93 14.42
CA PRO A 42 -18.42 -11.86 15.00
C PRO A 42 -18.08 -13.32 14.68
N HIS A 43 -18.59 -14.23 15.50
CA HIS A 43 -18.34 -15.65 15.31
C HIS A 43 -16.85 -15.95 15.33
N GLU A 44 -16.11 -15.21 16.14
CA GLU A 44 -14.67 -15.39 16.24
C GLU A 44 -14.24 -15.61 17.69
N ASP A 45 -13.22 -16.43 17.88
CA ASP A 45 -12.72 -16.71 19.23
C ASP A 45 -11.20 -16.83 19.22
N THR A 46 -10.55 -16.05 18.35
CA THR A 46 -9.09 -16.07 18.25
C THR A 46 -8.56 -14.73 17.76
N GLU A 47 -7.56 -14.20 18.46
CA GLU A 47 -6.96 -12.92 18.10
C GLU A 47 -5.72 -13.13 17.23
N SER A 48 -5.52 -12.23 16.28
CA SER A 48 -4.36 -12.32 15.38
C SER A 48 -4.34 -11.12 14.44
N PHE A 49 -5.42 -10.91 13.71
CA PHE A 49 -5.52 -9.80 12.77
C PHE A 49 -5.42 -8.46 13.49
N THR A 50 -4.75 -7.51 12.86
CA THR A 50 -4.58 -6.18 13.44
C THR A 50 -4.26 -5.14 12.37
N VAL A 51 -5.04 -4.07 12.34
CA VAL A 51 -4.85 -3.01 11.35
C VAL A 51 -4.37 -1.74 12.03
N TYR A 52 -3.91 -0.77 11.22
CA TYR A 52 -3.43 0.50 11.74
C TYR A 52 -4.15 1.66 11.08
N LEU A 53 -3.91 2.86 11.60
CA LEU A 53 -4.54 4.06 11.06
C LEU A 53 -3.60 4.81 10.13
N ARG A 54 -4.11 5.20 8.97
CA ARG A 54 -3.30 5.93 7.99
C ARG A 54 -2.72 7.20 8.60
N SER A 55 -3.50 7.86 9.45
CA SER A 55 -3.06 9.09 10.10
C SER A 55 -1.84 8.83 10.97
N ASP A 56 -1.87 7.74 11.73
CA ASP A 56 -0.77 7.38 12.61
C ASP A 56 0.46 6.99 11.81
N VAL A 57 0.31 6.02 10.91
CA VAL A 57 1.41 5.57 10.08
C VAL A 57 2.02 6.72 9.30
N GLU A 58 1.21 7.73 9.00
CA GLU A 58 1.67 8.90 8.25
C GLU A 58 2.80 9.60 9.01
N ALA A 59 2.74 9.56 10.33
CA ALA A 59 3.75 10.21 11.16
C ALA A 59 4.91 9.25 11.44
N LYS A 60 4.61 7.96 11.48
CA LYS A 60 5.62 6.94 11.74
C LYS A 60 6.76 7.05 10.73
N SER A 61 6.45 7.56 9.55
CA SER A 61 7.45 7.70 8.50
C SER A 61 8.27 8.98 8.70
N LEU A 62 7.67 9.96 9.37
CA LEU A 62 8.35 11.22 9.62
C LEU A 62 9.22 11.14 10.87
N GLU A 63 8.77 10.33 11.84
CA GLU A 63 9.51 10.15 13.08
C GLU A 63 10.74 9.29 12.86
N VAL A 64 10.70 8.44 11.84
CA VAL A 64 11.80 7.56 11.52
C VAL A 64 12.75 8.21 10.52
N TRP A 65 12.32 8.29 9.27
CA TRP A 65 13.14 8.90 8.21
C TRP A 65 13.46 10.34 8.54
N GLY A 66 12.53 11.02 9.21
CA GLY A 66 12.73 12.41 9.58
C GLY A 66 11.80 13.35 8.84
N SER A 67 11.41 12.95 7.63
CA SER A 67 10.50 13.77 6.82
C SER A 67 9.86 12.93 5.73
N PRO A 68 8.73 13.44 5.18
CA PRO A 68 8.00 12.75 4.12
C PRO A 68 8.75 12.75 2.80
N GLU A 69 9.67 13.69 2.66
CA GLU A 69 10.47 13.79 1.44
C GLU A 69 11.41 12.60 1.29
N ALA A 70 12.06 12.24 2.39
CA ALA A 70 13.00 11.12 2.40
C ALA A 70 12.35 9.87 1.79
N LEU A 71 11.14 9.56 2.25
CA LEU A 71 10.42 8.39 1.75
C LEU A 71 9.97 8.59 0.32
N ALA A 72 9.45 9.78 0.02
CA ALA A 72 8.99 10.10 -1.32
C ALA A 72 10.07 9.81 -2.36
N ARG A 73 11.32 9.99 -1.96
CA ARG A 73 12.45 9.75 -2.86
C ARG A 73 12.43 8.32 -3.39
N GLU A 74 12.11 7.38 -2.51
CA GLU A 74 12.06 5.96 -2.88
C GLU A 74 10.72 5.63 -3.56
N LYS A 75 9.66 6.28 -3.11
CA LYS A 75 8.33 6.05 -3.67
C LYS A 75 8.31 6.38 -5.15
N LYS A 76 8.99 7.45 -5.53
CA LYS A 76 9.05 7.87 -6.92
C LYS A 76 9.55 6.74 -7.81
N LEU A 77 10.58 6.04 -7.35
CA LEU A 77 11.15 4.93 -8.09
C LEU A 77 10.10 3.85 -8.37
N ARG A 78 9.61 3.22 -7.31
CA ARG A 78 8.60 2.17 -7.44
C ARG A 78 7.39 2.68 -8.21
N LYS A 79 7.13 3.98 -8.10
CA LYS A 79 6.00 4.60 -8.78
C LYS A 79 6.20 4.55 -10.30
N GLU A 80 7.32 5.10 -10.76
CA GLU A 80 7.63 5.13 -12.18
C GLU A 80 7.71 3.71 -12.75
N ALA A 81 8.04 2.75 -11.89
CA ALA A 81 8.16 1.35 -12.30
C ALA A 81 6.80 0.82 -12.75
N GLU A 82 5.78 1.02 -11.92
CA GLU A 82 4.44 0.54 -12.23
C GLU A 82 3.92 1.17 -13.52
N ILE A 83 4.18 2.46 -13.68
CA ILE A 83 3.74 3.19 -14.87
C ILE A 83 4.33 2.58 -16.14
N GLU A 84 5.64 2.32 -16.10
CA GLU A 84 6.33 1.74 -17.26
C GLU A 84 5.79 0.34 -17.56
N TYR A 85 5.26 -0.32 -16.53
CA TYR A 85 4.71 -1.66 -16.69
C TYR A 85 3.30 -1.60 -17.27
N ARG A 86 2.39 -0.95 -16.55
CA ARG A 86 1.01 -0.82 -16.99
C ARG A 86 0.94 -0.14 -18.36
N GLU A 87 1.98 0.61 -18.70
CA GLU A 87 2.04 1.32 -19.97
C GLU A 87 2.03 0.34 -21.14
N ARG A 88 3.02 -0.55 -21.16
CA ARG A 88 3.13 -1.54 -22.23
C ARG A 88 1.97 -2.54 -22.17
N LEU A 89 1.38 -2.67 -20.99
CA LEU A 89 0.25 -3.58 -20.81
C LEU A 89 -0.86 -3.29 -21.80
N PHE A 90 -1.11 -2.01 -22.04
CA PHE A 90 -2.16 -1.59 -22.97
C PHE A 90 -1.98 -2.26 -24.33
N ARG A 91 -0.72 -2.34 -24.77
CA ARG A 91 -0.41 -2.96 -26.05
C ARG A 91 -0.94 -4.40 -26.12
N ASN A 92 -0.52 -5.22 -25.16
CA ASN A 92 -0.95 -6.61 -25.11
C ASN A 92 -2.47 -6.70 -24.98
N GLN A 93 -3.07 -5.71 -24.31
CA GLN A 93 -4.50 -5.69 -24.12
C GLN A 93 -5.22 -5.32 -25.42
N LYS A 94 -6.47 -5.77 -25.54
CA LYS A 94 -7.27 -5.50 -26.73
C LYS A 94 -6.62 -6.12 -27.97
N ILE A 95 -7.40 -6.19 -29.05
CA ILE A 95 -6.90 -6.76 -30.30
C ILE A 95 -6.60 -5.67 -31.32
N LEU A 96 -7.29 -4.54 -31.20
CA LEU A 96 -7.10 -3.42 -32.12
C LEU A 96 -7.46 -3.82 -33.55
N ARG A 97 -8.66 -3.45 -33.98
CA ARG A 97 -9.12 -3.77 -35.32
C ARG A 97 -8.27 -3.06 -36.37
N GLU A 98 -7.82 -1.86 -36.04
CA GLU A 98 -6.99 -1.06 -36.96
C GLU A 98 -7.75 -0.74 -38.24
N TYR A 99 -8.29 0.48 -38.30
CA TYR A 99 -9.04 0.91 -39.46
C TYR A 99 -10.20 -0.04 -39.75
N ARG A 100 -10.92 0.23 -40.84
CA ARG A 100 -12.06 -0.60 -41.22
C ARG A 100 -11.62 -1.70 -42.19
N ASP A 101 -12.58 -2.53 -42.61
CA ASP A 101 -12.30 -3.61 -43.54
C ASP A 101 -13.19 -3.51 -44.77
N GLY A 1 5.00 -17.18 -14.31
CA GLY A 1 4.74 -16.10 -13.38
C GLY A 1 4.08 -16.56 -12.10
N SER A 2 3.72 -15.61 -11.24
CA SER A 2 3.09 -15.94 -9.97
C SER A 2 2.39 -14.70 -9.39
N SER A 3 3.12 -13.61 -9.30
CA SER A 3 2.57 -12.37 -8.75
C SER A 3 2.05 -12.58 -7.33
N GLY A 4 1.53 -11.51 -6.74
CA GLY A 4 1.00 -11.60 -5.39
C GLY A 4 0.10 -10.44 -5.04
N SER A 5 -0.76 -10.06 -5.98
CA SER A 5 -1.68 -8.95 -5.77
C SER A 5 -3.13 -9.45 -5.76
N SER A 6 -4.01 -8.63 -5.19
CA SER A 6 -5.43 -8.99 -5.11
C SER A 6 -6.31 -7.79 -5.47
N GLY A 7 -6.41 -7.51 -6.76
CA GLY A 7 -7.22 -6.40 -7.22
C GLY A 7 -6.42 -5.12 -7.37
N LYS A 8 -7.09 -4.04 -7.76
CA LYS A 8 -6.43 -2.75 -7.93
C LYS A 8 -6.56 -1.89 -6.67
N TYR A 9 -6.20 -2.47 -5.53
CA TYR A 9 -6.29 -1.77 -4.26
C TYR A 9 -7.73 -1.40 -3.92
N THR A 10 -7.92 -0.69 -2.82
CA THR A 10 -9.24 -0.28 -2.39
C THR A 10 -9.17 0.94 -1.47
N GLN A 11 -9.98 1.94 -1.76
CA GLN A 11 -10.02 3.15 -0.97
C GLN A 11 -10.73 2.93 0.36
N ASN A 12 -9.98 3.01 1.45
CA ASN A 12 -10.54 2.81 2.78
C ASN A 12 -9.86 3.73 3.80
N ASN A 13 -10.49 3.88 4.96
CA ASN A 13 -9.95 4.72 6.03
C ASN A 13 -8.84 4.01 6.78
N PHE A 14 -8.90 2.68 6.80
CA PHE A 14 -7.89 1.87 7.49
C PHE A 14 -6.89 1.29 6.49
N ILE A 15 -5.68 1.03 6.96
CA ILE A 15 -4.64 0.47 6.12
C ILE A 15 -4.01 -0.77 6.76
N THR A 16 -3.81 -1.81 5.96
CA THR A 16 -3.23 -3.06 6.45
C THR A 16 -1.80 -2.83 6.94
N GLY A 17 -1.30 -3.77 7.73
CA GLY A 17 0.05 -3.65 8.26
C GLY A 17 1.11 -3.86 7.19
N VAL A 18 1.15 -5.07 6.62
CA VAL A 18 2.12 -5.39 5.58
C VAL A 18 2.08 -4.36 4.45
N ARG A 19 0.90 -3.78 4.24
CA ARG A 19 0.73 -2.78 3.18
C ARG A 19 1.52 -1.52 3.50
N ALA A 20 1.56 -1.16 4.78
CA ALA A 20 2.29 0.03 5.22
C ALA A 20 3.78 -0.24 5.33
N ILE A 21 4.13 -1.42 5.85
CA ILE A 21 5.53 -1.79 6.01
C ILE A 21 6.25 -1.83 4.66
N ASN A 22 5.48 -2.03 3.60
CA ASN A 22 6.05 -2.08 2.25
C ASN A 22 6.01 -0.70 1.60
N GLU A 23 4.84 -0.06 1.64
CA GLU A 23 4.67 1.26 1.06
C GLU A 23 5.56 2.28 1.75
N PHE A 24 5.36 2.45 3.05
CA PHE A 24 6.13 3.41 3.83
C PHE A 24 7.56 2.89 4.05
N CYS A 25 7.75 1.60 3.82
CA CYS A 25 9.06 0.98 3.99
C CYS A 25 9.57 1.17 5.41
N LEU A 26 8.81 0.66 6.39
CA LEU A 26 9.18 0.78 7.79
C LEU A 26 9.57 -0.57 8.36
N LYS A 27 9.80 -0.62 9.67
CA LYS A 27 10.18 -1.85 10.34
C LYS A 27 8.98 -2.44 11.10
N SER A 28 8.92 -3.78 11.13
CA SER A 28 7.83 -4.47 11.81
C SER A 28 7.79 -4.10 13.29
N SER A 29 8.95 -3.75 13.83
CA SER A 29 9.06 -3.36 15.24
C SER A 29 8.42 -2.00 15.48
N ASP A 30 8.39 -1.17 14.44
CA ASP A 30 7.80 0.16 14.54
C ASP A 30 6.28 0.09 14.48
N LEU A 31 5.77 -0.64 13.50
CA LEU A 31 4.33 -0.78 13.33
C LEU A 31 3.68 -1.31 14.61
N GLU A 32 4.24 -2.40 15.14
CA GLU A 32 3.72 -3.00 16.36
C GLU A 32 3.68 -1.99 17.50
N GLN A 33 4.57 -1.00 17.44
CA GLN A 33 4.62 0.04 18.46
C GLN A 33 3.35 0.87 18.48
N LEU A 34 2.73 1.01 17.31
CA LEU A 34 1.49 1.78 17.20
C LEU A 34 0.33 1.07 17.88
N ARG A 35 -0.85 1.68 17.85
CA ARG A 35 -2.03 1.10 18.47
C ARG A 35 -2.58 -0.04 17.62
N LYS A 36 -2.79 -1.19 18.26
CA LYS A 36 -3.32 -2.37 17.58
C LYS A 36 -4.84 -2.30 17.49
N ILE A 37 -5.34 -1.96 16.31
CA ILE A 37 -6.78 -1.87 16.09
C ILE A 37 -7.30 -3.11 15.37
N ARG A 38 -8.40 -3.66 15.87
CA ARG A 38 -9.00 -4.85 15.28
C ARG A 38 -10.41 -4.54 14.76
N ARG A 39 -10.93 -3.37 15.12
CA ARG A 39 -12.26 -2.97 14.70
C ARG A 39 -13.32 -3.92 15.24
N ARG A 40 -14.58 -3.51 15.12
CA ARG A 40 -15.68 -4.34 15.60
C ARG A 40 -15.49 -4.71 17.06
N SER A 41 -15.43 -3.70 17.93
CA SER A 41 -15.24 -3.92 19.35
C SER A 41 -13.94 -4.69 19.62
N PRO A 42 -12.81 -4.01 19.41
CA PRO A 42 -11.48 -4.60 19.62
C PRO A 42 -11.18 -4.84 21.09
N HIS A 43 -11.09 -6.12 21.47
CA HIS A 43 -10.80 -6.48 22.84
C HIS A 43 -9.56 -7.38 22.93
N GLU A 44 -8.79 -7.22 24.01
CA GLU A 44 -7.58 -8.02 24.19
C GLU A 44 -7.92 -9.47 24.47
N ASP A 45 -7.69 -10.32 23.47
CA ASP A 45 -7.98 -11.74 23.60
C ASP A 45 -7.15 -12.56 22.61
N THR A 46 -5.95 -12.08 22.32
CA THR A 46 -5.05 -12.76 21.38
C THR A 46 -5.67 -12.81 19.99
N GLU A 47 -5.22 -11.93 19.11
CA GLU A 47 -5.72 -11.88 17.73
C GLU A 47 -4.59 -12.09 16.74
N SER A 48 -4.96 -12.28 15.47
CA SER A 48 -3.97 -12.49 14.41
C SER A 48 -3.86 -11.25 13.52
N PHE A 49 -5.01 -10.73 13.10
CA PHE A 49 -5.04 -9.55 12.24
C PHE A 49 -4.89 -8.28 13.07
N THR A 50 -4.38 -7.22 12.44
CA THR A 50 -4.18 -5.94 13.11
C THR A 50 -3.97 -4.83 12.11
N VAL A 51 -4.85 -3.82 12.14
CA VAL A 51 -4.75 -2.69 11.23
C VAL A 51 -4.31 -1.44 11.97
N TYR A 52 -3.80 -0.46 11.21
CA TYR A 52 -3.33 0.79 11.80
C TYR A 52 -4.03 1.99 11.16
N LEU A 53 -3.86 3.15 11.76
CA LEU A 53 -4.47 4.38 11.24
C LEU A 53 -3.57 5.04 10.20
N ARG A 54 -4.18 5.47 9.10
CA ARG A 54 -3.43 6.12 8.03
C ARG A 54 -2.63 7.30 8.56
N SER A 55 -3.18 7.98 9.56
CA SER A 55 -2.51 9.12 10.16
C SER A 55 -1.38 8.69 11.09
N ASP A 56 -1.65 7.65 11.88
CA ASP A 56 -0.65 7.13 12.81
C ASP A 56 0.55 6.57 12.06
N VAL A 57 0.28 5.91 10.93
CA VAL A 57 1.34 5.32 10.12
C VAL A 57 2.16 6.40 9.42
N GLU A 58 1.54 7.54 9.16
CA GLU A 58 2.21 8.65 8.50
C GLU A 58 3.33 9.21 9.38
N ALA A 59 2.98 9.60 10.60
CA ALA A 59 3.96 10.15 11.54
C ALA A 59 5.10 9.17 11.77
N LYS A 60 4.77 7.89 11.86
CA LYS A 60 5.77 6.85 12.08
C LYS A 60 6.86 6.92 11.02
N SER A 61 6.51 7.41 9.84
CA SER A 61 7.45 7.52 8.73
C SER A 61 8.29 8.80 8.87
N LEU A 62 7.73 9.80 9.53
CA LEU A 62 8.43 11.07 9.73
C LEU A 62 9.36 10.99 10.92
N GLU A 63 8.98 10.22 11.93
CA GLU A 63 9.80 10.06 13.13
C GLU A 63 11.00 9.18 12.86
N VAL A 64 10.88 8.31 11.85
CA VAL A 64 11.97 7.41 11.48
C VAL A 64 12.86 8.04 10.42
N TRP A 65 12.36 8.10 9.20
CA TRP A 65 13.11 8.68 8.08
C TRP A 65 13.47 10.13 8.37
N GLY A 66 12.66 10.79 9.20
CA GLY A 66 12.90 12.18 9.54
C GLY A 66 11.91 13.12 8.89
N SER A 67 11.60 12.89 7.62
CA SER A 67 10.66 13.72 6.90
C SER A 67 9.99 12.93 5.78
N PRO A 68 8.83 13.43 5.30
CA PRO A 68 8.07 12.79 4.23
C PRO A 68 8.78 12.88 2.89
N GLU A 69 9.74 13.79 2.78
CA GLU A 69 10.48 13.97 1.54
C GLU A 69 11.49 12.84 1.35
N ALA A 70 11.97 12.28 2.45
CA ALA A 70 12.93 11.19 2.39
C ALA A 70 12.30 9.92 1.83
N LEU A 71 11.02 9.72 2.15
CA LEU A 71 10.29 8.54 1.66
C LEU A 71 9.80 8.74 0.24
N ALA A 72 9.36 9.96 -0.06
CA ALA A 72 8.85 10.29 -1.39
C ALA A 72 9.91 10.02 -2.45
N ARG A 73 11.18 10.12 -2.07
CA ARG A 73 12.28 9.88 -2.99
C ARG A 73 12.19 8.49 -3.60
N GLU A 74 11.76 7.53 -2.78
CA GLU A 74 11.63 6.14 -3.23
C GLU A 74 10.25 5.90 -3.84
N LYS A 75 9.24 6.52 -3.25
CA LYS A 75 7.86 6.36 -3.72
C LYS A 75 7.77 6.69 -5.21
N LYS A 76 8.57 7.65 -5.66
CA LYS A 76 8.57 8.04 -7.06
C LYS A 76 9.11 6.91 -7.95
N LEU A 77 10.21 6.32 -7.53
CA LEU A 77 10.81 5.22 -8.28
C LEU A 77 9.84 4.05 -8.42
N ARG A 78 9.30 3.61 -7.30
CA ARG A 78 8.35 2.49 -7.30
C ARG A 78 7.13 2.82 -8.16
N LYS A 79 6.73 4.08 -8.15
CA LYS A 79 5.58 4.53 -8.93
C LYS A 79 5.87 4.44 -10.42
N GLU A 80 6.91 5.15 -10.86
CA GLU A 80 7.30 5.15 -12.26
C GLU A 80 7.55 3.73 -12.76
N ALA A 81 7.98 2.85 -11.86
CA ALA A 81 8.25 1.47 -12.20
C ALA A 81 7.00 0.78 -12.74
N GLU A 82 5.94 0.80 -11.95
CA GLU A 82 4.68 0.17 -12.35
C GLU A 82 4.20 0.71 -13.69
N ILE A 83 4.24 2.03 -13.83
CA ILE A 83 3.81 2.69 -15.06
C ILE A 83 4.59 2.18 -16.26
N GLU A 84 5.91 2.07 -16.10
CA GLU A 84 6.78 1.59 -17.17
C GLU A 84 6.43 0.14 -17.54
N TYR A 85 5.89 -0.59 -16.58
CA TYR A 85 5.51 -1.99 -16.80
C TYR A 85 4.20 -2.07 -17.58
N ARG A 86 3.14 -1.52 -17.01
CA ARG A 86 1.83 -1.53 -17.64
C ARG A 86 1.86 -0.80 -18.98
N GLU A 87 2.76 0.16 -19.10
CA GLU A 87 2.89 0.94 -20.33
C GLU A 87 3.07 0.02 -21.53
N ARG A 88 4.15 -0.75 -21.53
CA ARG A 88 4.44 -1.67 -22.62
C ARG A 88 3.31 -2.68 -22.79
N LEU A 89 2.59 -2.93 -21.71
CA LEU A 89 1.47 -3.88 -21.75
C LEU A 89 0.27 -3.27 -22.44
N PHE A 90 0.11 -1.96 -22.32
CA PHE A 90 -1.01 -1.25 -22.93
C PHE A 90 -0.89 -1.28 -24.45
N ARG A 91 0.30 -0.96 -24.96
CA ARG A 91 0.53 -0.94 -26.40
C ARG A 91 0.34 -2.34 -26.99
N ASN A 92 0.78 -3.36 -26.26
CA ASN A 92 0.65 -4.73 -26.72
C ASN A 92 -0.80 -5.06 -27.09
N GLN A 93 -1.72 -4.65 -26.23
CA GLN A 93 -3.14 -4.89 -26.47
C GLN A 93 -3.74 -3.81 -27.36
N LYS A 94 -3.71 -4.05 -28.67
CA LYS A 94 -4.25 -3.09 -29.64
C LYS A 94 -3.48 -1.79 -29.59
N ILE A 95 -3.75 -0.91 -30.54
CA ILE A 95 -3.08 0.39 -30.62
C ILE A 95 -4.06 1.53 -30.36
N LEU A 96 -5.33 1.30 -30.69
CA LEU A 96 -6.37 2.30 -30.50
C LEU A 96 -6.07 3.56 -31.31
N ARG A 97 -6.95 4.54 -31.21
CA ARG A 97 -6.78 5.80 -31.94
C ARG A 97 -6.75 5.55 -33.45
N GLU A 98 -6.72 6.64 -34.22
CA GLU A 98 -6.70 6.53 -35.67
C GLU A 98 -5.54 7.34 -36.25
N TYR A 99 -4.43 7.37 -35.51
CA TYR A 99 -3.24 8.10 -35.95
C TYR A 99 -1.97 7.37 -35.53
N ARG A 100 -0.83 7.94 -35.90
CA ARG A 100 0.47 7.34 -35.56
C ARG A 100 1.53 8.42 -35.42
N ASP A 101 2.64 8.07 -34.76
CA ASP A 101 3.74 9.00 -34.55
C ASP A 101 5.05 8.41 -35.06
N GLY A 1 0.97 -11.03 2.04
CA GLY A 1 0.94 -12.37 2.57
C GLY A 1 -0.23 -13.18 2.03
N SER A 2 -1.39 -12.54 1.94
CA SER A 2 -2.59 -13.22 1.44
C SER A 2 -3.57 -12.20 0.86
N SER A 3 -3.60 -12.12 -0.47
CA SER A 3 -4.49 -11.19 -1.15
C SER A 3 -4.45 -11.42 -2.66
N GLY A 4 -5.63 -11.59 -3.26
CA GLY A 4 -5.71 -11.82 -4.69
C GLY A 4 -5.92 -10.53 -5.46
N SER A 5 -7.11 -10.38 -6.03
CA SER A 5 -7.44 -9.18 -6.81
C SER A 5 -8.85 -8.71 -6.51
N SER A 6 -9.14 -8.52 -5.23
CA SER A 6 -10.47 -8.07 -4.80
C SER A 6 -10.35 -6.97 -3.76
N GLY A 7 -10.60 -5.73 -4.18
CA GLY A 7 -10.53 -4.59 -3.28
C GLY A 7 -11.06 -3.32 -3.89
N LYS A 8 -10.66 -2.18 -3.34
CA LYS A 8 -11.11 -0.89 -3.84
C LYS A 8 -12.63 -0.79 -3.82
N TYR A 9 -13.18 -0.46 -2.65
CA TYR A 9 -14.62 -0.34 -2.50
C TYR A 9 -15.04 1.13 -2.47
N THR A 10 -14.76 1.81 -1.36
CA THR A 10 -15.10 3.22 -1.21
C THR A 10 -14.02 3.97 -0.47
N GLN A 11 -12.77 3.63 -0.73
CA GLN A 11 -11.63 4.28 -0.08
C GLN A 11 -11.71 4.12 1.43
N ASN A 12 -11.31 2.94 1.91
CA ASN A 12 -11.35 2.66 3.35
C ASN A 12 -10.60 3.75 4.13
N ASN A 13 -10.77 3.73 5.45
CA ASN A 13 -10.11 4.71 6.30
C ASN A 13 -8.92 4.10 7.02
N PHE A 14 -8.99 2.78 7.24
CA PHE A 14 -7.91 2.07 7.91
C PHE A 14 -7.00 1.37 6.91
N ILE A 15 -5.72 1.27 7.25
CA ILE A 15 -4.75 0.62 6.38
C ILE A 15 -4.17 -0.63 7.03
N THR A 16 -3.90 -1.65 6.21
CA THR A 16 -3.35 -2.90 6.72
C THR A 16 -1.92 -2.71 7.21
N GLY A 17 -1.43 -3.68 7.97
CA GLY A 17 -0.07 -3.60 8.50
C GLY A 17 0.98 -3.76 7.41
N VAL A 18 1.07 -4.96 6.86
CA VAL A 18 2.04 -5.25 5.81
C VAL A 18 1.94 -4.23 4.68
N ARG A 19 0.74 -3.70 4.47
CA ARG A 19 0.51 -2.71 3.42
C ARG A 19 1.27 -1.43 3.70
N ALA A 20 1.36 -1.06 4.98
CA ALA A 20 2.06 0.15 5.39
C ALA A 20 3.56 -0.09 5.45
N ILE A 21 3.95 -1.33 5.74
CA ILE A 21 5.36 -1.69 5.83
C ILE A 21 6.01 -1.73 4.45
N ASN A 22 5.19 -1.97 3.42
CA ASN A 22 5.68 -2.05 2.06
C ASN A 22 5.57 -0.69 1.38
N GLU A 23 4.64 0.13 1.83
CA GLU A 23 4.43 1.47 1.27
C GLU A 23 5.33 2.49 1.96
N PHE A 24 5.15 2.64 3.26
CA PHE A 24 5.94 3.60 4.03
C PHE A 24 7.36 3.08 4.23
N CYS A 25 7.56 1.79 4.00
CA CYS A 25 8.88 1.17 4.15
C CYS A 25 9.39 1.34 5.58
N LEU A 26 8.66 0.77 6.53
CA LEU A 26 9.05 0.86 7.94
C LEU A 26 9.47 -0.50 8.48
N LYS A 27 9.71 -0.58 9.78
CA LYS A 27 10.12 -1.82 10.43
C LYS A 27 8.94 -2.47 11.14
N SER A 28 8.96 -3.80 11.21
CA SER A 28 7.89 -4.55 11.87
C SER A 28 7.76 -4.15 13.33
N SER A 29 8.87 -3.70 13.91
CA SER A 29 8.89 -3.28 15.31
C SER A 29 8.24 -1.91 15.48
N ASP A 30 8.29 -1.11 14.42
CA ASP A 30 7.72 0.23 14.46
C ASP A 30 6.19 0.17 14.40
N LEU A 31 5.68 -0.63 13.47
CA LEU A 31 4.24 -0.78 13.31
C LEU A 31 3.59 -1.24 14.61
N GLU A 32 4.10 -2.32 15.18
CA GLU A 32 3.57 -2.86 16.42
C GLU A 32 3.61 -1.81 17.53
N GLN A 33 4.56 -0.88 17.43
CA GLN A 33 4.71 0.18 18.42
C GLN A 33 3.48 1.07 18.44
N LEU A 34 2.81 1.18 17.29
CA LEU A 34 1.62 2.02 17.17
C LEU A 34 0.45 1.40 17.93
N ARG A 35 -0.69 2.09 17.92
CA ARG A 35 -1.88 1.61 18.59
C ARG A 35 -2.46 0.40 17.88
N LYS A 36 -2.25 -0.78 18.47
CA LYS A 36 -2.76 -2.02 17.89
C LYS A 36 -4.28 -2.02 17.85
N ILE A 37 -4.84 -1.62 16.71
CA ILE A 37 -6.29 -1.59 16.55
C ILE A 37 -6.88 -2.98 16.55
N ARG A 38 -7.78 -3.25 17.49
CA ARG A 38 -8.42 -4.55 17.60
C ARG A 38 -9.85 -4.50 17.06
N ARG A 39 -10.34 -3.28 16.80
CA ARG A 39 -11.69 -3.10 16.27
C ARG A 39 -12.72 -3.76 17.19
N ARG A 40 -13.24 -2.98 18.14
CA ARG A 40 -14.24 -3.49 19.08
C ARG A 40 -13.68 -4.65 19.89
N SER A 41 -14.46 -5.13 20.85
CA SER A 41 -14.04 -6.23 21.70
C SER A 41 -15.23 -7.10 22.11
N PRO A 42 -15.76 -7.86 21.15
CA PRO A 42 -16.91 -8.74 21.39
C PRO A 42 -16.56 -9.93 22.27
N HIS A 43 -17.51 -10.84 22.44
CA HIS A 43 -17.30 -12.02 23.27
C HIS A 43 -17.16 -13.27 22.40
N GLU A 44 -16.24 -13.21 21.43
CA GLU A 44 -16.02 -14.33 20.54
C GLU A 44 -14.57 -14.35 20.05
N ASP A 45 -14.25 -13.43 19.14
CA ASP A 45 -12.91 -13.34 18.58
C ASP A 45 -12.50 -14.64 17.91
N THR A 46 -12.92 -14.82 16.66
CA THR A 46 -12.60 -16.02 15.90
C THR A 46 -11.50 -15.76 14.89
N GLU A 47 -11.44 -14.53 14.38
CA GLU A 47 -10.44 -14.16 13.41
C GLU A 47 -9.49 -13.10 13.98
N SER A 48 -8.20 -13.44 14.04
CA SER A 48 -7.20 -12.53 14.56
C SER A 48 -6.86 -11.44 13.54
N PHE A 49 -7.28 -10.22 13.83
CA PHE A 49 -7.02 -9.09 12.94
C PHE A 49 -6.43 -7.91 13.72
N THR A 50 -5.62 -7.11 13.03
CA THR A 50 -5.00 -5.94 13.64
C THR A 50 -4.55 -4.93 12.59
N VAL A 51 -5.18 -3.76 12.60
CA VAL A 51 -4.84 -2.72 11.64
C VAL A 51 -4.21 -1.52 12.34
N TYR A 52 -3.88 -0.49 11.57
CA TYR A 52 -3.26 0.72 12.11
C TYR A 52 -3.93 1.96 11.56
N LEU A 53 -3.73 3.09 12.24
CA LEU A 53 -4.31 4.36 11.81
C LEU A 53 -3.46 5.00 10.71
N ARG A 54 -4.12 5.40 9.63
CA ARG A 54 -3.43 6.02 8.51
C ARG A 54 -2.60 7.22 8.98
N SER A 55 -3.08 7.89 10.02
CA SER A 55 -2.39 9.05 10.57
C SER A 55 -1.16 8.62 11.38
N ASP A 56 -1.28 7.50 12.07
CA ASP A 56 -0.20 6.98 12.88
C ASP A 56 0.99 6.58 12.01
N VAL A 57 0.75 5.70 11.05
CA VAL A 57 1.80 5.25 10.14
C VAL A 57 2.49 6.42 9.47
N GLU A 58 1.71 7.46 9.14
CA GLU A 58 2.26 8.64 8.49
C GLU A 58 3.40 9.24 9.31
N ALA A 59 3.10 9.59 10.55
CA ALA A 59 4.10 10.17 11.45
C ALA A 59 5.25 9.19 11.70
N LYS A 60 4.91 7.91 11.82
CA LYS A 60 5.90 6.88 12.07
C LYS A 60 6.98 6.90 10.99
N SER A 61 6.61 7.38 9.81
CA SER A 61 7.56 7.45 8.69
C SER A 61 8.41 8.71 8.78
N LEU A 62 7.88 9.74 9.43
CA LEU A 62 8.59 11.00 9.58
C LEU A 62 9.59 10.92 10.73
N GLU A 63 9.25 10.16 11.76
CA GLU A 63 10.12 10.00 12.92
C GLU A 63 11.30 9.08 12.59
N VAL A 64 11.09 8.21 11.61
CA VAL A 64 12.14 7.28 11.19
C VAL A 64 13.01 7.88 10.11
N TRP A 65 12.46 7.97 8.90
CA TRP A 65 13.19 8.53 7.76
C TRP A 65 13.59 9.97 8.04
N GLY A 66 12.83 10.64 8.89
CA GLY A 66 13.13 12.02 9.22
C GLY A 66 12.11 12.99 8.63
N SER A 67 11.75 12.77 7.37
CA SER A 67 10.79 13.62 6.69
C SER A 67 10.02 12.85 5.62
N PRO A 68 8.87 13.38 5.22
CA PRO A 68 8.02 12.76 4.20
C PRO A 68 8.64 12.81 2.81
N GLU A 69 9.62 13.69 2.64
CA GLU A 69 10.30 13.83 1.36
C GLU A 69 11.23 12.65 1.10
N ALA A 70 11.76 12.07 2.17
CA ALA A 70 12.67 10.94 2.06
C ALA A 70 11.94 9.72 1.49
N LEU A 71 10.75 9.45 2.00
CA LEU A 71 9.96 8.32 1.54
C LEU A 71 9.37 8.59 0.16
N ALA A 72 9.01 9.85 -0.08
CA ALA A 72 8.42 10.23 -1.36
C ALA A 72 9.36 9.86 -2.52
N ARG A 73 10.65 9.83 -2.24
CA ARG A 73 11.64 9.49 -3.26
C ARG A 73 11.44 8.06 -3.76
N GLU A 74 11.20 7.15 -2.83
CA GLU A 74 11.00 5.74 -3.17
C GLU A 74 9.59 5.52 -3.71
N LYS A 75 8.65 6.34 -3.25
CA LYS A 75 7.26 6.23 -3.67
C LYS A 75 7.11 6.61 -5.14
N LYS A 76 7.86 7.61 -5.57
CA LYS A 76 7.82 8.07 -6.96
C LYS A 76 8.61 7.13 -7.86
N LEU A 77 9.67 6.53 -7.31
CA LEU A 77 10.50 5.61 -8.08
C LEU A 77 9.77 4.29 -8.33
N ARG A 78 9.21 3.71 -7.27
CA ARG A 78 8.49 2.45 -7.38
C ARG A 78 7.24 2.62 -8.23
N LYS A 79 6.68 3.83 -8.23
CA LYS A 79 5.49 4.12 -9.01
C LYS A 79 5.80 4.17 -10.50
N GLU A 80 6.69 5.08 -10.89
CA GLU A 80 7.08 5.23 -12.28
C GLU A 80 7.59 3.91 -12.84
N ALA A 81 8.13 3.06 -11.96
CA ALA A 81 8.66 1.76 -12.37
C ALA A 81 7.60 0.95 -13.10
N GLU A 82 6.53 0.60 -12.39
CA GLU A 82 5.45 -0.19 -12.97
C GLU A 82 4.93 0.45 -14.25
N ILE A 83 4.85 1.78 -14.25
CA ILE A 83 4.38 2.52 -15.41
C ILE A 83 5.30 2.32 -16.60
N GLU A 84 6.60 2.44 -16.35
CA GLU A 84 7.59 2.27 -17.41
C GLU A 84 7.56 0.85 -17.97
N TYR A 85 7.12 -0.09 -17.15
CA TYR A 85 7.04 -1.49 -17.56
C TYR A 85 5.80 -1.73 -18.41
N ARG A 86 4.63 -1.52 -17.82
CA ARG A 86 3.37 -1.72 -18.53
C ARG A 86 3.32 -0.90 -19.81
N GLU A 87 4.07 0.21 -19.82
CA GLU A 87 4.12 1.08 -20.98
C GLU A 87 4.61 0.33 -22.21
N ARG A 88 5.74 -0.35 -22.08
CA ARG A 88 6.32 -1.10 -23.19
C ARG A 88 5.50 -2.36 -23.45
N LEU A 89 4.83 -2.86 -22.43
CA LEU A 89 4.01 -4.07 -22.55
C LEU A 89 2.98 -3.91 -23.67
N PHE A 90 2.41 -2.71 -23.77
CA PHE A 90 1.41 -2.44 -24.80
C PHE A 90 2.04 -2.42 -26.19
N ARG A 91 3.29 -1.95 -26.26
CA ARG A 91 4.01 -1.88 -27.53
C ARG A 91 4.43 -3.28 -27.99
N ASN A 92 4.61 -4.18 -27.03
CA ASN A 92 5.02 -5.55 -27.33
C ASN A 92 3.81 -6.40 -27.70
N GLN A 93 2.79 -6.38 -26.85
CA GLN A 93 1.58 -7.16 -27.07
C GLN A 93 0.68 -6.47 -28.09
N LYS A 94 -0.06 -7.26 -28.86
CA LYS A 94 -0.97 -6.72 -29.86
C LYS A 94 -2.21 -7.59 -29.99
N ILE A 95 -3.38 -6.99 -29.73
CA ILE A 95 -4.64 -7.70 -29.81
C ILE A 95 -4.99 -8.04 -31.26
N LEU A 96 -4.52 -7.21 -32.18
CA LEU A 96 -4.77 -7.42 -33.61
C LEU A 96 -6.27 -7.38 -33.90
N ARG A 97 -6.61 -7.41 -35.18
CA ARG A 97 -8.01 -7.38 -35.60
C ARG A 97 -8.74 -6.20 -34.97
N GLU A 98 -8.02 -5.09 -34.78
CA GLU A 98 -8.61 -3.89 -34.19
C GLU A 98 -9.40 -3.11 -35.21
N TYR A 99 -9.89 -1.94 -34.81
CA TYR A 99 -10.67 -1.08 -35.70
C TYR A 99 -9.77 -0.43 -36.75
N ARG A 100 -10.41 0.18 -37.74
CA ARG A 100 -9.67 0.85 -38.82
C ARG A 100 -9.71 2.37 -38.64
N ASP A 101 -8.89 3.07 -39.41
CA ASP A 101 -8.83 4.53 -39.35
C ASP A 101 -7.86 5.08 -40.38
N GLY A 1 -1.47 -15.99 -15.75
CA GLY A 1 -1.95 -15.07 -16.78
C GLY A 1 -1.29 -13.72 -16.69
N SER A 2 -1.42 -13.06 -15.55
CA SER A 2 -0.83 -11.74 -15.35
C SER A 2 -1.07 -11.25 -13.92
N SER A 3 -2.33 -11.26 -13.50
CA SER A 3 -2.68 -10.81 -12.16
C SER A 3 -3.88 -11.60 -11.62
N GLY A 4 -4.00 -11.65 -10.30
CA GLY A 4 -5.10 -12.37 -9.68
C GLY A 4 -6.43 -11.67 -9.88
N SER A 5 -7.44 -12.11 -9.14
CA SER A 5 -8.77 -11.53 -9.24
C SER A 5 -8.79 -10.12 -8.68
N SER A 6 -8.72 -9.13 -9.57
CA SER A 6 -8.72 -7.73 -9.18
C SER A 6 -9.96 -7.41 -8.33
N GLY A 7 -9.81 -6.47 -7.41
CA GLY A 7 -10.91 -6.09 -6.55
C GLY A 7 -10.75 -6.57 -5.13
N LYS A 8 -11.25 -5.79 -4.18
CA LYS A 8 -11.14 -6.14 -2.77
C LYS A 8 -12.46 -5.87 -2.05
N TYR A 9 -12.60 -6.42 -0.85
CA TYR A 9 -13.81 -6.24 -0.05
C TYR A 9 -13.47 -5.87 1.39
N THR A 10 -14.46 -5.36 2.11
CA THR A 10 -14.26 -4.96 3.50
C THR A 10 -13.11 -3.97 3.63
N GLN A 11 -13.35 -2.73 3.25
CA GLN A 11 -12.33 -1.70 3.33
C GLN A 11 -12.96 -0.30 3.28
N ASN A 12 -12.51 0.57 4.18
CA ASN A 12 -13.03 1.93 4.25
C ASN A 12 -11.90 2.95 4.19
N ASN A 13 -10.99 2.88 5.16
CA ASN A 13 -9.85 3.79 5.22
C ASN A 13 -8.74 3.22 6.11
N PHE A 14 -8.58 1.91 6.07
CA PHE A 14 -7.56 1.24 6.87
C PHE A 14 -6.49 0.62 5.99
N ILE A 15 -5.27 0.53 6.50
CA ILE A 15 -4.15 -0.04 5.76
C ILE A 15 -3.57 -1.24 6.49
N THR A 16 -3.22 -2.29 5.75
CA THR A 16 -2.64 -3.48 6.33
C THR A 16 -1.27 -3.20 6.93
N GLY A 17 -0.85 -4.05 7.87
CA GLY A 17 0.43 -3.87 8.51
C GLY A 17 1.59 -4.04 7.55
N VAL A 18 1.75 -5.24 7.03
CA VAL A 18 2.83 -5.53 6.08
C VAL A 18 2.85 -4.52 4.93
N ARG A 19 1.66 -4.07 4.54
CA ARG A 19 1.53 -3.10 3.45
C ARG A 19 2.26 -1.81 3.79
N ALA A 20 2.11 -1.36 5.03
CA ALA A 20 2.75 -0.13 5.49
C ALA A 20 4.25 -0.34 5.71
N ILE A 21 4.60 -1.49 6.28
CA ILE A 21 5.99 -1.81 6.54
C ILE A 21 6.81 -1.82 5.26
N ASN A 22 6.15 -2.10 4.14
CA ASN A 22 6.81 -2.14 2.84
C ASN A 22 6.76 -0.77 2.16
N GLU A 23 5.57 -0.19 2.11
CA GLU A 23 5.37 1.11 1.48
C GLU A 23 6.17 2.19 2.22
N PHE A 24 5.87 2.35 3.50
CA PHE A 24 6.56 3.36 4.32
C PHE A 24 7.99 2.91 4.62
N CYS A 25 8.26 1.63 4.42
CA CYS A 25 9.59 1.08 4.68
C CYS A 25 9.99 1.29 6.13
N LEU A 26 9.20 0.74 7.05
CA LEU A 26 9.48 0.88 8.47
C LEU A 26 9.86 -0.47 9.08
N LYS A 27 10.01 -0.50 10.40
CA LYS A 27 10.37 -1.72 11.11
C LYS A 27 9.13 -2.41 11.66
N SER A 28 9.20 -3.74 11.79
CA SER A 28 8.08 -4.52 12.30
C SER A 28 7.70 -4.06 13.70
N SER A 29 8.69 -3.67 14.49
CA SER A 29 8.45 -3.22 15.85
C SER A 29 7.76 -1.85 15.85
N ASP A 30 8.17 -0.99 14.93
CA ASP A 30 7.60 0.34 14.82
C ASP A 30 6.07 0.28 14.73
N LEU A 31 5.57 -0.53 13.80
CA LEU A 31 4.13 -0.69 13.61
C LEU A 31 3.46 -1.09 14.92
N GLU A 32 4.04 -2.07 15.60
CA GLU A 32 3.49 -2.55 16.86
C GLU A 32 3.27 -1.40 17.84
N GLN A 33 4.11 -0.37 17.72
CA GLN A 33 4.01 0.79 18.59
C GLN A 33 2.67 1.50 18.40
N LEU A 34 2.16 1.47 17.18
CA LEU A 34 0.88 2.11 16.88
C LEU A 34 -0.28 1.29 17.40
N ARG A 35 -1.44 1.91 17.54
CA ARG A 35 -2.64 1.24 18.03
C ARG A 35 -2.97 0.03 17.16
N LYS A 36 -3.47 -1.03 17.80
CA LYS A 36 -3.83 -2.25 17.09
C LYS A 36 -5.34 -2.40 17.01
N ILE A 37 -5.92 -2.05 15.87
CA ILE A 37 -7.36 -2.15 15.67
C ILE A 37 -7.72 -3.44 14.93
N ARG A 38 -8.52 -4.28 15.58
CA ARG A 38 -8.94 -5.55 14.99
C ARG A 38 -10.39 -5.47 14.54
N ARG A 39 -11.09 -4.41 14.93
CA ARG A 39 -12.48 -4.23 14.57
C ARG A 39 -13.34 -5.37 15.12
N ARG A 40 -14.63 -5.35 14.78
CA ARG A 40 -15.55 -6.38 15.22
C ARG A 40 -15.29 -7.70 14.49
N SER A 41 -15.60 -8.81 15.16
CA SER A 41 -15.38 -10.13 14.58
C SER A 41 -16.50 -11.08 15.00
N PRO A 42 -17.71 -10.87 14.44
CA PRO A 42 -18.87 -11.70 14.74
C PRO A 42 -18.74 -13.12 14.17
N HIS A 43 -18.03 -13.23 13.04
CA HIS A 43 -17.83 -14.53 12.41
C HIS A 43 -16.43 -14.63 11.83
N GLU A 44 -15.42 -14.55 12.70
CA GLU A 44 -14.03 -14.64 12.28
C GLU A 44 -13.11 -14.79 13.48
N ASP A 45 -12.24 -15.79 13.43
CA ASP A 45 -11.30 -16.05 14.51
C ASP A 45 -10.22 -17.04 14.08
N THR A 46 -9.55 -16.73 12.97
CA THR A 46 -8.50 -17.60 12.45
C THR A 46 -7.14 -16.92 12.53
N GLU A 47 -6.92 -15.93 11.67
CA GLU A 47 -5.65 -15.21 11.65
C GLU A 47 -5.86 -13.75 12.07
N SER A 48 -4.96 -13.26 12.91
CA SER A 48 -5.04 -11.88 13.40
C SER A 48 -4.76 -10.89 12.26
N PHE A 49 -5.78 -10.14 11.89
CA PHE A 49 -5.64 -9.15 10.81
C PHE A 49 -4.80 -7.96 11.28
N THR A 50 -5.32 -7.22 12.25
CA THR A 50 -4.63 -6.06 12.78
C THR A 50 -4.41 -5.01 11.70
N VAL A 51 -5.25 -3.96 11.72
CA VAL A 51 -5.15 -2.89 10.74
C VAL A 51 -4.75 -1.58 11.42
N TYR A 52 -3.94 -0.80 10.72
CA TYR A 52 -3.47 0.49 11.24
C TYR A 52 -4.14 1.65 10.51
N LEU A 53 -3.91 2.86 11.00
CA LEU A 53 -4.49 4.06 10.39
C LEU A 53 -3.45 4.78 9.52
N ARG A 54 -3.86 5.14 8.32
CA ARG A 54 -2.98 5.84 7.39
C ARG A 54 -2.50 7.17 7.99
N SER A 55 -3.38 7.80 8.77
CA SER A 55 -3.04 9.07 9.40
C SER A 55 -1.99 8.90 10.48
N ASP A 56 -1.96 7.71 11.08
CA ASP A 56 -1.00 7.41 12.13
C ASP A 56 0.34 6.99 11.54
N VAL A 57 0.30 5.99 10.65
CA VAL A 57 1.51 5.50 10.00
C VAL A 57 2.27 6.63 9.32
N GLU A 58 1.54 7.64 8.87
CA GLU A 58 2.15 8.78 8.19
C GLU A 58 3.25 9.40 9.04
N ALA A 59 2.92 9.71 10.29
CA ALA A 59 3.88 10.30 11.21
C ALA A 59 5.01 9.33 11.54
N LYS A 60 4.65 8.05 11.64
CA LYS A 60 5.63 7.00 11.95
C LYS A 60 6.77 7.01 10.93
N SER A 61 6.49 7.49 9.73
CA SER A 61 7.48 7.55 8.67
C SER A 61 8.35 8.80 8.81
N LEU A 62 7.79 9.83 9.43
CA LEU A 62 8.51 11.08 9.64
C LEU A 62 9.41 11.00 10.86
N GLU A 63 8.97 10.25 11.87
CA GLU A 63 9.73 10.09 13.10
C GLU A 63 10.92 9.16 12.89
N VAL A 64 10.80 8.28 11.89
CA VAL A 64 11.87 7.34 11.58
C VAL A 64 12.83 7.92 10.55
N TRP A 65 12.38 7.99 9.30
CA TRP A 65 13.20 8.53 8.22
C TRP A 65 13.58 9.97 8.49
N GLY A 66 12.77 10.67 9.29
CA GLY A 66 13.05 12.05 9.62
C GLY A 66 12.08 13.01 8.94
N SER A 67 11.76 12.75 7.69
CA SER A 67 10.85 13.59 6.93
C SER A 67 10.18 12.81 5.80
N PRO A 68 9.05 13.34 5.31
CA PRO A 68 8.29 12.71 4.23
C PRO A 68 9.03 12.77 2.89
N GLU A 69 10.01 13.65 2.80
CA GLU A 69 10.80 13.81 1.58
C GLU A 69 11.76 12.65 1.40
N ALA A 70 12.24 12.10 2.51
CA ALA A 70 13.16 10.98 2.47
C ALA A 70 12.50 9.73 1.91
N LEU A 71 11.25 9.50 2.31
CA LEU A 71 10.50 8.34 1.84
C LEU A 71 10.07 8.51 0.39
N ALA A 72 9.61 9.72 0.06
CA ALA A 72 9.17 10.02 -1.29
C ALA A 72 10.23 9.63 -2.32
N ARG A 73 11.50 9.70 -1.91
CA ARG A 73 12.60 9.35 -2.79
C ARG A 73 12.44 7.95 -3.35
N GLU A 74 11.89 7.06 -2.53
CA GLU A 74 11.68 5.68 -2.95
C GLU A 74 10.31 5.50 -3.60
N LYS A 75 9.37 6.36 -3.21
CA LYS A 75 8.02 6.30 -3.75
C LYS A 75 8.02 6.57 -5.25
N LYS A 76 8.87 7.51 -5.67
CA LYS A 76 8.96 7.87 -7.08
C LYS A 76 9.40 6.68 -7.92
N LEU A 77 10.43 5.97 -7.45
CA LEU A 77 10.94 4.80 -8.16
C LEU A 77 9.82 3.78 -8.38
N ARG A 78 9.14 3.41 -7.31
CA ARG A 78 8.06 2.44 -7.38
C ARG A 78 6.89 2.99 -8.20
N LYS A 79 6.70 4.31 -8.15
CA LYS A 79 5.63 4.96 -8.89
C LYS A 79 5.86 4.85 -10.40
N GLU A 80 6.99 5.38 -10.84
CA GLU A 80 7.33 5.35 -12.26
C GLU A 80 7.31 3.92 -12.79
N ALA A 81 7.68 2.97 -11.94
CA ALA A 81 7.71 1.56 -12.33
C ALA A 81 6.32 1.09 -12.75
N GLU A 82 5.31 1.48 -11.99
CA GLU A 82 3.93 1.10 -12.29
C GLU A 82 3.47 1.72 -13.60
N ILE A 83 3.88 2.96 -13.85
CA ILE A 83 3.52 3.66 -15.06
C ILE A 83 4.00 2.93 -16.31
N GLU A 84 5.25 2.44 -16.25
CA GLU A 84 5.83 1.71 -17.36
C GLU A 84 5.07 0.43 -17.63
N TYR A 85 4.46 -0.13 -16.59
CA TYR A 85 3.70 -1.37 -16.72
C TYR A 85 2.34 -1.11 -17.37
N ARG A 86 1.54 -0.25 -16.74
CA ARG A 86 0.22 0.08 -17.26
C ARG A 86 0.32 0.75 -18.63
N GLU A 87 1.46 1.40 -18.88
CA GLU A 87 1.68 2.08 -20.14
C GLU A 87 1.44 1.14 -21.32
N ARG A 88 2.26 0.12 -21.43
CA ARG A 88 2.14 -0.86 -22.52
C ARG A 88 0.73 -1.48 -22.52
N LEU A 89 0.13 -1.56 -21.34
CA LEU A 89 -1.20 -2.14 -21.22
C LEU A 89 -2.25 -1.22 -21.84
N PHE A 90 -1.99 0.08 -21.80
CA PHE A 90 -2.90 1.07 -22.36
C PHE A 90 -2.76 1.16 -23.88
N ARG A 91 -1.53 1.01 -24.36
CA ARG A 91 -1.25 1.07 -25.79
C ARG A 91 -1.86 -0.13 -26.51
N ASN A 92 -1.98 -1.24 -25.80
CA ASN A 92 -2.54 -2.45 -26.37
C ASN A 92 -3.97 -2.68 -25.89
N GLN A 93 -4.70 -1.58 -25.70
CA GLN A 93 -6.08 -1.65 -25.24
C GLN A 93 -7.02 -1.98 -26.39
N LYS A 94 -6.84 -1.27 -27.51
CA LYS A 94 -7.67 -1.49 -28.68
C LYS A 94 -7.18 -0.66 -29.86
N ILE A 95 -7.73 -0.92 -31.03
CA ILE A 95 -7.34 -0.20 -32.24
C ILE A 95 -7.48 1.31 -32.05
N LEU A 96 -8.44 1.71 -31.23
CA LEU A 96 -8.67 3.12 -30.95
C LEU A 96 -9.07 3.87 -32.22
N ARG A 97 -9.33 5.16 -32.09
CA ARG A 97 -9.73 5.98 -33.22
C ARG A 97 -9.00 7.33 -33.19
N GLU A 98 -9.18 8.12 -34.25
CA GLU A 98 -8.55 9.43 -34.34
C GLU A 98 -9.16 10.25 -35.48
N TYR A 99 -8.70 11.49 -35.61
CA TYR A 99 -9.21 12.37 -36.65
C TYR A 99 -8.34 12.29 -37.90
N ARG A 100 -8.98 12.20 -39.06
CA ARG A 100 -8.27 12.12 -40.33
C ARG A 100 -8.88 13.05 -41.36
N ASP A 101 -8.19 13.23 -42.49
CA ASP A 101 -8.66 14.11 -43.55
C ASP A 101 -9.24 13.29 -44.70
N GLY A 1 -0.02 10.47 -22.58
CA GLY A 1 0.06 10.05 -21.19
C GLY A 1 -0.98 10.73 -20.32
N SER A 2 -0.92 10.46 -19.01
CA SER A 2 -1.86 11.03 -18.06
C SER A 2 -3.28 10.61 -18.39
N SER A 3 -3.69 9.46 -17.86
CA SER A 3 -5.03 8.94 -18.09
C SER A 3 -5.54 8.18 -16.88
N GLY A 4 -5.10 8.59 -15.69
CA GLY A 4 -5.51 7.94 -14.47
C GLY A 4 -6.67 8.67 -13.80
N SER A 5 -7.89 8.28 -14.16
CA SER A 5 -9.08 8.90 -13.58
C SER A 5 -10.10 7.84 -13.19
N SER A 6 -9.62 6.75 -12.60
CA SER A 6 -10.49 5.66 -12.18
C SER A 6 -10.37 5.43 -10.68
N GLY A 7 -11.52 5.30 -10.02
CA GLY A 7 -11.53 5.08 -8.58
C GLY A 7 -12.42 3.93 -8.17
N LYS A 8 -11.82 2.90 -7.59
CA LYS A 8 -12.56 1.72 -7.15
C LYS A 8 -12.31 1.43 -5.68
N TYR A 9 -12.86 2.27 -4.81
CA TYR A 9 -12.69 2.11 -3.37
C TYR A 9 -14.02 2.28 -2.64
N THR A 10 -14.49 1.20 -2.04
CA THR A 10 -15.76 1.22 -1.31
C THR A 10 -15.54 1.53 0.16
N GLN A 11 -15.25 2.80 0.46
CA GLN A 11 -15.02 3.23 1.83
C GLN A 11 -13.86 2.45 2.45
N ASN A 12 -12.64 2.77 2.02
CA ASN A 12 -11.46 2.09 2.53
C ASN A 12 -10.45 3.11 3.07
N ASN A 13 -10.57 3.44 4.35
CA ASN A 13 -9.66 4.40 4.98
C ASN A 13 -8.68 3.70 5.92
N PHE A 14 -8.36 2.45 5.59
CA PHE A 14 -7.44 1.66 6.41
C PHE A 14 -6.37 1.01 5.53
N ILE A 15 -5.18 0.85 6.10
CA ILE A 15 -4.06 0.24 5.37
C ILE A 15 -3.56 -1.00 6.10
N THR A 16 -3.28 -2.05 5.34
CA THR A 16 -2.78 -3.29 5.89
C THR A 16 -1.46 -3.09 6.62
N GLY A 17 -1.13 -3.99 7.54
CA GLY A 17 0.11 -3.88 8.29
C GLY A 17 1.33 -3.94 7.39
N VAL A 18 1.59 -5.11 6.82
CA VAL A 18 2.73 -5.29 5.94
C VAL A 18 2.77 -4.23 4.84
N ARG A 19 1.58 -3.87 4.34
CA ARG A 19 1.48 -2.87 3.30
C ARG A 19 2.13 -1.56 3.73
N ALA A 20 2.06 -1.26 5.02
CA ALA A 20 2.63 -0.05 5.57
C ALA A 20 4.14 -0.20 5.78
N ILE A 21 4.54 -1.34 6.33
CA ILE A 21 5.95 -1.61 6.58
C ILE A 21 6.75 -1.64 5.28
N ASN A 22 6.06 -1.95 4.18
CA ASN A 22 6.70 -2.02 2.87
C ASN A 22 6.64 -0.67 2.17
N GLU A 23 5.45 -0.06 2.16
CA GLU A 23 5.26 1.24 1.52
C GLU A 23 6.07 2.32 2.23
N PHE A 24 5.79 2.50 3.53
CA PHE A 24 6.49 3.51 4.33
C PHE A 24 7.92 3.07 4.62
N CYS A 25 8.19 1.78 4.44
CA CYS A 25 9.51 1.22 4.70
C CYS A 25 9.93 1.45 6.14
N LEU A 26 9.24 0.77 7.06
CA LEU A 26 9.53 0.91 8.48
C LEU A 26 9.97 -0.43 9.07
N LYS A 27 10.08 -0.48 10.39
CA LYS A 27 10.48 -1.70 11.09
C LYS A 27 9.25 -2.51 11.51
N SER A 28 9.49 -3.75 11.94
CA SER A 28 8.41 -4.63 12.38
C SER A 28 7.90 -4.22 13.75
N SER A 29 8.83 -3.81 14.62
CA SER A 29 8.47 -3.41 15.97
C SER A 29 7.80 -2.04 15.97
N ASP A 30 8.18 -1.20 15.01
CA ASP A 30 7.61 0.14 14.88
C ASP A 30 6.09 0.08 14.83
N LEU A 31 5.56 -0.68 13.87
CA LEU A 31 4.12 -0.81 13.70
C LEU A 31 3.46 -1.27 15.00
N GLU A 32 4.12 -2.18 15.70
CA GLU A 32 3.60 -2.70 16.96
C GLU A 32 3.46 -1.58 17.99
N GLN A 33 4.32 -0.58 17.89
CA GLN A 33 4.28 0.56 18.81
C GLN A 33 3.01 1.36 18.63
N LEU A 34 2.45 1.32 17.43
CA LEU A 34 1.22 2.04 17.13
C LEU A 34 0.01 1.35 17.73
N ARG A 35 -1.17 1.95 17.56
CA ARG A 35 -2.40 1.38 18.08
C ARG A 35 -2.78 0.12 17.32
N LYS A 36 -3.50 -0.78 17.99
CA LYS A 36 -3.93 -2.03 17.38
C LYS A 36 -5.41 -1.96 17.01
N ILE A 37 -5.70 -1.52 15.79
CA ILE A 37 -7.07 -1.42 15.31
C ILE A 37 -7.51 -2.71 14.64
N ARG A 38 -8.56 -3.33 15.19
CA ARG A 38 -9.08 -4.58 14.65
C ARG A 38 -10.45 -4.35 14.01
N ARG A 39 -10.82 -5.23 13.09
CA ARG A 39 -12.09 -5.13 12.39
C ARG A 39 -12.85 -6.46 12.45
N ARG A 40 -14.13 -6.42 12.10
CA ARG A 40 -14.96 -7.61 12.11
C ARG A 40 -14.93 -8.29 13.48
N SER A 41 -15.83 -7.88 14.36
CA SER A 41 -15.89 -8.43 15.71
C SER A 41 -14.54 -8.33 16.41
N PRO A 42 -14.15 -7.09 16.74
CA PRO A 42 -12.88 -6.82 17.42
C PRO A 42 -12.87 -7.31 18.87
N HIS A 43 -12.09 -8.35 19.13
CA HIS A 43 -12.01 -8.91 20.47
C HIS A 43 -13.36 -9.47 20.92
N GLU A 44 -13.50 -10.78 20.84
CA GLU A 44 -14.75 -11.44 21.23
C GLU A 44 -14.51 -12.92 21.51
N ASP A 45 -14.30 -13.70 20.46
CA ASP A 45 -14.06 -15.13 20.60
C ASP A 45 -13.52 -15.72 19.30
N THR A 46 -12.77 -14.91 18.56
CA THR A 46 -12.19 -15.35 17.29
C THR A 46 -11.00 -14.49 16.90
N GLU A 47 -9.80 -15.06 16.99
CA GLU A 47 -8.59 -14.34 16.64
C GLU A 47 -8.66 -13.80 15.21
N SER A 48 -8.33 -12.51 15.07
CA SER A 48 -8.37 -11.86 13.76
C SER A 48 -7.08 -11.09 13.50
N PHE A 49 -7.03 -10.40 12.36
CA PHE A 49 -5.85 -9.63 11.99
C PHE A 49 -5.99 -8.19 12.46
N THR A 50 -4.87 -7.47 12.48
CA THR A 50 -4.87 -6.07 12.91
C THR A 50 -4.50 -5.15 11.77
N VAL A 51 -5.00 -3.92 11.81
CA VAL A 51 -4.72 -2.93 10.77
C VAL A 51 -4.25 -1.61 11.38
N TYR A 52 -3.94 -0.65 10.53
CA TYR A 52 -3.49 0.66 10.97
C TYR A 52 -4.12 1.77 10.14
N LEU A 53 -3.90 3.02 10.57
CA LEU A 53 -4.45 4.17 9.87
C LEU A 53 -3.38 4.84 9.01
N ARG A 54 -3.75 5.14 7.76
CA ARG A 54 -2.83 5.79 6.83
C ARG A 54 -2.32 7.11 7.40
N SER A 55 -3.12 7.73 8.26
CA SER A 55 -2.75 9.00 8.87
C SER A 55 -1.79 8.79 10.04
N ASP A 56 -1.92 7.64 10.70
CA ASP A 56 -1.05 7.32 11.84
C ASP A 56 0.31 6.82 11.36
N VAL A 57 0.29 5.90 10.40
CA VAL A 57 1.51 5.34 9.85
C VAL A 57 2.40 6.43 9.25
N GLU A 58 1.77 7.51 8.78
CA GLU A 58 2.51 8.61 8.18
C GLU A 58 3.53 9.17 9.15
N ALA A 59 3.05 9.63 10.32
CA ALA A 59 3.93 10.19 11.33
C ALA A 59 5.06 9.23 11.68
N LYS A 60 4.74 7.93 11.72
CA LYS A 60 5.72 6.91 12.04
C LYS A 60 6.86 6.93 11.04
N SER A 61 6.58 7.39 9.82
CA SER A 61 7.59 7.45 8.78
C SER A 61 8.42 8.73 8.90
N LEU A 62 7.82 9.76 9.49
CA LEU A 62 8.50 11.04 9.66
C LEU A 62 9.43 11.00 10.87
N GLU A 63 9.02 10.26 11.90
CA GLU A 63 9.81 10.13 13.12
C GLU A 63 11.03 9.23 12.88
N VAL A 64 10.92 8.34 11.91
CA VAL A 64 12.00 7.42 11.59
C VAL A 64 12.94 8.01 10.54
N TRP A 65 12.46 8.08 9.31
CA TRP A 65 13.25 8.62 8.21
C TRP A 65 13.61 10.09 8.48
N GLY A 66 12.78 10.76 9.27
CA GLY A 66 13.03 12.15 9.59
C GLY A 66 12.03 13.07 8.93
N SER A 67 11.71 12.80 7.67
CA SER A 67 10.77 13.62 6.92
C SER A 67 10.12 12.83 5.79
N PRO A 68 8.97 13.31 5.30
CA PRO A 68 8.24 12.66 4.22
C PRO A 68 8.96 12.74 2.88
N GLU A 69 9.92 13.67 2.80
CA GLU A 69 10.69 13.85 1.57
C GLU A 69 11.70 12.72 1.38
N ALA A 70 12.17 12.17 2.50
CA ALA A 70 13.13 11.08 2.46
C ALA A 70 12.50 9.80 1.91
N LEU A 71 11.29 9.49 2.38
CA LEU A 71 10.58 8.31 1.94
C LEU A 71 10.10 8.46 0.50
N ALA A 72 9.62 9.66 0.17
CA ALA A 72 9.13 9.93 -1.19
C ALA A 72 10.18 9.58 -2.23
N ARG A 73 11.45 9.68 -1.85
CA ARG A 73 12.55 9.37 -2.77
C ARG A 73 12.36 7.99 -3.38
N GLU A 74 11.84 7.06 -2.59
CA GLU A 74 11.62 5.70 -3.06
C GLU A 74 10.22 5.54 -3.64
N LYS A 75 9.25 6.23 -3.04
CA LYS A 75 7.88 6.17 -3.51
C LYS A 75 7.76 6.62 -4.96
N LYS A 76 8.55 7.63 -5.32
CA LYS A 76 8.55 8.15 -6.68
C LYS A 76 8.90 7.05 -7.69
N LEU A 77 10.05 6.42 -7.49
CA LEU A 77 10.49 5.34 -8.37
C LEU A 77 9.48 4.20 -8.40
N ARG A 78 9.11 3.72 -7.22
CA ARG A 78 8.16 2.62 -7.10
C ARG A 78 6.85 2.98 -7.80
N LYS A 79 6.54 4.27 -7.87
CA LYS A 79 5.33 4.74 -8.51
C LYS A 79 5.46 4.70 -10.03
N GLU A 80 6.43 5.44 -10.57
CA GLU A 80 6.66 5.48 -12.00
C GLU A 80 6.89 4.08 -12.55
N ALA A 81 7.38 3.19 -11.71
CA ALA A 81 7.65 1.81 -12.12
C ALA A 81 6.38 1.12 -12.57
N GLU A 82 5.35 1.15 -11.73
CA GLU A 82 4.07 0.53 -12.04
C GLU A 82 3.48 1.12 -13.31
N ILE A 83 3.74 2.41 -13.54
CA ILE A 83 3.22 3.10 -14.70
C ILE A 83 3.84 2.54 -15.99
N GLU A 84 5.16 2.35 -15.97
CA GLU A 84 5.87 1.82 -17.12
C GLU A 84 5.33 0.44 -17.51
N TYR A 85 4.82 -0.29 -16.52
CA TYR A 85 4.29 -1.62 -16.76
C TYR A 85 2.92 -1.54 -17.43
N ARG A 86 1.95 -0.97 -16.72
CA ARG A 86 0.60 -0.83 -17.24
C ARG A 86 0.60 -0.03 -18.55
N GLU A 87 1.60 0.82 -18.71
CA GLU A 87 1.71 1.64 -19.92
C GLU A 87 1.63 0.78 -21.16
N ARG A 88 2.62 -0.09 -21.36
CA ARG A 88 2.67 -0.97 -22.51
C ARG A 88 1.43 -1.86 -22.57
N LEU A 89 0.84 -2.11 -21.40
CA LEU A 89 -0.35 -2.96 -21.31
C LEU A 89 -1.57 -2.22 -21.86
N PHE A 90 -1.55 -0.89 -21.77
CA PHE A 90 -2.64 -0.08 -22.26
C PHE A 90 -2.49 0.23 -23.74
N ARG A 91 -1.27 0.56 -24.15
CA ARG A 91 -0.98 0.87 -25.55
C ARG A 91 -1.22 -0.34 -26.43
N ASN A 92 -1.01 -1.53 -25.89
CA ASN A 92 -1.20 -2.76 -26.63
C ASN A 92 -2.69 -3.00 -26.90
N GLN A 93 -3.53 -2.60 -25.97
CA GLN A 93 -4.97 -2.77 -26.11
C GLN A 93 -5.54 -1.75 -27.08
N LYS A 94 -5.36 -1.99 -28.37
CA LYS A 94 -5.86 -1.09 -29.40
C LYS A 94 -5.70 -1.70 -30.78
N ILE A 95 -6.79 -1.74 -31.55
CA ILE A 95 -6.77 -2.30 -32.88
C ILE A 95 -5.77 -1.58 -33.77
N LEU A 96 -5.52 -0.31 -33.46
CA LEU A 96 -4.57 0.50 -34.22
C LEU A 96 -5.00 0.60 -35.69
N ARG A 97 -4.18 1.25 -36.49
CA ARG A 97 -4.47 1.42 -37.91
C ARG A 97 -3.48 0.62 -38.77
N GLU A 98 -3.02 -0.50 -38.23
CA GLU A 98 -2.06 -1.35 -38.93
C GLU A 98 -0.75 -0.62 -39.18
N TYR A 99 0.32 -1.38 -39.41
CA TYR A 99 1.63 -0.79 -39.66
C TYR A 99 2.12 -0.02 -38.44
N ARG A 100 3.09 -0.60 -37.73
CA ARG A 100 3.65 0.04 -36.54
C ARG A 100 5.10 0.43 -36.77
N ASP A 101 5.78 -0.30 -37.64
CA ASP A 101 7.18 -0.03 -37.94
C ASP A 101 7.31 1.05 -39.01
#